data_1CQI
#
_entry.id   1CQI
#
_cell.length_a   99.860
_cell.length_b   99.860
_cell.length_c   407.150
_cell.angle_alpha   90.00
_cell.angle_beta   90.00
_cell.angle_gamma   90.00
#
_symmetry.space_group_name_H-M   'P 43 2 2'
#
loop_
_entity.id
_entity.type
_entity.pdbx_description
1 polymer 'PROTEIN (SUCCINYL-COA SYNTHETASE ALPHA CHAIN)'
2 polymer 'PROTEIN (SUCCINYL-COA SYNTHETASE BETA CHAIN)'
3 non-polymer 'PHOSPHATE ION'
4 non-polymer 'COENZYME A'
5 non-polymer 'MAGNESIUM ION'
6 non-polymer "ADENOSINE-5'-DIPHOSPHATE"
#
loop_
_entity_poly.entity_id
_entity_poly.type
_entity_poly.pdbx_seq_one_letter_code
_entity_poly.pdbx_strand_id
1 'polypeptide(L)'
;SILIDKNTKVICQGFTGSQGTFHSEQAIAYGTKMVGGVTPGKGGTTHLGLPVFNTVREAVAATGATASVIYVPAPFCKDS
ILEAIDAGIKLIITITEGIPTLDMLTVKVKLDEAGVRMIGPNCPGVITPGECKIGIQPGHIHKPGKVGIVSRSGTLTYEA
VKQTTDYGFGQSTCVGIGGDPIPGSNFIDILEMFEKDPQTEAIVMIGEIGGSAEEEAAAYIKEHVTKPVVGYIAGVTAPK
GKRMGHAGAIIAGGKGTADEKFAALEAAGVKTVRSLADIGEALKTV
;
A,D
2 'polypeptide(L)'
;MNLHEYQAKQLFARYGLPAPVGYACTTPREAEEAASKIGAGPWVVKCQVHAGGRGKAGGVKVVNSKEDIRAFAENWLGKR
LVTYQTDANGQPVNQILVEAATDIAKELYLGAVVDRSSRRVVFMASTEGGVEIEKVAEETPHLIHKVALDPLTGPMPYQG
RELAFKLGLEGKLVQQFTKIFMGLATIFLERDLALIEINPLVITKQGDLICLDGKLGADGNALFRQPDLREMRDQSQEDP
REAQAAQWELNYVALDGNIGCMVNGAGLAMGTMDIVKLHGGEPANFLDVGGGATKERVTEAFKIILSDDKVKAVLVNIFG
GIVRCDLIADGIIGAVAEVGVNVPVVVRLEGNNAELGAKKLADSGLNIIAAKGLTDAAQQVVAAV
;
B,E
#
# COMPACT_ATOMS: atom_id res chain seq x y z
N SER A 1 13.91 -40.28 32.11
CA SER A 1 12.55 -39.67 31.98
C SER A 1 12.49 -38.35 32.75
N ILE A 2 12.11 -37.28 32.04
CA ILE A 2 11.96 -35.95 32.62
C ILE A 2 10.60 -35.29 32.27
N LEU A 3 10.32 -34.18 32.95
CA LEU A 3 9.10 -33.39 32.76
C LEU A 3 7.79 -34.14 33.03
N ILE A 4 7.50 -35.17 32.26
CA ILE A 4 6.26 -35.90 32.52
C ILE A 4 6.38 -37.45 32.51
N ASP A 5 5.29 -38.12 32.89
CA ASP A 5 5.22 -39.57 32.95
C ASP A 5 3.80 -40.04 33.17
N LYS A 6 3.54 -41.34 32.96
CA LYS A 6 2.19 -41.92 33.08
C LYS A 6 1.35 -41.40 34.25
N ASN A 7 2.01 -40.80 35.23
CA ASN A 7 1.31 -40.27 36.40
C ASN A 7 1.01 -38.75 36.41
N THR A 8 1.34 -38.06 35.32
CA THR A 8 1.11 -36.62 35.17
C THR A 8 -0.32 -36.37 34.73
N LYS A 9 -1.12 -35.65 35.51
CA LYS A 9 -2.49 -35.38 35.06
C LYS A 9 -2.54 -34.06 34.29
N VAL A 10 -3.23 -34.02 33.15
CA VAL A 10 -3.27 -32.82 32.30
C VAL A 10 -4.66 -32.23 31.92
N ILE A 11 -4.75 -30.91 31.87
CA ILE A 11 -5.98 -30.26 31.40
C ILE A 11 -5.50 -29.42 30.23
N CYS A 12 -6.41 -29.20 29.30
CA CYS A 12 -6.11 -28.44 28.12
C CYS A 12 -7.04 -27.26 27.98
N GLN A 13 -6.40 -26.12 27.75
CA GLN A 13 -7.05 -24.84 27.59
C GLN A 13 -7.29 -24.56 26.12
N GLY A 14 -8.54 -24.26 25.82
CA GLY A 14 -8.95 -24.02 24.45
C GLY A 14 -9.24 -25.42 23.98
N PHE A 15 -9.86 -26.18 24.87
CA PHE A 15 -10.17 -27.60 24.68
C PHE A 15 -11.26 -27.89 23.66
N THR A 16 -12.22 -26.99 23.51
CA THR A 16 -13.30 -27.22 22.56
C THR A 16 -13.06 -26.80 21.14
N GLY A 17 -11.86 -26.32 20.83
CA GLY A 17 -11.58 -25.87 19.47
C GLY A 17 -11.08 -26.94 18.50
N SER A 18 -10.91 -26.58 17.23
CA SER A 18 -10.42 -27.51 16.20
C SER A 18 -9.12 -28.19 16.64
N GLN A 19 -8.00 -27.47 16.60
CA GLN A 19 -6.75 -28.08 16.98
C GLN A 19 -6.80 -28.64 18.39
N GLY A 20 -7.54 -27.96 19.27
CA GLY A 20 -7.64 -28.47 20.63
C GLY A 20 -8.22 -29.86 20.66
N THR A 21 -9.35 -30.08 19.97
CA THR A 21 -9.97 -31.39 19.92
C THR A 21 -9.08 -32.44 19.30
N PHE A 22 -8.78 -32.25 18.02
CA PHE A 22 -7.94 -33.16 17.25
C PHE A 22 -6.72 -33.64 18.00
N HIS A 23 -5.97 -32.73 18.60
CA HIS A 23 -4.77 -33.13 19.33
C HIS A 23 -4.99 -33.73 20.70
N SER A 24 -6.14 -33.47 21.31
CA SER A 24 -6.39 -34.05 22.60
C SER A 24 -6.74 -35.52 22.34
N GLU A 25 -7.66 -35.73 21.39
CA GLU A 25 -8.15 -37.06 20.95
C GLU A 25 -7.01 -38.04 20.81
N GLN A 26 -5.87 -37.56 20.35
CA GLN A 26 -4.67 -38.37 20.16
C GLN A 26 -4.01 -38.68 21.48
N ALA A 27 -3.77 -37.65 22.29
CA ALA A 27 -3.14 -37.87 23.58
C ALA A 27 -4.03 -38.77 24.40
N ILE A 28 -5.33 -38.72 24.14
CA ILE A 28 -6.23 -39.57 24.87
C ILE A 28 -6.06 -41.01 24.44
N ALA A 29 -5.76 -41.25 23.17
CA ALA A 29 -5.57 -42.63 22.67
C ALA A 29 -4.18 -43.15 23.02
N TYR A 30 -3.16 -42.29 23.06
CA TYR A 30 -1.84 -42.79 23.40
C TYR A 30 -1.84 -43.16 24.88
N GLY A 31 -2.90 -42.74 25.54
CA GLY A 31 -3.09 -43.06 26.95
C GLY A 31 -2.56 -42.07 27.96
N THR A 32 -2.54 -40.79 27.58
CA THR A 32 -2.04 -39.69 28.43
C THR A 32 -3.15 -39.43 29.42
N LYS A 33 -2.80 -39.07 30.65
CA LYS A 33 -3.85 -38.83 31.63
C LYS A 33 -4.61 -37.49 31.59
N MET A 34 -5.30 -37.23 30.48
CA MET A 34 -6.06 -36.01 30.31
C MET A 34 -7.22 -36.13 31.22
N VAL A 35 -7.44 -35.15 32.08
CA VAL A 35 -8.53 -35.19 33.04
C VAL A 35 -9.67 -34.21 32.82
N GLY A 36 -9.56 -33.39 31.77
CA GLY A 36 -10.55 -32.37 31.42
C GLY A 36 -9.98 -31.12 30.79
N GLY A 37 -10.85 -30.26 30.24
CA GLY A 37 -10.39 -29.01 29.61
C GLY A 37 -11.10 -27.70 30.03
N VAL A 38 -10.59 -26.55 29.54
CA VAL A 38 -11.20 -25.25 29.88
C VAL A 38 -11.54 -24.36 28.72
N THR A 39 -12.77 -23.83 28.71
CA THR A 39 -13.24 -22.94 27.66
C THR A 39 -14.29 -22.00 28.23
N PRO A 40 -13.89 -20.73 28.46
CA PRO A 40 -14.81 -19.75 29.02
C PRO A 40 -16.17 -19.70 28.36
N GLY A 41 -17.19 -19.86 29.18
CA GLY A 41 -18.54 -19.79 28.68
C GLY A 41 -19.17 -21.11 28.32
N LYS A 42 -18.41 -22.19 28.47
CA LYS A 42 -18.93 -23.52 28.17
C LYS A 42 -18.79 -24.48 29.36
N GLY A 43 -18.51 -23.94 30.54
CA GLY A 43 -18.35 -24.81 31.69
C GLY A 43 -19.61 -25.58 32.02
N GLY A 44 -19.44 -26.80 32.49
CA GLY A 44 -20.60 -27.59 32.87
C GLY A 44 -21.06 -28.54 31.80
N THR A 45 -20.15 -28.86 30.90
CA THR A 45 -20.47 -29.79 29.83
C THR A 45 -19.34 -30.78 29.72
N THR A 46 -19.50 -31.72 28.80
CA THR A 46 -18.50 -32.76 28.58
C THR A 46 -18.06 -32.70 27.13
N HIS A 47 -16.77 -32.98 26.87
CA HIS A 47 -16.28 -32.92 25.50
C HIS A 47 -15.85 -34.27 24.90
N LEU A 48 -14.65 -34.74 25.23
CA LEU A 48 -14.25 -36.03 24.70
C LEU A 48 -14.46 -36.97 25.88
N GLY A 49 -15.66 -36.88 26.44
CA GLY A 49 -15.94 -37.72 27.57
C GLY A 49 -15.35 -37.14 28.84
N LEU A 50 -14.55 -36.07 28.74
CA LEU A 50 -13.97 -35.43 29.93
C LEU A 50 -14.81 -34.19 30.27
N PRO A 51 -14.62 -33.61 31.48
CA PRO A 51 -15.37 -32.42 31.93
C PRO A 51 -14.76 -31.06 31.54
N VAL A 52 -15.61 -30.15 31.10
CA VAL A 52 -15.18 -28.82 30.68
C VAL A 52 -15.51 -27.73 31.69
N PHE A 53 -14.52 -26.90 32.03
CA PHE A 53 -14.76 -25.85 33.00
C PHE A 53 -14.69 -24.43 32.48
N ASN A 54 -15.23 -23.51 33.27
CA ASN A 54 -15.18 -22.09 32.91
C ASN A 54 -13.81 -21.48 33.22
N THR A 55 -13.24 -21.74 34.40
CA THR A 55 -11.90 -21.21 34.71
C THR A 55 -10.80 -22.22 35.01
N VAL A 56 -9.56 -21.80 34.89
CA VAL A 56 -8.50 -22.74 35.13
C VAL A 56 -8.48 -23.14 36.58
N ARG A 57 -9.05 -22.31 37.46
CA ARG A 57 -9.07 -22.62 38.88
C ARG A 57 -10.13 -23.67 39.18
N GLU A 58 -11.33 -23.49 38.62
CA GLU A 58 -12.40 -24.46 38.85
C GLU A 58 -11.86 -25.82 38.48
N ALA A 59 -10.99 -25.87 37.46
CA ALA A 59 -10.42 -27.13 37.00
C ALA A 59 -9.46 -27.72 37.98
N VAL A 60 -8.42 -26.95 38.28
CA VAL A 60 -7.39 -27.39 39.19
C VAL A 60 -7.94 -27.79 40.54
N ALA A 61 -9.18 -27.39 40.84
CA ALA A 61 -9.76 -27.80 42.11
C ALA A 61 -10.32 -29.18 41.85
N ALA A 62 -11.41 -29.20 41.11
CA ALA A 62 -12.11 -30.44 40.77
C ALA A 62 -11.32 -31.59 40.20
N THR A 63 -10.10 -31.36 39.74
CA THR A 63 -9.31 -32.48 39.21
C THR A 63 -7.92 -32.67 39.82
N GLY A 64 -7.35 -31.59 40.35
CA GLY A 64 -6.04 -31.73 40.93
C GLY A 64 -4.92 -31.95 39.91
N ALA A 65 -5.17 -31.47 38.66
CA ALA A 65 -4.23 -31.53 37.53
C ALA A 65 -3.01 -30.63 37.80
N THR A 66 -1.86 -30.94 37.25
CA THR A 66 -0.73 -30.07 37.54
C THR A 66 -0.05 -29.52 36.30
N ALA A 67 -0.57 -29.87 35.12
CA ALA A 67 0.03 -29.42 33.88
C ALA A 67 -1.08 -29.03 32.98
N SER A 68 -0.82 -28.01 32.18
CA SER A 68 -1.80 -27.55 31.23
C SER A 68 -1.11 -27.33 29.91
N VAL A 69 -1.83 -27.73 28.85
CA VAL A 69 -1.38 -27.58 27.47
C VAL A 69 -2.35 -26.53 26.85
N ILE A 70 -1.77 -25.53 26.17
CA ILE A 70 -2.55 -24.48 25.57
C ILE A 70 -2.63 -24.45 24.04
N TYR A 71 -3.87 -24.42 23.57
CA TYR A 71 -4.20 -24.36 22.16
C TYR A 71 -5.08 -23.11 21.99
N VAL A 72 -4.59 -21.96 22.41
CA VAL A 72 -5.39 -20.77 22.28
C VAL A 72 -4.74 -19.76 21.35
N PRO A 73 -5.54 -19.13 20.48
CA PRO A 73 -5.16 -18.12 19.48
C PRO A 73 -4.25 -17.06 20.05
N ALA A 74 -3.24 -16.66 19.27
CA ALA A 74 -2.28 -15.65 19.72
C ALA A 74 -2.80 -14.44 20.52
N PRO A 75 -3.77 -13.74 19.96
CA PRO A 75 -4.38 -12.56 20.58
C PRO A 75 -4.81 -12.73 22.03
N PHE A 76 -5.01 -13.96 22.47
CA PHE A 76 -5.45 -14.17 23.84
C PHE A 76 -4.55 -15.09 24.64
N CYS A 77 -3.49 -15.55 24.00
CA CYS A 77 -2.57 -16.44 24.65
C CYS A 77 -1.96 -15.92 25.91
N LYS A 78 -1.38 -14.72 25.85
CA LYS A 78 -0.79 -14.14 27.02
C LYS A 78 -1.76 -14.14 28.20
N ASP A 79 -3.03 -13.88 27.95
CA ASP A 79 -4.03 -13.84 29.02
C ASP A 79 -4.27 -15.20 29.67
N SER A 80 -4.13 -16.29 28.94
CA SER A 80 -4.34 -17.58 29.59
C SER A 80 -3.02 -18.16 30.09
N ILE A 81 -1.90 -17.88 29.44
CA ILE A 81 -0.67 -18.38 30.01
C ILE A 81 -0.65 -17.79 31.40
N LEU A 82 -1.08 -16.55 31.50
CA LEU A 82 -1.13 -15.89 32.80
C LEU A 82 -2.17 -16.53 33.70
N GLU A 83 -3.37 -16.77 33.19
CA GLU A 83 -4.40 -17.37 34.05
C GLU A 83 -3.92 -18.69 34.62
N ALA A 84 -3.21 -19.46 33.82
CA ALA A 84 -2.75 -20.73 34.34
C ALA A 84 -1.93 -20.44 35.61
N ILE A 85 -0.78 -19.77 35.45
CA ILE A 85 0.10 -19.44 36.59
C ILE A 85 -0.63 -19.05 37.90
N ASP A 86 -1.64 -18.19 37.78
CA ASP A 86 -2.39 -17.73 38.92
C ASP A 86 -3.18 -18.85 39.64
N ALA A 87 -3.71 -19.84 38.91
CA ALA A 87 -4.44 -20.96 39.55
C ALA A 87 -3.43 -22.01 40.00
N GLY A 88 -2.15 -21.63 39.96
CA GLY A 88 -1.07 -22.50 40.38
C GLY A 88 -0.90 -23.83 39.67
N ILE A 89 -0.68 -23.77 38.36
CA ILE A 89 -0.41 -24.96 37.59
C ILE A 89 1.10 -24.96 37.60
N LYS A 90 1.73 -26.11 37.52
CA LYS A 90 3.18 -26.08 37.60
C LYS A 90 3.96 -26.44 36.34
N LEU A 91 3.25 -26.90 35.31
CA LEU A 91 3.86 -27.22 34.04
C LEU A 91 2.94 -26.74 32.93
N ILE A 92 3.44 -25.80 32.12
CA ILE A 92 2.64 -25.22 31.05
C ILE A 92 3.22 -25.53 29.68
N ILE A 93 2.38 -26.03 28.78
CA ILE A 93 2.85 -26.31 27.44
C ILE A 93 2.01 -25.47 26.51
N THR A 94 2.65 -24.56 25.76
CA THR A 94 1.89 -23.69 24.84
C THR A 94 2.22 -23.90 23.38
N ILE A 95 1.26 -24.43 22.63
CA ILE A 95 1.46 -24.71 21.21
C ILE A 95 1.41 -23.50 20.34
N THR A 96 0.41 -22.66 20.57
CA THR A 96 0.14 -21.43 19.84
C THR A 96 1.35 -20.84 19.16
N GLU A 97 1.13 -20.32 17.97
CA GLU A 97 2.20 -19.71 17.22
C GLU A 97 1.76 -18.31 16.91
N GLY A 98 2.70 -17.37 16.98
CA GLY A 98 2.36 -16.00 16.65
C GLY A 98 2.13 -15.08 17.82
N ILE A 99 2.65 -15.46 18.97
CA ILE A 99 2.51 -14.58 20.12
C ILE A 99 3.54 -13.40 20.01
N PRO A 100 3.04 -12.15 20.05
CA PRO A 100 3.79 -10.90 19.99
C PRO A 100 5.03 -11.02 20.87
N THR A 101 6.21 -10.67 20.34
CA THR A 101 7.42 -10.80 21.16
C THR A 101 7.35 -10.08 22.54
N LEU A 102 6.82 -8.86 22.58
CA LEU A 102 6.76 -8.16 23.85
C LEU A 102 5.87 -8.83 24.87
N ASP A 103 4.98 -9.70 24.38
CA ASP A 103 4.09 -10.40 25.28
C ASP A 103 4.89 -11.47 25.98
N MET A 104 5.66 -12.22 25.23
CA MET A 104 6.46 -13.27 25.83
C MET A 104 7.47 -12.68 26.78
N LEU A 105 8.09 -11.60 26.34
CA LEU A 105 9.07 -10.97 27.18
C LEU A 105 8.55 -10.72 28.61
N THR A 106 7.34 -10.22 28.74
CA THR A 106 6.75 -9.98 30.05
C THR A 106 6.41 -11.29 30.73
N VAL A 107 5.78 -12.18 29.97
CA VAL A 107 5.35 -13.48 30.46
C VAL A 107 6.50 -14.28 31.01
N LYS A 108 7.64 -14.28 30.34
CA LYS A 108 8.78 -15.01 30.85
C LYS A 108 9.12 -14.50 32.23
N VAL A 109 9.29 -13.20 32.41
CA VAL A 109 9.57 -12.71 33.75
C VAL A 109 8.62 -13.26 34.82
N LYS A 110 7.34 -13.38 34.53
CA LYS A 110 6.44 -13.88 35.54
C LYS A 110 6.72 -15.35 35.72
N LEU A 111 6.96 -16.06 34.65
CA LEU A 111 7.22 -17.50 34.71
C LEU A 111 8.38 -17.89 35.62
N ASP A 112 9.42 -17.04 35.70
CA ASP A 112 10.55 -17.33 36.56
C ASP A 112 10.13 -16.95 37.98
N GLU A 113 9.89 -15.68 38.20
CA GLU A 113 9.49 -15.24 39.51
C GLU A 113 8.51 -16.15 40.27
N ALA A 114 7.59 -16.82 39.60
CA ALA A 114 6.63 -17.64 40.35
C ALA A 114 6.96 -19.13 40.46
N GLY A 115 8.09 -19.48 39.84
CA GLY A 115 8.63 -20.83 39.82
C GLY A 115 7.89 -21.83 38.93
N VAL A 116 7.19 -21.35 37.91
CA VAL A 116 6.45 -22.25 37.05
C VAL A 116 7.23 -22.60 35.80
N ARG A 117 6.88 -23.70 35.17
CA ARG A 117 7.59 -24.09 33.98
C ARG A 117 6.76 -24.11 32.70
N MET A 118 7.24 -23.42 31.69
CA MET A 118 6.51 -23.46 30.44
C MET A 118 7.44 -23.97 29.36
N ILE A 119 6.92 -24.81 28.47
CA ILE A 119 7.69 -25.31 27.34
C ILE A 119 6.94 -24.75 26.16
N GLY A 120 7.68 -24.02 25.32
CA GLY A 120 7.11 -23.37 24.16
C GLY A 120 7.39 -21.87 24.16
N PRO A 121 6.58 -21.04 23.49
CA PRO A 121 5.40 -21.38 22.70
C PRO A 121 5.86 -21.65 21.27
N ASN A 122 4.91 -21.80 20.34
CA ASN A 122 5.20 -22.06 18.92
C ASN A 122 5.68 -23.48 18.64
N CYS A 123 4.70 -24.38 18.48
CA CYS A 123 4.91 -25.78 18.17
C CYS A 123 5.94 -26.51 18.97
N PRO A 124 5.73 -26.67 20.27
CA PRO A 124 6.78 -27.42 20.93
C PRO A 124 6.34 -28.91 20.99
N GLY A 125 6.39 -29.50 22.18
CA GLY A 125 6.00 -30.89 22.29
C GLY A 125 6.89 -31.63 23.25
N VAL A 126 6.25 -32.47 24.04
CA VAL A 126 6.94 -33.28 25.02
C VAL A 126 6.31 -34.68 25.08
N ILE A 127 7.16 -35.71 24.90
CA ILE A 127 6.75 -37.11 24.89
C ILE A 127 7.74 -38.06 25.55
N THR A 128 7.23 -38.93 26.43
CA THR A 128 8.05 -39.94 27.12
C THR A 128 7.39 -41.21 26.66
N PRO A 129 8.01 -41.87 25.67
CA PRO A 129 7.60 -43.12 25.03
C PRO A 129 7.02 -44.18 25.93
N GLY A 130 5.82 -44.60 25.56
CA GLY A 130 5.12 -45.63 26.29
C GLY A 130 4.29 -45.03 27.39
N GLU A 131 4.88 -44.09 28.11
CA GLU A 131 4.18 -43.44 29.21
C GLU A 131 3.28 -42.23 28.84
N CYS A 132 3.89 -41.15 28.34
CA CYS A 132 3.11 -39.91 28.04
C CYS A 132 3.31 -39.10 26.75
N LYS A 133 2.23 -38.47 26.29
CA LYS A 133 2.33 -37.62 25.11
C LYS A 133 1.39 -36.43 25.12
N ILE A 134 2.00 -35.25 24.98
CA ILE A 134 1.31 -33.97 24.92
C ILE A 134 2.04 -33.27 23.79
N GLY A 135 1.36 -33.07 22.68
CA GLY A 135 2.00 -32.47 21.55
C GLY A 135 1.23 -32.91 20.33
N ILE A 136 1.77 -32.56 19.18
CA ILE A 136 1.16 -32.84 17.89
C ILE A 136 1.84 -33.97 17.09
N GLN A 137 2.94 -34.50 17.62
CA GLN A 137 3.71 -35.53 16.92
C GLN A 137 3.12 -36.94 16.84
N PRO A 138 3.63 -37.74 15.89
CA PRO A 138 3.21 -39.12 15.64
C PRO A 138 3.90 -40.07 16.64
N GLY A 139 3.12 -40.84 17.42
CA GLY A 139 3.70 -41.73 18.45
C GLY A 139 4.37 -43.07 18.17
N HIS A 140 4.22 -43.57 16.94
CA HIS A 140 4.77 -44.86 16.56
C HIS A 140 6.20 -44.88 16.04
N ILE A 141 6.87 -43.74 15.95
CA ILE A 141 8.25 -43.84 15.51
C ILE A 141 9.16 -43.90 16.72
N HIS A 142 8.59 -43.70 17.90
CA HIS A 142 9.35 -43.76 19.15
C HIS A 142 9.36 -45.17 19.75
N LYS A 143 10.34 -45.42 20.61
CA LYS A 143 10.48 -46.71 21.29
C LYS A 143 11.15 -46.33 22.60
N PRO A 144 10.58 -46.79 23.71
CA PRO A 144 11.11 -46.52 25.06
C PRO A 144 12.60 -46.82 25.13
N GLY A 145 13.42 -45.80 25.29
CA GLY A 145 14.85 -46.05 25.33
C GLY A 145 15.71 -45.34 26.33
N LYS A 146 16.91 -44.96 25.89
CA LYS A 146 17.91 -44.30 26.72
C LYS A 146 18.55 -43.01 26.12
N VAL A 147 17.90 -42.37 25.15
CA VAL A 147 18.51 -41.17 24.65
C VAL A 147 17.57 -40.02 24.89
N GLY A 148 18.15 -38.87 25.18
CA GLY A 148 17.37 -37.68 25.40
C GLY A 148 17.60 -36.73 24.22
N ILE A 149 16.55 -36.01 23.83
CA ILE A 149 16.63 -35.06 22.72
C ILE A 149 16.00 -33.69 23.01
N VAL A 150 16.74 -32.60 22.75
CA VAL A 150 16.17 -31.26 22.87
C VAL A 150 16.34 -30.64 21.52
N SER A 151 15.32 -29.96 21.03
CA SER A 151 15.39 -29.33 19.73
C SER A 151 14.48 -28.13 19.51
N ARG A 152 14.97 -27.17 18.74
CA ARG A 152 14.15 -26.01 18.43
C ARG A 152 13.16 -26.41 17.30
N SER A 153 13.67 -27.07 16.25
CA SER A 153 12.77 -27.57 15.18
C SER A 153 12.01 -28.80 15.62
N GLY A 154 10.74 -28.84 15.28
CA GLY A 154 9.91 -29.98 15.64
C GLY A 154 10.22 -31.16 14.73
N THR A 155 9.98 -30.97 13.44
CA THR A 155 10.22 -31.99 12.42
C THR A 155 11.64 -32.56 12.38
N LEU A 156 12.66 -31.77 12.69
CA LEU A 156 14.00 -32.33 12.70
C LEU A 156 14.06 -33.42 13.76
N THR A 157 13.25 -33.28 14.81
CA THR A 157 13.22 -34.24 15.89
C THR A 157 12.79 -35.59 15.35
N TYR A 158 11.69 -35.61 14.60
CA TYR A 158 11.18 -36.85 14.00
C TYR A 158 12.30 -37.63 13.28
N GLU A 159 13.16 -36.93 12.55
CA GLU A 159 14.25 -37.59 11.85
C GLU A 159 15.17 -38.26 12.86
N ALA A 160 15.57 -37.51 13.89
CA ALA A 160 16.45 -38.06 14.91
C ALA A 160 15.76 -39.09 15.77
N VAL A 161 14.44 -39.07 15.83
CA VAL A 161 13.77 -40.07 16.65
C VAL A 161 13.90 -41.36 15.95
N LYS A 162 13.44 -41.40 14.71
CA LYS A 162 13.49 -42.63 13.92
C LYS A 162 14.91 -43.24 13.83
N GLN A 163 15.91 -42.43 13.54
CA GLN A 163 17.24 -43.01 13.48
C GLN A 163 17.56 -43.77 14.79
N THR A 164 17.19 -43.23 15.93
CA THR A 164 17.50 -43.91 17.17
C THR A 164 16.57 -45.09 17.46
N THR A 165 15.42 -45.14 16.80
CA THR A 165 14.55 -46.28 17.01
C THR A 165 15.19 -47.40 16.21
N ASP A 166 15.50 -47.11 14.95
CA ASP A 166 16.13 -48.06 14.02
C ASP A 166 17.49 -48.66 14.45
N TYR A 167 18.22 -47.98 15.32
CA TYR A 167 19.50 -48.50 15.76
C TYR A 167 19.35 -49.12 17.13
N GLY A 168 18.11 -49.49 17.48
CA GLY A 168 17.83 -50.12 18.77
C GLY A 168 17.64 -49.22 20.00
N PHE A 169 18.58 -48.29 20.18
CA PHE A 169 18.64 -47.32 21.27
C PHE A 169 17.39 -46.89 22.06
N GLY A 170 16.47 -46.21 21.38
CA GLY A 170 15.26 -45.73 22.04
C GLY A 170 15.34 -44.30 22.61
N GLN A 171 14.21 -43.69 22.90
CA GLN A 171 14.32 -42.36 23.44
C GLN A 171 13.85 -42.39 24.87
N SER A 172 14.52 -41.66 25.76
CA SER A 172 14.08 -41.59 27.16
C SER A 172 12.85 -40.70 27.14
N THR A 173 13.07 -39.44 26.74
CA THR A 173 12.01 -38.45 26.60
C THR A 173 12.44 -37.33 25.59
N CYS A 174 11.47 -36.85 24.80
CA CYS A 174 11.73 -35.81 23.79
C CYS A 174 11.14 -34.44 24.04
N VAL A 175 12.00 -33.42 24.07
CA VAL A 175 11.59 -32.05 24.31
C VAL A 175 11.88 -31.14 23.14
N GLY A 176 10.83 -30.51 22.66
CA GLY A 176 10.92 -29.56 21.57
C GLY A 176 10.64 -28.24 22.25
N ILE A 177 11.64 -27.37 22.28
CA ILE A 177 11.44 -26.11 22.99
C ILE A 177 10.80 -24.98 22.24
N GLY A 178 10.39 -25.18 20.99
CA GLY A 178 9.75 -24.10 20.26
C GLY A 178 10.68 -23.21 19.46
N GLY A 179 10.11 -22.59 18.43
CA GLY A 179 10.90 -21.74 17.55
C GLY A 179 10.98 -20.23 17.74
N ASP A 180 10.10 -19.63 18.56
CA ASP A 180 10.10 -18.18 18.83
C ASP A 180 11.46 -17.73 19.42
N PRO A 181 11.77 -16.42 19.35
CA PRO A 181 13.02 -15.89 19.85
C PRO A 181 13.13 -15.86 21.36
N ILE A 182 12.03 -15.78 22.08
CA ILE A 182 12.16 -15.78 23.51
C ILE A 182 11.26 -16.85 24.09
N PRO A 183 11.78 -18.08 24.22
CA PRO A 183 11.10 -19.26 24.74
C PRO A 183 11.03 -19.30 26.22
N GLY A 184 10.12 -20.13 26.72
CA GLY A 184 9.88 -20.25 28.14
C GLY A 184 10.94 -20.97 28.93
N SER A 185 11.69 -21.83 28.26
CA SER A 185 12.77 -22.58 28.88
C SER A 185 13.62 -22.90 27.68
N ASN A 186 14.93 -22.81 27.84
CA ASN A 186 15.85 -23.04 26.74
C ASN A 186 16.69 -24.28 26.97
N PHE A 187 17.75 -24.44 26.16
CA PHE A 187 18.62 -25.60 26.26
C PHE A 187 19.15 -25.87 27.63
N ILE A 188 19.93 -24.95 28.18
CA ILE A 188 20.44 -25.19 29.51
C ILE A 188 19.40 -25.67 30.52
N ASP A 189 18.21 -25.08 30.52
CA ASP A 189 17.18 -25.53 31.45
C ASP A 189 16.79 -27.02 31.28
N ILE A 190 16.82 -27.50 30.05
CA ILE A 190 16.45 -28.88 29.76
C ILE A 190 17.67 -29.77 29.86
N LEU A 191 18.85 -29.26 29.49
CA LEU A 191 20.07 -30.07 29.55
C LEU A 191 20.33 -30.55 30.97
N GLU A 192 20.03 -29.71 31.93
CA GLU A 192 20.23 -30.08 33.31
C GLU A 192 19.28 -31.17 33.78
N MET A 193 18.04 -31.13 33.32
CA MET A 193 17.06 -32.13 33.75
C MET A 193 17.46 -33.53 33.30
N PHE A 194 18.27 -33.61 32.25
CA PHE A 194 18.73 -34.89 31.72
C PHE A 194 19.85 -35.39 32.62
N GLU A 195 20.99 -34.73 32.59
CA GLU A 195 22.11 -35.11 33.44
C GLU A 195 21.69 -35.77 34.76
N LYS A 196 20.80 -35.10 35.49
CA LYS A 196 20.34 -35.60 36.79
C LYS A 196 19.39 -36.78 36.68
N ASP A 197 19.20 -37.27 35.46
CA ASP A 197 18.29 -38.40 35.21
C ASP A 197 18.99 -39.69 34.86
N PRO A 198 18.55 -40.81 35.48
CA PRO A 198 19.10 -42.15 35.28
C PRO A 198 18.75 -42.73 33.91
N GLN A 199 17.46 -42.86 33.60
CA GLN A 199 17.01 -43.43 32.33
C GLN A 199 17.73 -42.92 31.03
N THR A 200 18.31 -41.72 31.09
CA THR A 200 19.01 -41.11 29.94
C THR A 200 20.54 -41.28 29.95
N GLU A 201 21.04 -42.05 29.00
CA GLU A 201 22.48 -42.33 28.92
C GLU A 201 23.26 -41.28 28.11
N ALA A 202 22.68 -40.80 27.02
CA ALA A 202 23.36 -39.81 26.18
C ALA A 202 22.37 -38.78 25.63
N ILE A 203 22.89 -37.68 25.06
CA ILE A 203 22.05 -36.62 24.53
C ILE A 203 22.21 -36.11 23.08
N VAL A 204 21.08 -35.89 22.41
CA VAL A 204 21.08 -35.32 21.05
C VAL A 204 20.47 -33.93 21.14
N MET A 205 21.29 -32.93 20.88
CA MET A 205 20.87 -31.57 20.92
C MET A 205 20.77 -31.01 19.52
N ILE A 206 19.56 -30.60 19.14
CA ILE A 206 19.34 -30.04 17.82
C ILE A 206 19.01 -28.53 17.82
N GLY A 207 19.84 -27.74 17.15
CA GLY A 207 19.64 -26.30 17.09
C GLY A 207 19.47 -25.79 15.66
N GLU A 208 19.67 -24.49 15.47
CA GLU A 208 19.55 -23.88 14.15
C GLU A 208 19.99 -22.42 14.27
N ILE A 209 20.05 -21.71 13.14
CA ILE A 209 20.47 -20.31 13.12
C ILE A 209 19.70 -19.43 14.06
N GLY A 210 20.25 -18.24 14.25
CA GLY A 210 19.59 -17.26 15.10
C GLY A 210 19.70 -17.36 16.61
N GLY A 211 20.14 -16.26 17.20
CA GLY A 211 20.23 -16.20 18.65
C GLY A 211 21.54 -16.72 19.17
N SER A 212 21.54 -17.21 20.41
CA SER A 212 22.78 -17.72 20.97
C SER A 212 22.59 -18.69 22.13
N ALA A 213 21.42 -19.28 22.25
CA ALA A 213 21.24 -20.21 23.34
C ALA A 213 22.01 -21.51 23.01
N GLU A 214 22.40 -21.69 21.75
CA GLU A 214 23.17 -22.87 21.38
C GLU A 214 24.55 -22.67 22.03
N GLU A 215 25.16 -21.52 21.76
CA GLU A 215 26.48 -21.16 22.29
C GLU A 215 26.53 -21.29 23.80
N GLU A 216 25.60 -20.63 24.47
CA GLU A 216 25.54 -20.66 25.91
C GLU A 216 25.44 -22.07 26.45
N ALA A 217 24.68 -22.92 25.76
CA ALA A 217 24.51 -24.30 26.19
C ALA A 217 25.87 -24.91 26.16
N ALA A 218 26.60 -24.66 25.08
CA ALA A 218 27.94 -25.19 24.94
C ALA A 218 28.70 -24.92 26.24
N ALA A 219 29.02 -23.65 26.50
CA ALA A 219 29.74 -23.30 27.70
C ALA A 219 29.19 -24.12 28.89
N TYR A 220 27.88 -24.12 29.12
CA TYR A 220 27.37 -24.88 30.25
C TYR A 220 27.66 -26.38 30.12
N ILE A 221 27.98 -26.87 28.93
CA ILE A 221 28.19 -28.30 28.85
C ILE A 221 29.54 -28.73 29.28
N LYS A 222 30.56 -28.11 28.72
CA LYS A 222 31.95 -28.41 29.07
C LYS A 222 32.10 -28.45 30.59
N GLU A 223 31.50 -27.44 31.23
CA GLU A 223 31.53 -27.26 32.67
C GLU A 223 30.59 -28.10 33.58
N HIS A 224 29.40 -28.49 33.12
CA HIS A 224 28.50 -29.25 34.00
C HIS A 224 27.78 -30.50 33.42
N VAL A 225 28.17 -30.95 32.23
CA VAL A 225 27.54 -32.13 31.64
C VAL A 225 28.57 -33.28 31.58
N THR A 226 28.26 -34.35 32.30
CA THR A 226 29.13 -35.51 32.35
C THR A 226 28.82 -36.48 31.21
N LYS A 227 27.54 -36.66 30.92
CA LYS A 227 27.13 -37.57 29.84
C LYS A 227 27.61 -37.15 28.45
N PRO A 228 27.46 -38.02 27.45
CA PRO A 228 27.92 -37.62 26.13
C PRO A 228 26.85 -36.92 25.24
N VAL A 229 27.30 -35.99 24.41
CA VAL A 229 26.40 -35.26 23.55
C VAL A 229 26.73 -35.18 22.07
N VAL A 230 25.70 -35.43 21.27
CA VAL A 230 25.79 -35.36 19.82
C VAL A 230 24.93 -34.17 19.43
N GLY A 231 25.50 -33.27 18.63
CA GLY A 231 24.77 -32.08 18.21
C GLY A 231 24.65 -31.87 16.71
N TYR A 232 23.55 -31.22 16.33
CA TYR A 232 23.30 -30.90 14.94
C TYR A 232 22.71 -29.47 14.78
N ILE A 233 23.29 -28.68 13.88
CA ILE A 233 22.79 -27.33 13.65
C ILE A 233 22.23 -27.19 12.23
N ALA A 234 21.01 -26.71 12.10
CA ALA A 234 20.41 -26.55 10.78
C ALA A 234 20.50 -25.13 10.24
N GLY A 235 20.82 -24.97 8.96
CA GLY A 235 20.86 -23.64 8.38
C GLY A 235 22.21 -23.03 8.00
N VAL A 236 22.91 -23.70 7.09
CA VAL A 236 24.20 -23.20 6.66
C VAL A 236 24.03 -22.48 5.34
N THR A 237 23.17 -23.04 4.52
CA THR A 237 22.89 -22.49 3.23
C THR A 237 22.03 -21.25 3.39
N ALA A 238 21.52 -21.05 4.60
CA ALA A 238 20.66 -19.91 4.91
C ALA A 238 21.28 -18.54 4.67
N PRO A 239 20.49 -17.60 4.13
CA PRO A 239 20.92 -16.22 3.82
C PRO A 239 20.90 -15.32 5.05
N LYS A 240 21.58 -14.18 4.99
CA LYS A 240 21.63 -13.23 6.14
C LYS A 240 20.41 -12.27 6.18
N GLY A 241 19.92 -11.99 7.39
CA GLY A 241 18.82 -11.04 7.51
C GLY A 241 17.43 -11.38 7.03
N LYS A 242 17.16 -12.68 6.84
CA LYS A 242 15.84 -13.11 6.42
C LYS A 242 15.36 -14.12 7.41
N ARG A 243 14.08 -14.11 7.70
CA ARG A 243 13.54 -15.06 8.63
C ARG A 243 13.14 -16.34 7.88
N MET A 244 13.70 -17.48 8.29
CA MET A 244 13.42 -18.76 7.65
C MET A 244 12.31 -19.48 8.38
N GLY A 245 11.07 -19.18 8.05
CA GLY A 245 9.97 -19.84 8.70
C GLY A 245 9.74 -19.54 10.17
N HIS A 246 10.59 -20.07 11.04
CA HIS A 246 10.49 -19.85 12.48
C HIS A 246 10.71 -18.40 12.83
N ALA A 247 9.83 -17.86 13.63
CA ALA A 247 9.94 -16.48 14.09
C ALA A 247 11.34 -16.12 14.58
N GLY A 248 12.05 -17.07 15.19
CA GLY A 248 13.38 -16.80 15.69
C GLY A 248 14.54 -17.41 14.93
N ALA A 249 14.34 -17.71 13.66
CA ALA A 249 15.42 -18.30 12.91
C ALA A 249 15.95 -17.28 11.93
N ILE A 250 16.59 -16.26 12.47
CA ILE A 250 17.10 -15.20 11.63
C ILE A 250 18.46 -14.70 12.01
N ILE A 251 19.31 -14.45 11.02
CA ILE A 251 20.65 -13.95 11.31
C ILE A 251 20.72 -12.44 11.29
N ALA A 252 20.70 -11.84 12.47
CA ALA A 252 20.70 -10.39 12.62
C ALA A 252 22.05 -9.70 12.86
N GLY A 253 22.46 -8.93 11.85
CA GLY A 253 23.72 -8.20 11.91
C GLY A 253 24.94 -9.08 12.18
N GLY A 254 25.05 -10.17 11.42
CA GLY A 254 26.17 -11.09 11.54
C GLY A 254 26.32 -12.02 12.75
N LYS A 255 25.42 -11.92 13.73
CA LYS A 255 25.49 -12.76 14.93
C LYS A 255 24.54 -13.98 14.81
N GLY A 256 25.00 -15.14 15.28
CA GLY A 256 24.20 -16.36 15.26
C GLY A 256 24.17 -17.24 14.02
N THR A 257 25.27 -17.28 13.25
CA THR A 257 25.32 -18.09 12.05
C THR A 257 25.38 -19.56 12.35
N ALA A 258 25.29 -20.36 11.29
CA ALA A 258 25.34 -21.80 11.45
C ALA A 258 26.67 -22.25 12.05
N ASP A 259 27.73 -21.85 11.36
CA ASP A 259 29.11 -22.18 11.69
C ASP A 259 29.58 -21.91 13.10
N GLU A 260 29.37 -20.70 13.61
CA GLU A 260 29.82 -20.41 14.96
C GLU A 260 29.22 -21.39 15.93
N LYS A 261 27.93 -21.67 15.77
CA LYS A 261 27.23 -22.60 16.66
C LYS A 261 27.93 -23.95 16.66
N PHE A 262 28.26 -24.47 15.48
CA PHE A 262 28.99 -25.72 15.36
C PHE A 262 30.30 -25.54 16.10
N ALA A 263 31.13 -24.66 15.58
CA ALA A 263 32.43 -24.38 16.20
C ALA A 263 32.38 -24.34 17.73
N ALA A 264 31.74 -23.32 18.28
CA ALA A 264 31.70 -23.19 19.73
C ALA A 264 31.04 -24.36 20.43
N LEU A 265 30.34 -25.18 19.68
CA LEU A 265 29.67 -26.33 20.25
C LEU A 265 30.67 -27.50 20.27
N GLU A 266 31.73 -27.36 19.47
CA GLU A 266 32.78 -28.37 19.34
C GLU A 266 33.80 -28.24 20.47
N ALA A 267 34.47 -27.09 20.48
CA ALA A 267 35.46 -26.80 21.49
C ALA A 267 34.87 -27.01 22.90
N ALA A 268 33.62 -27.44 22.96
CA ALA A 268 33.01 -27.66 24.25
C ALA A 268 33.06 -29.13 24.59
N GLY A 269 33.49 -29.93 23.62
CA GLY A 269 33.56 -31.36 23.87
C GLY A 269 32.32 -32.12 23.46
N VAL A 270 31.70 -31.66 22.37
CA VAL A 270 30.51 -32.32 21.84
C VAL A 270 30.91 -32.91 20.49
N LYS A 271 30.23 -33.97 20.08
CA LYS A 271 30.52 -34.57 18.80
C LYS A 271 29.57 -34.00 17.76
N THR A 272 30.10 -33.17 16.88
CA THR A 272 29.28 -32.54 15.85
C THR A 272 29.12 -33.43 14.62
N VAL A 273 27.91 -33.54 14.15
CA VAL A 273 27.61 -34.35 13.00
C VAL A 273 27.21 -33.38 11.94
N ARG A 274 27.87 -33.36 10.80
CA ARG A 274 27.44 -32.39 9.82
C ARG A 274 26.26 -32.71 8.89
N SER A 275 25.82 -33.96 8.88
CA SER A 275 24.67 -34.36 8.06
C SER A 275 23.68 -35.02 8.98
N LEU A 276 22.45 -34.52 9.05
CA LEU A 276 21.54 -35.16 9.95
C LEU A 276 21.24 -36.59 9.52
N ALA A 277 22.13 -37.19 8.75
CA ALA A 277 21.91 -38.59 8.36
C ALA A 277 22.74 -39.43 9.34
N ASP A 278 23.94 -38.94 9.65
CA ASP A 278 24.85 -39.63 10.54
C ASP A 278 24.57 -39.38 12.01
N ILE A 279 23.33 -39.10 12.37
CA ILE A 279 23.07 -38.87 13.79
C ILE A 279 23.20 -40.20 14.48
N GLY A 280 22.48 -41.21 14.00
CA GLY A 280 22.58 -42.52 14.61
C GLY A 280 24.02 -43.00 14.67
N GLU A 281 24.67 -43.04 13.51
CA GLU A 281 26.07 -43.47 13.40
C GLU A 281 26.95 -42.87 14.51
N ALA A 282 26.78 -41.59 14.81
CA ALA A 282 27.59 -40.94 15.83
C ALA A 282 27.25 -41.38 17.26
N LEU A 283 25.99 -41.76 17.49
CA LEU A 283 25.57 -42.20 18.81
C LEU A 283 26.19 -43.56 19.13
N LYS A 284 26.41 -44.34 18.07
CA LYS A 284 26.99 -45.68 18.13
C LYS A 284 28.30 -45.61 18.91
N THR A 285 29.00 -44.48 18.76
CA THR A 285 30.27 -44.23 19.43
C THR A 285 30.04 -43.86 20.93
N VAL A 286 29.24 -44.71 21.60
CA VAL A 286 28.86 -44.61 23.03
C VAL A 286 27.61 -45.44 23.40
N MET B 1 8.24 -6.66 9.54
CA MET B 1 7.83 -5.50 8.67
C MET B 1 8.64 -4.25 8.83
N ASN B 2 9.06 -3.67 7.71
CA ASN B 2 9.84 -2.43 7.77
C ASN B 2 9.02 -1.22 7.41
N LEU B 3 9.46 -0.04 7.88
CA LEU B 3 8.80 1.25 7.60
C LEU B 3 9.74 2.22 6.87
N HIS B 4 9.16 3.16 6.12
CA HIS B 4 9.95 4.14 5.40
C HIS B 4 10.50 5.23 6.30
N GLU B 5 11.51 5.94 5.78
CA GLU B 5 12.09 7.02 6.58
C GLU B 5 10.99 8.02 6.92
N TYR B 6 10.28 8.46 5.90
CA TYR B 6 9.25 9.45 6.12
C TYR B 6 8.13 9.03 6.97
N GLN B 7 7.91 7.73 7.14
CA GLN B 7 6.81 7.29 7.98
C GLN B 7 7.24 7.30 9.41
N ALA B 8 8.52 7.06 9.62
CA ALA B 8 9.05 7.10 10.98
C ALA B 8 9.08 8.55 11.51
N LYS B 9 9.59 9.45 10.67
CA LYS B 9 9.69 10.85 11.03
C LYS B 9 8.32 11.35 11.29
N GLN B 10 7.35 10.73 10.66
CA GLN B 10 5.97 11.18 10.85
C GLN B 10 5.47 10.71 12.24
N LEU B 11 5.90 9.52 12.62
CA LEU B 11 5.49 8.98 13.88
C LEU B 11 6.20 9.74 14.96
N PHE B 12 7.43 10.16 14.68
CA PHE B 12 8.21 10.91 15.66
C PHE B 12 7.50 12.20 16.01
N ALA B 13 7.00 12.85 14.98
CA ALA B 13 6.27 14.11 15.11
C ALA B 13 5.10 13.97 16.07
N ARG B 14 4.41 12.84 16.01
CA ARG B 14 3.26 12.63 16.89
C ARG B 14 3.67 12.48 18.35
N TYR B 15 4.86 12.00 18.61
CA TYR B 15 5.21 11.86 19.99
C TYR B 15 6.09 12.99 20.44
N GLY B 16 6.18 14.01 19.59
CA GLY B 16 6.96 15.21 19.91
C GLY B 16 8.48 15.21 19.81
N LEU B 17 9.04 14.19 19.18
CA LEU B 17 10.47 14.12 19.01
C LEU B 17 10.81 15.04 17.86
N PRO B 18 11.97 15.63 17.90
CA PRO B 18 12.30 16.55 16.82
C PRO B 18 12.85 15.95 15.57
N ALA B 19 12.31 16.38 14.44
CA ALA B 19 12.80 15.95 13.12
C ALA B 19 12.86 17.16 12.19
N PRO B 20 13.64 17.10 11.12
CA PRO B 20 13.62 18.30 10.30
C PRO B 20 12.26 18.49 9.62
N VAL B 21 12.07 19.61 8.96
CA VAL B 21 10.79 19.84 8.27
C VAL B 21 10.93 19.33 6.83
N GLY B 22 9.95 18.52 6.41
CA GLY B 22 9.98 17.97 5.06
C GLY B 22 8.64 17.42 4.60
N TYR B 23 8.62 17.07 3.33
CA TYR B 23 7.42 16.57 2.73
C TYR B 23 7.71 15.39 1.81
N ALA B 24 6.86 14.36 1.91
CA ALA B 24 6.99 13.15 1.08
C ALA B 24 6.45 13.47 -0.33
N CYS B 25 7.17 13.09 -1.37
CA CYS B 25 6.73 13.45 -2.70
C CYS B 25 6.65 12.34 -3.73
N THR B 26 5.55 12.29 -4.52
CA THR B 26 5.38 11.25 -5.53
C THR B 26 5.59 11.67 -6.95
N THR B 27 5.76 12.98 -7.20
CA THR B 27 6.02 13.50 -8.57
C THR B 27 6.97 14.68 -8.54
N PRO B 28 7.79 14.80 -9.59
CA PRO B 28 8.78 15.86 -9.75
C PRO B 28 8.23 17.22 -9.34
N ARG B 29 7.06 17.54 -9.86
CA ARG B 29 6.41 18.79 -9.56
C ARG B 29 6.19 18.97 -8.06
N GLU B 30 5.59 17.98 -7.39
CA GLU B 30 5.31 18.07 -5.94
C GLU B 30 6.58 18.32 -5.16
N ALA B 31 7.65 17.67 -5.57
CA ALA B 31 8.93 17.84 -4.91
C ALA B 31 9.36 19.28 -5.13
N GLU B 32 9.43 19.67 -6.40
CA GLU B 32 9.79 21.04 -6.79
C GLU B 32 9.00 22.08 -5.96
N GLU B 33 7.68 21.95 -5.88
CA GLU B 33 6.92 22.92 -5.13
C GLU B 33 7.24 22.96 -3.65
N ALA B 34 7.66 21.82 -3.10
CA ALA B 34 8.00 21.69 -1.67
C ALA B 34 9.09 22.65 -1.15
N ALA B 35 10.00 23.02 -2.05
CA ALA B 35 11.10 23.91 -1.74
C ALA B 35 10.68 25.16 -0.95
N SER B 36 9.64 25.82 -1.45
CA SER B 36 9.17 27.06 -0.86
C SER B 36 8.27 26.94 0.32
N LYS B 37 7.63 25.77 0.47
CA LYS B 37 6.74 25.59 1.60
C LYS B 37 7.67 25.34 2.79
N ILE B 38 8.87 24.85 2.45
CA ILE B 38 9.88 24.54 3.44
C ILE B 38 10.56 25.78 3.96
N GLY B 39 11.12 26.53 3.01
CA GLY B 39 11.83 27.74 3.36
C GLY B 39 12.91 28.02 2.35
N ALA B 40 13.94 28.72 2.80
CA ALA B 40 15.05 29.07 1.94
C ALA B 40 16.05 27.91 1.90
N GLY B 41 16.77 27.80 0.78
CA GLY B 41 17.74 26.73 0.66
C GLY B 41 18.79 26.62 1.76
N PRO B 42 19.61 25.57 1.76
CA PRO B 42 19.49 24.52 0.74
C PRO B 42 18.51 23.46 1.28
N TRP B 43 18.31 22.39 0.50
CA TRP B 43 17.40 21.29 0.87
C TRP B 43 18.07 19.97 0.63
N VAL B 44 17.57 18.96 1.32
CA VAL B 44 18.09 17.63 1.19
C VAL B 44 17.02 16.78 0.51
N VAL B 45 17.35 16.08 -0.56
CA VAL B 45 16.35 15.24 -1.22
C VAL B 45 16.78 13.80 -1.02
N LYS B 46 15.86 12.97 -0.54
CA LYS B 46 16.24 11.60 -0.26
C LYS B 46 15.32 10.56 -0.86
N CYS B 47 15.90 9.52 -1.47
CA CYS B 47 15.11 8.40 -2.02
C CYS B 47 14.46 7.61 -0.88
N GLN B 48 13.22 7.18 -1.06
CA GLN B 48 12.54 6.43 -0.01
C GLN B 48 12.41 4.97 -0.34
N VAL B 49 13.43 4.24 0.09
CA VAL B 49 13.59 2.78 -0.07
C VAL B 49 13.78 2.23 1.34
N HIS B 50 13.41 0.97 1.56
CA HIS B 50 13.50 0.38 2.89
C HIS B 50 14.93 0.18 3.36
N ALA B 51 15.82 -0.20 2.46
CA ALA B 51 17.21 -0.43 2.82
C ALA B 51 17.99 0.84 3.20
N GLY B 52 19.19 0.64 3.73
CA GLY B 52 20.05 1.74 4.12
C GLY B 52 21.29 1.90 3.22
N GLY B 53 22.20 2.82 3.60
CA GLY B 53 23.42 3.07 2.83
C GLY B 53 23.10 3.79 1.55
N ARG B 54 22.00 4.55 1.60
CA ARG B 54 21.52 5.29 0.47
C ARG B 54 22.53 6.37 0.21
N GLY B 55 23.09 6.90 1.29
CA GLY B 55 24.09 7.95 1.18
C GLY B 55 25.25 7.67 0.23
N LYS B 56 25.88 6.50 0.38
CA LYS B 56 27.03 6.14 -0.45
C LYS B 56 26.68 5.68 -1.86
N ALA B 57 25.40 5.62 -2.16
CA ALA B 57 24.96 5.18 -3.49
C ALA B 57 24.43 6.32 -4.36
N GLY B 58 24.48 7.54 -3.82
CA GLY B 58 24.00 8.70 -4.54
C GLY B 58 22.50 8.85 -4.47
N GLY B 59 21.92 8.39 -3.36
CA GLY B 59 20.49 8.45 -3.16
C GLY B 59 20.05 9.55 -2.21
N VAL B 60 21.04 10.29 -1.70
CA VAL B 60 20.81 11.41 -0.78
C VAL B 60 21.78 12.50 -1.17
N LYS B 61 21.26 13.60 -1.70
CA LYS B 61 22.11 14.72 -2.08
C LYS B 61 21.56 16.01 -1.46
N VAL B 62 22.43 17.00 -1.30
CA VAL B 62 22.06 18.31 -0.79
C VAL B 62 21.99 19.19 -2.02
N VAL B 63 20.91 19.90 -2.25
CA VAL B 63 20.93 20.71 -3.44
C VAL B 63 20.65 22.17 -3.14
N ASN B 64 20.82 23.01 -4.17
CA ASN B 64 20.61 24.41 -3.98
C ASN B 64 19.55 25.16 -4.79
N SER B 65 18.95 24.55 -5.80
CA SER B 65 17.98 25.29 -6.59
C SER B 65 16.72 24.51 -6.83
N LYS B 66 15.63 25.21 -7.14
CA LYS B 66 14.39 24.51 -7.37
C LYS B 66 14.52 23.49 -8.48
N GLU B 67 15.28 23.80 -9.51
CA GLU B 67 15.38 22.83 -10.60
C GLU B 67 16.32 21.65 -10.34
N ASP B 68 17.27 21.79 -9.43
CA ASP B 68 18.14 20.67 -9.13
C ASP B 68 17.26 19.63 -8.42
N ILE B 69 16.28 20.11 -7.64
CA ILE B 69 15.35 19.21 -6.95
C ILE B 69 14.55 18.47 -8.01
N ARG B 70 14.03 19.21 -8.97
CA ARG B 70 13.25 18.58 -10.01
C ARG B 70 14.06 17.52 -10.66
N ALA B 71 15.16 17.94 -11.27
CA ALA B 71 16.07 17.03 -11.95
C ALA B 71 16.27 15.70 -11.24
N PHE B 72 16.47 15.80 -9.93
CA PHE B 72 16.71 14.64 -9.09
C PHE B 72 15.51 13.71 -9.10
N ALA B 73 14.35 14.27 -8.87
CA ALA B 73 13.12 13.50 -8.83
C ALA B 73 12.87 12.78 -10.14
N GLU B 74 13.18 13.41 -11.26
CA GLU B 74 12.95 12.79 -12.58
C GLU B 74 13.92 11.64 -12.82
N ASN B 75 15.10 11.77 -12.22
CA ASN B 75 16.11 10.77 -12.40
C ASN B 75 15.89 9.54 -11.58
N TRP B 76 15.12 9.63 -10.50
CA TRP B 76 14.87 8.47 -9.67
C TRP B 76 13.47 7.92 -9.62
N LEU B 77 12.43 8.74 -9.71
CA LEU B 77 11.12 8.14 -9.61
C LEU B 77 10.95 7.08 -10.67
N GLY B 78 10.43 5.93 -10.25
CA GLY B 78 10.24 4.86 -11.18
C GLY B 78 11.47 4.01 -11.46
N LYS B 79 12.55 4.17 -10.70
CA LYS B 79 13.71 3.34 -10.97
C LYS B 79 14.15 2.66 -9.72
N ARG B 80 14.91 1.57 -9.84
CA ARG B 80 15.37 0.85 -8.66
C ARG B 80 16.72 1.37 -8.24
N LEU B 81 16.91 1.46 -6.93
CA LEU B 81 18.16 1.94 -6.33
C LEU B 81 18.88 0.79 -5.65
N VAL B 82 20.18 0.69 -5.86
CA VAL B 82 20.91 -0.41 -5.26
C VAL B 82 21.92 0.01 -4.29
N THR B 83 21.72 -0.31 -3.02
CA THR B 83 22.73 0.05 -2.06
C THR B 83 23.43 -1.23 -1.68
N TYR B 84 24.33 -1.12 -0.73
CA TYR B 84 25.07 -2.28 -0.29
C TYR B 84 24.20 -3.15 0.63
N GLN B 85 22.93 -2.82 0.77
CA GLN B 85 22.04 -3.59 1.63
C GLN B 85 20.92 -4.28 0.85
N THR B 86 20.94 -4.10 -0.47
CA THR B 86 19.96 -4.72 -1.37
C THR B 86 20.66 -5.77 -2.22
N ASP B 87 19.90 -6.41 -3.10
CA ASP B 87 20.47 -7.41 -3.98
C ASP B 87 20.62 -6.78 -5.35
N ALA B 88 21.28 -7.47 -6.26
CA ALA B 88 21.50 -6.96 -7.61
C ALA B 88 20.34 -6.16 -8.17
N ASN B 89 19.11 -6.52 -7.82
CA ASN B 89 17.93 -5.83 -8.32
C ASN B 89 17.73 -4.43 -7.79
N GLY B 90 17.80 -4.28 -6.47
CA GLY B 90 17.59 -3.00 -5.83
C GLY B 90 16.13 -2.86 -5.43
N GLN B 91 15.78 -1.74 -4.82
CA GLN B 91 14.40 -1.52 -4.42
C GLN B 91 13.98 -0.28 -5.13
N PRO B 92 12.74 -0.27 -5.65
CA PRO B 92 12.06 0.79 -6.39
C PRO B 92 11.79 2.12 -5.67
N VAL B 93 12.25 3.21 -6.27
CA VAL B 93 12.03 4.51 -5.67
C VAL B 93 10.70 5.10 -6.14
N ASN B 94 9.76 5.14 -5.21
CA ASN B 94 8.44 5.65 -5.54
C ASN B 94 8.08 6.98 -4.90
N GLN B 95 8.93 7.45 -3.99
CA GLN B 95 8.71 8.71 -3.31
C GLN B 95 10.02 9.35 -2.91
N ILE B 96 10.06 10.66 -2.98
CA ILE B 96 11.25 11.40 -2.66
C ILE B 96 10.94 12.18 -1.42
N LEU B 97 11.87 12.20 -0.47
CA LEU B 97 11.63 13.02 0.68
C LEU B 97 12.46 14.25 0.42
N VAL B 98 11.85 15.43 0.63
CA VAL B 98 12.53 16.71 0.47
C VAL B 98 12.40 17.46 1.80
N GLU B 99 13.48 17.58 2.56
CA GLU B 99 13.37 18.27 3.82
C GLU B 99 14.52 19.28 3.93
N ALA B 100 14.45 20.11 4.96
CA ALA B 100 15.43 21.15 5.20
C ALA B 100 16.79 20.68 5.64
N ALA B 101 17.82 21.30 5.07
CA ALA B 101 19.21 20.99 5.39
C ALA B 101 19.52 21.46 6.82
N THR B 102 20.11 20.58 7.62
CA THR B 102 20.42 20.96 8.98
C THR B 102 21.89 21.22 9.24
N ASP B 103 22.19 22.27 10.02
CA ASP B 103 23.59 22.62 10.31
C ASP B 103 24.26 21.59 11.20
N ILE B 104 25.07 20.70 10.62
CA ILE B 104 25.65 19.66 11.47
C ILE B 104 26.92 19.94 12.28
N ALA B 105 26.80 19.80 13.61
CA ALA B 105 27.93 19.98 14.52
C ALA B 105 28.65 18.66 14.90
N LYS B 106 27.89 17.63 15.25
CA LYS B 106 28.44 16.31 15.60
C LYS B 106 27.35 15.23 15.49
N GLU B 107 27.71 14.07 14.90
CA GLU B 107 26.81 12.93 14.68
C GLU B 107 26.88 11.77 15.73
N LEU B 108 25.76 11.50 16.41
CA LEU B 108 25.68 10.43 17.44
C LEU B 108 24.82 9.29 16.95
N TYR B 109 24.82 8.20 17.68
CA TYR B 109 24.03 7.05 17.30
C TYR B 109 23.16 6.65 18.42
N LEU B 110 21.89 6.46 18.14
CA LEU B 110 20.99 6.04 19.18
C LEU B 110 20.14 4.93 18.59
N GLY B 111 19.97 3.83 19.31
CA GLY B 111 19.19 2.72 18.77
C GLY B 111 18.67 1.74 19.82
N ALA B 112 17.85 0.79 19.39
CA ALA B 112 17.32 -0.19 20.34
C ALA B 112 16.76 -1.47 19.67
N VAL B 113 16.80 -2.60 20.40
CA VAL B 113 16.33 -3.92 19.90
C VAL B 113 15.98 -4.84 21.04
N VAL B 114 15.51 -6.04 20.70
CA VAL B 114 15.24 -7.02 21.74
C VAL B 114 16.39 -8.01 21.79
N ASP B 115 17.05 -8.06 22.94
CA ASP B 115 18.20 -8.91 23.17
C ASP B 115 17.74 -10.28 23.64
N ARG B 116 17.80 -11.23 22.73
CA ARG B 116 17.36 -12.60 23.00
C ARG B 116 18.09 -13.17 24.17
N SER B 117 19.32 -12.73 24.28
CA SER B 117 20.23 -13.19 25.29
C SER B 117 19.92 -12.85 26.72
N SER B 118 19.62 -11.57 26.96
CA SER B 118 19.30 -11.10 28.30
C SER B 118 17.81 -10.91 28.52
N ARG B 119 17.06 -11.13 27.45
CA ARG B 119 15.62 -11.04 27.46
C ARG B 119 15.03 -9.73 27.94
N ARG B 120 15.52 -8.64 27.32
CA ARG B 120 15.08 -7.28 27.62
C ARG B 120 15.16 -6.39 26.38
N VAL B 121 14.46 -5.27 26.40
CA VAL B 121 14.55 -4.34 25.30
C VAL B 121 15.80 -3.54 25.68
N VAL B 122 16.69 -3.31 24.73
CA VAL B 122 17.91 -2.61 25.07
C VAL B 122 18.18 -1.42 24.17
N PHE B 123 18.69 -0.33 24.76
CA PHE B 123 18.99 0.87 23.98
C PHE B 123 20.49 1.02 23.96
N MET B 124 21.03 1.47 22.85
CA MET B 124 22.46 1.65 22.77
C MET B 124 22.77 3.03 22.26
N ALA B 125 23.79 3.66 22.81
CA ALA B 125 24.18 4.97 22.34
C ALA B 125 25.67 4.97 22.08
N SER B 126 26.12 5.86 21.21
CA SER B 126 27.52 5.94 20.90
C SER B 126 27.91 7.29 20.33
N THR B 127 29.19 7.63 20.47
CA THR B 127 29.74 8.88 19.98
C THR B 127 30.08 8.73 18.52
N GLU B 128 30.15 7.48 18.08
CA GLU B 128 30.48 7.19 16.69
C GLU B 128 29.30 7.25 15.72
N GLY B 129 28.77 8.43 15.50
CA GLY B 129 27.64 8.56 14.61
C GLY B 129 28.01 8.63 13.14
N GLY B 130 27.08 8.21 12.29
CA GLY B 130 27.29 8.24 10.86
C GLY B 130 27.97 7.00 10.33
N VAL B 131 27.80 5.88 11.00
CA VAL B 131 28.47 4.69 10.53
C VAL B 131 27.86 3.40 11.05
N GLU B 132 28.14 2.30 10.34
CA GLU B 132 27.61 0.99 10.69
C GLU B 132 27.89 0.61 12.09
N ILE B 133 26.86 0.49 12.88
CA ILE B 133 27.13 0.17 14.24
C ILE B 133 27.88 -1.13 14.33
N GLU B 134 27.51 -2.10 13.50
CA GLU B 134 28.18 -3.40 13.51
C GLU B 134 29.68 -3.28 13.50
N LYS B 135 30.20 -2.35 12.71
CA LYS B 135 31.65 -2.16 12.66
C LYS B 135 32.12 -1.70 14.03
N VAL B 136 31.63 -0.56 14.49
CA VAL B 136 32.03 -0.06 15.78
C VAL B 136 31.97 -1.12 16.86
N ALA B 137 30.98 -2.00 16.76
CA ALA B 137 30.81 -3.06 17.77
C ALA B 137 31.95 -4.07 17.86
N GLU B 138 32.35 -4.65 16.73
CA GLU B 138 33.44 -5.63 16.71
C GLU B 138 34.83 -4.96 16.80
N GLU B 139 34.95 -3.76 16.24
CA GLU B 139 36.20 -2.99 16.20
C GLU B 139 36.50 -2.15 17.43
N THR B 140 35.47 -1.54 18.02
CA THR B 140 35.65 -0.69 19.21
C THR B 140 34.47 -0.83 20.19
N PRO B 141 34.18 -2.06 20.65
CA PRO B 141 33.06 -2.28 21.57
C PRO B 141 32.95 -1.37 22.81
N HIS B 142 34.02 -0.67 23.17
CA HIS B 142 33.97 0.14 24.37
C HIS B 142 33.36 1.50 24.14
N LEU B 143 32.86 1.71 22.93
CA LEU B 143 32.25 2.99 22.57
C LEU B 143 30.73 2.89 22.35
N ILE B 144 30.17 1.78 22.80
CA ILE B 144 28.76 1.55 22.68
C ILE B 144 28.21 1.29 24.08
N HIS B 145 27.50 2.27 24.61
CA HIS B 145 26.92 2.17 25.96
C HIS B 145 25.48 1.67 25.87
N LYS B 146 25.04 0.92 26.88
CA LYS B 146 23.70 0.36 26.88
C LYS B 146 23.04 0.44 28.21
N VAL B 147 21.71 0.34 28.20
CA VAL B 147 20.85 0.33 29.39
C VAL B 147 19.74 -0.62 29.02
N ALA B 148 19.12 -1.28 29.99
CA ALA B 148 18.03 -2.23 29.67
C ALA B 148 16.71 -1.86 30.32
N LEU B 149 15.65 -1.80 29.54
CA LEU B 149 14.36 -1.44 30.09
C LEU B 149 13.77 -2.50 31.07
N ASP B 150 13.42 -2.07 32.29
CA ASP B 150 12.82 -2.98 33.28
C ASP B 150 11.37 -3.26 32.95
N PRO B 151 11.01 -4.53 32.81
CA PRO B 151 9.59 -4.69 32.49
C PRO B 151 8.61 -4.39 33.63
N LEU B 152 9.12 -4.02 34.79
CA LEU B 152 8.23 -3.76 35.91
C LEU B 152 7.93 -2.30 35.99
N THR B 153 8.85 -1.49 35.50
CA THR B 153 8.73 -0.06 35.63
C THR B 153 8.70 0.74 34.36
N GLY B 154 8.97 0.12 33.22
CA GLY B 154 8.98 0.91 32.00
C GLY B 154 10.21 1.80 32.02
N PRO B 155 10.40 2.63 30.99
CA PRO B 155 11.57 3.49 30.95
C PRO B 155 11.48 4.51 32.04
N MET B 156 12.64 4.93 32.51
CA MET B 156 12.76 5.89 33.57
C MET B 156 13.85 6.86 33.22
N PRO B 157 13.71 8.13 33.61
CA PRO B 157 14.65 9.22 33.39
C PRO B 157 16.12 8.87 33.59
N TYR B 158 16.46 8.47 34.82
CA TYR B 158 17.84 8.14 35.17
C TYR B 158 18.61 7.34 34.10
N GLN B 159 17.90 6.52 33.34
CA GLN B 159 18.53 5.72 32.34
C GLN B 159 18.88 6.65 31.22
N GLY B 160 17.97 7.57 30.97
CA GLY B 160 18.20 8.50 29.89
C GLY B 160 19.37 9.40 30.19
N ARG B 161 19.40 9.91 31.44
CA ARG B 161 20.47 10.81 31.87
C ARG B 161 21.77 10.07 31.76
N GLU B 162 21.79 8.86 32.31
CA GLU B 162 22.99 8.04 32.31
C GLU B 162 23.76 7.88 30.98
N LEU B 163 23.00 7.68 29.91
CA LEU B 163 23.60 7.53 28.59
C LEU B 163 24.04 8.90 28.22
N ALA B 164 23.13 9.83 28.46
CA ALA B 164 23.35 11.22 28.16
C ALA B 164 24.73 11.59 28.67
N PHE B 165 25.07 11.14 29.87
CA PHE B 165 26.35 11.49 30.46
C PHE B 165 27.54 10.75 29.90
N LYS B 166 27.42 9.44 29.73
CA LYS B 166 28.53 8.68 29.18
C LYS B 166 28.88 9.22 27.79
N LEU B 167 27.93 9.93 27.20
CA LEU B 167 28.17 10.50 25.89
C LEU B 167 28.87 11.85 26.00
N GLY B 168 29.02 12.33 27.24
CA GLY B 168 29.68 13.61 27.47
C GLY B 168 28.92 14.87 27.04
N LEU B 169 27.60 14.85 27.20
CA LEU B 169 26.80 16.00 26.87
C LEU B 169 26.68 16.71 28.19
N GLU B 170 26.32 17.98 28.16
CA GLU B 170 26.13 18.70 29.40
C GLU B 170 25.21 19.86 29.17
N GLY B 171 24.55 20.30 30.23
CA GLY B 171 23.66 21.44 30.10
C GLY B 171 22.29 21.05 29.66
N LYS B 172 21.70 21.85 28.78
CA LYS B 172 20.37 21.54 28.32
C LYS B 172 20.37 20.33 27.39
N LEU B 173 21.50 20.05 26.76
CA LEU B 173 21.60 18.90 25.86
C LEU B 173 21.29 17.60 26.58
N VAL B 174 21.20 17.66 27.90
CA VAL B 174 20.89 16.47 28.65
C VAL B 174 19.40 16.30 28.77
N GLN B 175 18.70 17.37 29.13
CA GLN B 175 17.25 17.33 29.25
C GLN B 175 16.70 16.81 27.93
N GLN B 176 17.16 17.42 26.85
CA GLN B 176 16.73 17.04 25.54
C GLN B 176 16.96 15.57 25.25
N PHE B 177 18.19 15.13 25.46
CA PHE B 177 18.48 13.75 25.21
C PHE B 177 17.58 12.81 26.05
N THR B 178 17.24 13.20 27.26
CA THR B 178 16.37 12.37 28.06
C THR B 178 14.97 12.31 27.45
N LYS B 179 14.50 13.43 26.94
CA LYS B 179 13.16 13.52 26.35
C LYS B 179 13.07 12.54 25.22
N ILE B 180 14.08 12.53 24.37
CA ILE B 180 14.10 11.61 23.26
C ILE B 180 14.14 10.15 23.75
N PHE B 181 14.99 9.88 24.76
CA PHE B 181 15.07 8.53 25.26
C PHE B 181 13.70 8.07 25.74
N MET B 182 13.09 8.83 26.64
CA MET B 182 11.78 8.42 27.11
C MET B 182 10.75 8.29 25.96
N GLY B 183 10.92 9.11 24.93
CA GLY B 183 10.00 9.06 23.79
C GLY B 183 10.14 7.78 22.98
N LEU B 184 11.25 7.61 22.28
CA LEU B 184 11.47 6.40 21.53
C LEU B 184 11.13 5.16 22.38
N ALA B 185 11.52 5.16 23.63
CA ALA B 185 11.26 4.04 24.48
C ALA B 185 9.76 3.84 24.57
N THR B 186 9.02 4.93 24.71
CA THR B 186 7.59 4.72 24.76
C THR B 186 7.13 4.12 23.42
N ILE B 187 7.36 4.82 22.31
CA ILE B 187 6.94 4.32 21.01
C ILE B 187 7.29 2.85 20.87
N PHE B 188 8.42 2.45 21.41
CA PHE B 188 8.81 1.05 21.23
C PHE B 188 7.79 0.11 21.82
N LEU B 189 7.39 0.40 23.06
CA LEU B 189 6.45 -0.47 23.73
C LEU B 189 5.06 -0.29 23.26
N GLU B 190 4.68 0.93 22.95
CA GLU B 190 3.33 1.17 22.51
C GLU B 190 3.04 0.65 21.10
N ARG B 191 3.95 0.82 20.16
CA ARG B 191 3.64 0.35 18.81
C ARG B 191 4.12 -1.02 18.51
N ASP B 192 4.53 -1.73 19.55
CA ASP B 192 5.00 -3.09 19.35
C ASP B 192 6.08 -3.14 18.26
N LEU B 193 7.21 -2.52 18.53
CA LEU B 193 8.31 -2.49 17.56
C LEU B 193 9.30 -3.60 17.81
N ALA B 194 10.12 -3.86 16.82
CA ALA B 194 11.09 -4.89 16.99
C ALA B 194 12.45 -4.27 17.00
N LEU B 195 12.56 -3.05 16.45
CA LEU B 195 13.83 -2.34 16.36
C LEU B 195 13.75 -0.84 16.02
N ILE B 196 14.69 -0.04 16.53
CA ILE B 196 14.76 1.41 16.25
C ILE B 196 16.20 1.78 15.96
N GLU B 197 16.43 2.76 15.09
CA GLU B 197 17.78 3.16 14.80
C GLU B 197 17.82 4.57 14.24
N ILE B 198 18.07 5.55 15.10
CA ILE B 198 18.17 6.94 14.68
C ILE B 198 19.64 7.13 14.41
N ASN B 199 20.06 7.08 13.15
CA ASN B 199 21.47 7.27 12.82
C ASN B 199 21.60 8.08 11.54
N PRO B 200 22.14 9.30 11.64
CA PRO B 200 22.67 10.01 12.79
C PRO B 200 21.72 10.86 13.62
N LEU B 201 21.95 10.88 14.94
CA LEU B 201 21.22 11.70 15.92
C LEU B 201 22.18 12.87 16.02
N VAL B 202 21.81 14.01 15.45
CA VAL B 202 22.71 15.15 15.37
C VAL B 202 22.63 16.23 16.43
N ILE B 203 23.74 16.97 16.54
CA ILE B 203 23.78 18.11 17.45
C ILE B 203 24.02 19.28 16.54
N THR B 204 23.01 20.12 16.41
CA THR B 204 23.09 21.28 15.52
C THR B 204 24.15 22.30 15.96
N LYS B 205 24.58 23.16 15.03
CA LYS B 205 25.53 24.22 15.38
C LYS B 205 24.85 25.02 16.50
N GLN B 206 23.58 25.35 16.32
CA GLN B 206 22.85 26.10 17.34
C GLN B 206 22.69 25.33 18.67
N GLY B 207 23.31 24.15 18.78
CA GLY B 207 23.23 23.41 20.03
C GLY B 207 21.97 22.66 20.45
N ASP B 208 21.28 22.00 19.51
CA ASP B 208 20.10 21.19 19.82
C ASP B 208 20.22 19.78 19.22
N LEU B 209 19.44 18.86 19.80
CA LEU B 209 19.40 17.48 19.31
C LEU B 209 18.29 17.38 18.28
N ILE B 210 18.53 16.58 17.25
CA ILE B 210 17.58 16.37 16.17
C ILE B 210 17.79 15.06 15.37
N CYS B 211 16.71 14.33 15.13
CA CYS B 211 16.81 13.06 14.44
C CYS B 211 16.91 13.23 12.97
N LEU B 212 18.02 12.85 12.37
CA LEU B 212 18.12 13.03 10.93
C LEU B 212 17.72 11.87 10.02
N ASP B 213 17.56 10.69 10.59
CA ASP B 213 17.26 9.50 9.81
C ASP B 213 16.71 8.41 10.74
N GLY B 214 15.71 7.67 10.27
CA GLY B 214 15.15 6.65 11.13
C GLY B 214 14.80 5.35 10.44
N LYS B 215 15.12 4.26 11.11
CA LYS B 215 14.82 2.96 10.59
C LYS B 215 13.90 2.36 11.60
N LEU B 216 12.69 1.98 11.21
CA LEU B 216 11.82 1.34 12.15
C LEU B 216 11.46 -0.07 11.72
N GLY B 217 11.41 -0.99 12.67
CA GLY B 217 11.02 -2.35 12.36
C GLY B 217 9.88 -2.71 13.27
N ALA B 218 8.79 -3.19 12.71
CA ALA B 218 7.66 -3.58 13.54
C ALA B 218 7.52 -5.11 13.63
N ASP B 219 6.95 -5.58 14.72
CA ASP B 219 6.79 -7.00 14.94
C ASP B 219 5.56 -7.54 14.23
N GLY B 220 5.83 -8.25 13.14
CA GLY B 220 4.77 -8.81 12.32
C GLY B 220 3.70 -9.52 13.13
N ASN B 221 4.12 -10.24 14.17
CA ASN B 221 3.17 -10.99 14.98
C ASN B 221 2.10 -10.12 15.65
N ALA B 222 2.46 -8.85 15.86
CA ALA B 222 1.56 -7.93 16.51
C ALA B 222 0.66 -7.04 15.64
N LEU B 223 0.74 -7.18 14.31
CA LEU B 223 -0.09 -6.31 13.47
C LEU B 223 -1.57 -6.31 13.82
N PHE B 224 -2.09 -7.42 14.29
CA PHE B 224 -3.47 -7.42 14.65
C PHE B 224 -3.79 -6.37 15.71
N ARG B 225 -2.82 -5.81 16.42
CA ARG B 225 -3.22 -4.82 17.40
C ARG B 225 -2.59 -3.47 17.16
N GLN B 226 -2.03 -3.31 15.97
CA GLN B 226 -1.44 -2.07 15.55
C GLN B 226 -2.00 -1.77 14.15
N PRO B 227 -3.32 -1.53 14.06
CA PRO B 227 -4.02 -1.23 12.81
C PRO B 227 -3.41 -0.13 11.98
N ASP B 228 -2.98 0.96 12.61
CA ASP B 228 -2.36 2.08 11.89
C ASP B 228 -1.12 1.61 11.13
N LEU B 229 -0.31 0.80 11.79
CA LEU B 229 0.88 0.29 11.17
C LEU B 229 0.50 -0.67 10.11
N ARG B 230 -0.51 -1.48 10.36
CA ARG B 230 -0.89 -2.47 9.36
C ARG B 230 -0.99 -1.81 8.00
N GLU B 231 -1.49 -0.58 7.98
CA GLU B 231 -1.68 0.13 6.73
C GLU B 231 -0.46 0.67 6.06
N MET B 232 0.63 0.87 6.77
CA MET B 232 1.79 1.44 6.14
C MET B 232 2.69 0.50 5.37
N ARG B 233 2.40 -0.79 5.38
CA ARG B 233 3.31 -1.69 4.67
C ARG B 233 3.36 -1.40 3.19
N ASP B 234 4.56 -1.47 2.63
CA ASP B 234 4.72 -1.18 1.22
C ASP B 234 5.18 -2.46 0.51
N GLN B 235 4.24 -3.19 -0.09
CA GLN B 235 4.54 -4.47 -0.77
C GLN B 235 5.61 -4.37 -1.84
N SER B 236 5.76 -3.18 -2.39
CA SER B 236 6.72 -2.93 -3.47
C SER B 236 8.19 -3.06 -3.09
N GLN B 237 8.49 -3.20 -1.80
CA GLN B 237 9.87 -3.30 -1.37
C GLN B 237 10.33 -4.74 -1.15
N GLU B 238 9.36 -5.63 -0.97
CA GLU B 238 9.66 -7.06 -0.74
C GLU B 238 9.39 -7.89 -1.99
N ASP B 239 9.98 -9.08 -2.03
CA ASP B 239 9.78 -10.02 -3.15
C ASP B 239 8.30 -10.39 -3.30
N PRO B 240 7.67 -10.01 -4.44
CA PRO B 240 6.25 -10.33 -4.65
C PRO B 240 5.78 -11.73 -4.34
N ARG B 241 6.64 -12.73 -4.49
CA ARG B 241 6.26 -14.13 -4.25
C ARG B 241 6.16 -14.41 -2.75
N GLU B 242 7.08 -13.82 -1.98
CA GLU B 242 7.06 -14.02 -0.56
C GLU B 242 5.63 -13.84 -0.13
N ALA B 243 5.01 -12.76 -0.59
CA ALA B 243 3.64 -12.45 -0.19
C ALA B 243 2.63 -13.35 -0.85
N GLN B 244 2.90 -13.68 -2.11
CA GLN B 244 2.02 -14.51 -2.89
C GLN B 244 1.96 -15.89 -2.26
N ALA B 245 3.04 -16.30 -1.60
CA ALA B 245 3.12 -17.61 -0.95
C ALA B 245 2.41 -17.61 0.39
N ALA B 246 2.44 -16.49 1.11
CA ALA B 246 1.81 -16.42 2.40
C ALA B 246 0.32 -16.67 2.29
N GLN B 247 -0.30 -16.19 1.23
CA GLN B 247 -1.74 -16.36 1.05
C GLN B 247 -2.15 -17.81 1.08
N TRP B 248 -1.19 -18.70 0.82
CA TRP B 248 -1.47 -20.12 0.85
C TRP B 248 -0.72 -20.82 1.95
N GLU B 249 -0.47 -20.10 3.04
CA GLU B 249 0.21 -20.69 4.18
C GLU B 249 1.55 -21.32 3.82
N LEU B 250 2.31 -20.69 2.94
CA LEU B 250 3.60 -21.21 2.55
C LEU B 250 4.68 -20.19 2.87
N ASN B 251 5.77 -20.62 3.51
CA ASN B 251 6.87 -19.73 3.83
C ASN B 251 7.93 -19.91 2.77
N TYR B 252 8.08 -18.90 1.90
CA TYR B 252 9.03 -18.95 0.77
C TYR B 252 10.22 -17.98 0.85
N VAL B 253 11.34 -18.34 0.24
CA VAL B 253 12.50 -17.47 0.22
C VAL B 253 13.34 -17.89 -0.97
N ALA B 254 13.80 -16.94 -1.75
CA ALA B 254 14.58 -17.27 -2.91
C ALA B 254 16.07 -17.20 -2.66
N LEU B 255 16.79 -18.22 -3.09
CA LEU B 255 18.23 -18.22 -2.97
C LEU B 255 18.64 -18.24 -4.41
N ASP B 256 19.88 -18.64 -4.69
CA ASP B 256 20.31 -18.68 -6.09
C ASP B 256 21.15 -19.92 -6.38
N GLY B 257 20.42 -20.99 -6.70
CA GLY B 257 21.04 -22.26 -7.03
C GLY B 257 20.13 -22.88 -8.05
N ASN B 258 20.28 -24.19 -8.29
CA ASN B 258 19.47 -24.87 -9.29
C ASN B 258 18.53 -25.96 -8.79
N ILE B 259 18.59 -26.35 -7.51
CA ILE B 259 17.68 -27.38 -7.03
C ILE B 259 16.62 -26.86 -6.07
N GLY B 260 15.36 -26.95 -6.48
CA GLY B 260 14.26 -26.50 -5.64
C GLY B 260 13.91 -27.50 -4.55
N CYS B 261 13.41 -27.00 -3.41
CA CYS B 261 13.03 -27.87 -2.31
C CYS B 261 11.65 -27.52 -1.87
N MET B 262 10.91 -28.55 -1.52
CA MET B 262 9.58 -28.36 -1.03
C MET B 262 9.61 -29.30 0.11
N VAL B 263 9.63 -28.78 1.34
CA VAL B 263 9.70 -29.60 2.53
C VAL B 263 8.65 -29.17 3.53
N ASN B 264 8.22 -30.04 4.44
CA ASN B 264 7.21 -29.59 5.43
C ASN B 264 7.78 -29.40 6.82
N GLY B 265 7.87 -28.15 7.25
CA GLY B 265 8.44 -27.82 8.54
C GLY B 265 9.70 -27.00 8.30
N ALA B 266 9.93 -25.96 9.08
CA ALA B 266 11.09 -25.13 8.85
C ALA B 266 12.42 -25.83 9.17
N GLY B 267 12.44 -26.64 10.22
CA GLY B 267 13.68 -27.33 10.57
C GLY B 267 14.14 -28.25 9.46
N LEU B 268 13.24 -29.12 9.03
CA LEU B 268 13.54 -30.07 7.98
C LEU B 268 13.81 -29.33 6.69
N ALA B 269 13.22 -28.16 6.54
CA ALA B 269 13.46 -27.38 5.35
C ALA B 269 14.89 -26.87 5.29
N MET B 270 15.39 -26.33 6.39
CA MET B 270 16.75 -25.86 6.38
C MET B 270 17.65 -27.07 6.35
N GLY B 271 17.31 -28.08 7.14
CA GLY B 271 18.11 -29.31 7.18
C GLY B 271 18.36 -29.91 5.79
N THR B 272 17.29 -30.01 5.01
CA THR B 272 17.32 -30.52 3.66
C THR B 272 18.23 -29.69 2.78
N MET B 273 18.00 -28.39 2.72
CA MET B 273 18.86 -27.57 1.90
C MET B 273 20.35 -27.83 2.20
N ASP B 274 20.67 -28.02 3.47
CA ASP B 274 22.06 -28.25 3.87
C ASP B 274 22.68 -29.58 3.37
N ILE B 275 21.83 -30.62 3.33
CA ILE B 275 22.25 -31.94 2.88
C ILE B 275 22.33 -31.98 1.35
N VAL B 276 21.86 -30.94 0.68
CA VAL B 276 21.93 -30.90 -0.77
C VAL B 276 23.21 -30.17 -1.11
N LYS B 277 23.60 -29.27 -0.22
CA LYS B 277 24.83 -28.50 -0.44
C LYS B 277 25.97 -29.44 -0.12
N LEU B 278 25.71 -30.32 0.85
CA LEU B 278 26.70 -31.28 1.30
C LEU B 278 27.16 -32.22 0.18
N HIS B 279 26.25 -32.58 -0.72
CA HIS B 279 26.60 -33.45 -1.84
C HIS B 279 26.75 -32.70 -3.16
N GLY B 280 27.35 -31.51 -3.10
CA GLY B 280 27.64 -30.68 -4.27
C GLY B 280 26.55 -29.97 -5.05
N GLY B 281 25.35 -29.90 -4.49
CA GLY B 281 24.27 -29.21 -5.19
C GLY B 281 24.06 -27.83 -4.60
N GLU B 282 23.33 -26.98 -5.31
CA GLU B 282 23.02 -25.63 -4.82
C GLU B 282 21.52 -25.47 -4.59
N PRO B 283 21.09 -25.37 -3.33
CA PRO B 283 19.64 -25.22 -3.14
C PRO B 283 19.23 -23.90 -3.70
N ALA B 284 18.13 -23.89 -4.43
CA ALA B 284 17.62 -22.67 -5.07
C ALA B 284 16.58 -21.91 -4.27
N ASN B 285 16.20 -22.44 -3.12
CA ASN B 285 15.19 -21.79 -2.30
C ASN B 285 14.88 -22.61 -1.04
N PHE B 286 14.10 -21.99 -0.16
CA PHE B 286 13.65 -22.61 1.07
C PHE B 286 12.13 -22.47 0.99
N LEU B 287 11.39 -23.55 1.12
CA LEU B 287 9.94 -23.43 1.08
C LEU B 287 9.42 -24.40 2.08
N ASP B 288 8.66 -23.88 3.03
CA ASP B 288 8.07 -24.69 4.09
C ASP B 288 6.56 -24.83 3.83
N VAL B 289 6.11 -26.06 3.63
CA VAL B 289 4.70 -26.32 3.38
C VAL B 289 3.96 -26.39 4.70
N GLY B 290 3.22 -25.33 4.97
CA GLY B 290 2.47 -25.22 6.22
C GLY B 290 1.47 -26.31 6.59
N GLY B 291 0.21 -26.07 6.19
CA GLY B 291 -0.87 -27.01 6.51
C GLY B 291 -1.15 -28.21 5.61
N GLY B 292 -0.34 -29.27 5.76
CA GLY B 292 -0.54 -30.48 4.97
C GLY B 292 -0.74 -30.29 3.48
N ALA B 293 0.04 -31.09 2.78
CA ALA B 293 0.08 -31.10 1.34
C ALA B 293 -1.19 -31.42 0.58
N THR B 294 -2.23 -30.59 0.67
CA THR B 294 -3.42 -30.88 -0.11
C THR B 294 -3.03 -30.74 -1.58
N LYS B 295 -3.87 -31.27 -2.46
CA LYS B 295 -3.59 -31.19 -3.89
C LYS B 295 -3.27 -29.78 -4.34
N GLU B 296 -4.14 -28.83 -3.99
CA GLU B 296 -3.95 -27.44 -4.40
C GLU B 296 -2.67 -26.84 -3.84
N ARG B 297 -2.51 -26.92 -2.52
CA ARG B 297 -1.34 -26.35 -1.88
C ARG B 297 -0.04 -26.80 -2.54
N VAL B 298 0.07 -28.08 -2.89
CA VAL B 298 1.29 -28.56 -3.51
C VAL B 298 1.52 -27.91 -4.86
N THR B 299 0.43 -27.80 -5.59
CA THR B 299 0.46 -27.18 -6.88
C THR B 299 1.11 -25.81 -6.74
N GLU B 300 0.41 -24.87 -6.08
CA GLU B 300 0.94 -23.53 -5.90
C GLU B 300 2.37 -23.55 -5.46
N ALA B 301 2.73 -24.53 -4.63
CA ALA B 301 4.10 -24.65 -4.17
C ALA B 301 5.01 -24.81 -5.39
N PHE B 302 4.62 -25.63 -6.35
CA PHE B 302 5.43 -25.81 -7.55
C PHE B 302 5.39 -24.52 -8.34
N LYS B 303 4.17 -24.08 -8.62
CA LYS B 303 3.97 -22.86 -9.34
C LYS B 303 4.99 -21.80 -8.94
N ILE B 304 5.31 -21.76 -7.66
CA ILE B 304 6.24 -20.77 -7.18
C ILE B 304 7.70 -21.17 -7.35
N ILE B 305 8.06 -22.37 -6.91
CA ILE B 305 9.45 -22.79 -7.01
C ILE B 305 9.93 -22.69 -8.46
N LEU B 306 9.03 -22.98 -9.39
CA LEU B 306 9.38 -22.97 -10.79
C LEU B 306 9.28 -21.64 -11.55
N SER B 307 9.01 -20.54 -10.86
CA SER B 307 8.92 -19.25 -11.53
C SER B 307 10.32 -18.75 -11.77
N ASP B 308 11.29 -19.49 -11.21
CA ASP B 308 12.71 -19.18 -11.32
C ASP B 308 13.25 -20.00 -12.50
N ASP B 309 13.79 -19.36 -13.52
CA ASP B 309 14.31 -20.11 -14.64
C ASP B 309 15.52 -20.94 -14.35
N LYS B 310 16.31 -20.52 -13.37
CA LYS B 310 17.53 -21.24 -13.00
C LYS B 310 17.33 -22.68 -12.47
N VAL B 311 16.11 -23.02 -12.03
CA VAL B 311 15.86 -24.35 -11.49
C VAL B 311 15.97 -25.41 -12.54
N LYS B 312 16.57 -26.53 -12.16
CA LYS B 312 16.75 -27.68 -13.06
C LYS B 312 16.40 -29.05 -12.42
N ALA B 313 15.67 -29.02 -11.31
CA ALA B 313 15.30 -30.21 -10.59
C ALA B 313 14.53 -29.81 -9.32
N VAL B 314 13.60 -30.62 -8.88
CA VAL B 314 12.91 -30.27 -7.66
C VAL B 314 12.88 -31.43 -6.69
N LEU B 315 13.26 -31.13 -5.46
CA LEU B 315 13.30 -32.15 -4.41
C LEU B 315 12.17 -32.05 -3.39
N VAL B 316 11.20 -32.95 -3.45
CA VAL B 316 10.17 -32.93 -2.44
C VAL B 316 10.64 -33.80 -1.29
N ASN B 317 10.20 -33.50 -0.08
CA ASN B 317 10.61 -34.26 1.09
C ASN B 317 9.57 -34.08 2.19
N ILE B 318 8.64 -35.01 2.31
CA ILE B 318 7.57 -34.90 3.30
C ILE B 318 7.73 -35.96 4.36
N PHE B 319 7.69 -35.58 5.62
CA PHE B 319 7.84 -36.54 6.75
C PHE B 319 6.66 -36.32 7.72
N GLY B 320 5.89 -37.36 8.00
CA GLY B 320 4.77 -37.19 8.89
C GLY B 320 3.62 -36.42 8.25
N GLY B 321 3.22 -35.33 8.92
CA GLY B 321 2.16 -34.49 8.41
C GLY B 321 0.77 -34.99 8.79
N ILE B 322 -0.26 -34.37 8.24
CA ILE B 322 -1.63 -34.75 8.53
C ILE B 322 -2.31 -35.39 7.29
N VAL B 323 -1.50 -35.86 6.35
CA VAL B 323 -2.01 -36.50 5.14
C VAL B 323 -1.35 -37.84 4.86
N ARG B 324 -2.21 -38.82 4.51
CA ARG B 324 -1.76 -40.18 4.19
C ARG B 324 -0.74 -40.06 3.05
N CYS B 325 0.52 -40.39 3.32
CA CYS B 325 1.57 -40.29 2.31
C CYS B 325 1.17 -40.81 0.91
N ASP B 326 -0.03 -41.35 0.76
CA ASP B 326 -0.45 -41.80 -0.58
C ASP B 326 -1.22 -40.71 -1.36
N LEU B 327 -1.99 -39.87 -0.66
CA LEU B 327 -2.75 -38.76 -1.27
C LEU B 327 -1.80 -37.59 -1.64
N ILE B 328 -0.63 -37.63 -1.03
CA ILE B 328 0.41 -36.66 -1.29
C ILE B 328 0.96 -37.03 -2.67
N ALA B 329 1.33 -38.30 -2.85
CA ALA B 329 1.85 -38.78 -4.13
C ALA B 329 0.77 -38.52 -5.19
N ASP B 330 -0.48 -38.78 -4.85
CA ASP B 330 -1.60 -38.53 -5.77
C ASP B 330 -1.55 -37.06 -6.18
N GLY B 331 -1.42 -36.17 -5.20
CA GLY B 331 -1.37 -34.75 -5.51
C GLY B 331 -0.15 -34.33 -6.31
N ILE B 332 1.01 -34.86 -5.93
CA ILE B 332 2.24 -34.52 -6.62
C ILE B 332 2.11 -34.81 -8.10
N ILE B 333 1.63 -35.99 -8.44
CA ILE B 333 1.45 -36.35 -9.82
C ILE B 333 0.51 -35.38 -10.53
N GLY B 334 -0.66 -35.19 -9.96
CA GLY B 334 -1.58 -34.27 -10.60
C GLY B 334 -0.88 -32.94 -10.82
N ALA B 335 -0.25 -32.47 -9.75
CA ALA B 335 0.43 -31.20 -9.78
C ALA B 335 1.37 -31.12 -10.96
N VAL B 336 2.20 -32.13 -11.12
CA VAL B 336 3.14 -32.14 -12.23
C VAL B 336 2.50 -32.04 -13.60
N ALA B 337 1.62 -32.96 -13.94
CA ALA B 337 1.01 -32.94 -15.27
C ALA B 337 0.13 -31.72 -15.60
N GLU B 338 -0.41 -31.07 -14.56
CA GLU B 338 -1.24 -29.88 -14.72
C GLU B 338 -0.43 -28.55 -14.84
N VAL B 339 0.57 -28.35 -13.98
CA VAL B 339 1.42 -27.16 -14.08
C VAL B 339 2.24 -27.23 -15.37
N GLY B 340 2.65 -28.45 -15.70
CA GLY B 340 3.45 -28.65 -16.87
C GLY B 340 4.88 -28.56 -16.40
N VAL B 341 5.28 -29.53 -15.59
CA VAL B 341 6.63 -29.59 -15.05
C VAL B 341 7.60 -30.31 -15.98
N ASN B 342 8.74 -29.68 -16.23
CA ASN B 342 9.74 -30.21 -17.13
C ASN B 342 10.81 -30.93 -16.42
N VAL B 343 11.36 -30.28 -15.45
CA VAL B 343 12.46 -30.89 -14.76
C VAL B 343 12.12 -32.16 -13.98
N PRO B 344 13.17 -32.88 -13.56
CA PRO B 344 13.13 -34.11 -12.78
C PRO B 344 12.67 -33.81 -11.37
N VAL B 345 11.76 -34.63 -10.85
CA VAL B 345 11.26 -34.46 -9.50
C VAL B 345 11.62 -35.67 -8.62
N VAL B 346 12.20 -35.40 -7.46
CA VAL B 346 12.56 -36.47 -6.56
C VAL B 346 11.79 -36.46 -5.25
N VAL B 347 10.74 -37.26 -5.14
CA VAL B 347 9.96 -37.33 -3.91
C VAL B 347 10.65 -38.22 -2.87
N ARG B 348 10.38 -37.96 -1.61
CA ARG B 348 10.94 -38.76 -0.51
C ARG B 348 9.87 -38.77 0.55
N LEU B 349 9.21 -39.90 0.74
CA LEU B 349 8.15 -39.95 1.73
C LEU B 349 8.53 -40.78 2.93
N GLU B 350 7.79 -40.58 4.02
CA GLU B 350 7.98 -41.32 5.26
C GLU B 350 6.72 -41.16 6.06
N GLY B 351 6.24 -42.27 6.62
CA GLY B 351 5.01 -42.27 7.41
C GLY B 351 4.04 -43.40 7.07
N ASN B 352 2.78 -43.04 6.86
CA ASN B 352 1.71 -44.01 6.54
C ASN B 352 1.48 -44.29 5.04
N ASN B 353 1.33 -45.57 4.69
CA ASN B 353 1.14 -45.98 3.29
C ASN B 353 2.34 -45.55 2.43
N ALA B 354 3.36 -45.03 3.12
CA ALA B 354 4.58 -44.55 2.51
C ALA B 354 5.17 -45.46 1.44
N GLU B 355 5.01 -46.77 1.55
CA GLU B 355 5.63 -47.51 0.49
C GLU B 355 4.77 -47.80 -0.71
N LEU B 356 3.44 -47.64 -0.58
CA LEU B 356 2.58 -47.84 -1.75
C LEU B 356 2.54 -46.52 -2.46
N GLY B 357 2.73 -45.44 -1.71
CA GLY B 357 2.72 -44.11 -2.31
C GLY B 357 3.89 -44.00 -3.25
N ALA B 358 5.03 -44.54 -2.81
CA ALA B 358 6.24 -44.54 -3.62
C ALA B 358 5.99 -45.28 -4.93
N LYS B 359 5.32 -46.43 -4.86
CA LYS B 359 4.99 -47.23 -6.03
C LYS B 359 4.16 -46.37 -6.99
N LYS B 360 3.05 -45.86 -6.49
CA LYS B 360 2.15 -45.02 -7.29
C LYS B 360 2.91 -43.94 -8.09
N LEU B 361 4.11 -43.59 -7.64
CA LEU B 361 4.91 -42.60 -8.32
C LEU B 361 5.81 -43.28 -9.37
N ALA B 362 6.31 -44.49 -9.09
CA ALA B 362 7.16 -45.18 -10.07
C ALA B 362 6.33 -45.70 -11.25
N ASP B 363 5.06 -46.00 -10.98
CA ASP B 363 4.16 -46.48 -12.01
C ASP B 363 3.73 -45.31 -12.90
N SER B 364 3.44 -44.18 -12.27
CA SER B 364 2.96 -42.97 -12.95
C SER B 364 3.61 -42.71 -14.30
N GLY B 365 4.88 -43.10 -14.38
CA GLY B 365 5.64 -42.95 -15.61
C GLY B 365 6.16 -41.57 -16.00
N LEU B 366 5.89 -40.54 -15.19
CA LEU B 366 6.37 -39.17 -15.42
C LEU B 366 7.82 -39.17 -14.96
N ASN B 367 8.45 -38.02 -14.86
CA ASN B 367 9.81 -38.07 -14.43
C ASN B 367 9.84 -37.84 -12.96
N ILE B 368 9.54 -38.88 -12.22
CA ILE B 368 9.50 -38.81 -10.76
C ILE B 368 10.28 -39.97 -10.17
N ILE B 369 11.16 -39.67 -9.23
CA ILE B 369 11.98 -40.71 -8.63
C ILE B 369 11.68 -40.91 -7.15
N ALA B 370 11.22 -42.09 -6.77
CA ALA B 370 10.95 -42.36 -5.36
C ALA B 370 12.30 -42.75 -4.80
N ALA B 371 12.79 -41.95 -3.86
CA ALA B 371 14.10 -42.21 -3.26
C ALA B 371 13.95 -43.07 -2.05
N LYS B 372 15.01 -43.81 -1.74
CA LYS B 372 15.02 -44.71 -0.58
C LYS B 372 15.71 -43.97 0.55
N GLY B 373 14.93 -43.29 1.38
CA GLY B 373 15.54 -42.53 2.46
C GLY B 373 16.24 -41.19 2.14
N LEU B 374 16.73 -40.54 3.18
CA LEU B 374 17.38 -39.26 3.04
C LEU B 374 18.65 -39.14 2.17
N THR B 375 19.74 -39.79 2.59
CA THR B 375 21.01 -39.71 1.86
C THR B 375 20.94 -40.13 0.41
N ASP B 376 19.87 -40.82 0.04
CA ASP B 376 19.68 -41.25 -1.34
C ASP B 376 19.08 -40.05 -2.09
N ALA B 377 17.86 -39.66 -1.70
CA ALA B 377 17.15 -38.55 -2.32
C ALA B 377 18.10 -37.45 -2.61
N ALA B 378 19.05 -37.27 -1.71
CA ALA B 378 20.05 -36.24 -1.87
C ALA B 378 20.80 -36.45 -3.19
N GLN B 379 21.65 -37.49 -3.24
CA GLN B 379 22.45 -37.84 -4.42
C GLN B 379 21.68 -37.96 -5.73
N GLN B 380 20.44 -38.44 -5.65
CA GLN B 380 19.64 -38.58 -6.83
C GLN B 380 19.34 -37.27 -7.54
N VAL B 381 19.00 -36.21 -6.79
CA VAL B 381 18.72 -34.91 -7.41
C VAL B 381 20.03 -34.29 -7.82
N VAL B 382 21.02 -34.37 -6.93
CA VAL B 382 22.35 -33.82 -7.20
C VAL B 382 22.86 -34.43 -8.50
N ALA B 383 22.50 -35.70 -8.72
CA ALA B 383 22.89 -36.42 -9.92
C ALA B 383 22.20 -35.89 -11.21
N ALA B 384 20.88 -35.71 -11.16
CA ALA B 384 20.14 -35.26 -12.32
C ALA B 384 20.44 -33.83 -12.79
N VAL B 385 21.67 -33.38 -12.54
CA VAL B 385 22.10 -32.04 -12.92
C VAL B 385 23.61 -32.01 -13.32
N SER C 1 -15.08 43.41 -27.26
CA SER C 1 -14.01 43.30 -26.22
C SER C 1 -14.65 43.24 -24.83
N ILE C 2 -14.28 42.20 -24.05
CA ILE C 2 -14.78 42.04 -22.68
C ILE C 2 -13.65 41.75 -21.69
N LEU C 3 -14.01 41.77 -20.41
CA LEU C 3 -13.12 41.51 -19.28
C LEU C 3 -11.92 42.41 -19.21
N ILE C 4 -11.07 42.41 -20.21
CA ILE C 4 -9.94 43.31 -20.10
C ILE C 4 -9.60 44.06 -21.40
N ASP C 5 -8.63 44.99 -21.31
CA ASP C 5 -8.16 45.83 -22.43
C ASP C 5 -6.88 46.60 -22.04
N LYS C 6 -6.21 47.16 -23.05
CA LYS C 6 -4.95 47.88 -22.85
C LYS C 6 -4.87 48.78 -21.63
N ASN C 7 -6.04 49.12 -21.09
CA ASN C 7 -6.14 49.99 -19.93
C ASN C 7 -6.33 49.30 -18.57
N THR C 8 -6.31 47.96 -18.57
CA THR C 8 -6.48 47.18 -17.36
C THR C 8 -5.13 47.03 -16.66
N LYS C 9 -5.02 47.47 -15.41
CA LYS C 9 -3.74 47.33 -14.67
C LYS C 9 -3.76 46.02 -13.86
N VAL C 10 -2.66 45.26 -13.92
CA VAL C 10 -2.58 43.96 -13.26
C VAL C 10 -1.40 43.67 -12.31
N ILE C 11 -1.69 43.01 -11.20
CA ILE C 11 -0.64 42.59 -10.27
C ILE C 11 -0.76 41.09 -10.20
N CYS C 12 0.38 40.46 -9.98
CA CYS C 12 0.41 39.02 -9.93
C CYS C 12 0.91 38.53 -8.60
N GLN C 13 0.14 37.60 -8.05
CA GLN C 13 0.40 36.98 -6.76
C GLN C 13 1.18 35.70 -6.95
N GLY C 14 2.29 35.62 -6.25
CA GLY C 14 3.17 34.47 -6.38
C GLY C 14 3.97 34.88 -7.59
N PHE C 15 4.34 36.14 -7.61
CA PHE C 15 5.09 36.75 -8.69
C PHE C 15 6.57 36.33 -8.76
N THR C 16 7.19 35.98 -7.64
CA THR C 16 8.61 35.60 -7.66
C THR C 16 8.93 34.15 -7.95
N GLY C 17 7.90 33.36 -8.24
CA GLY C 17 8.11 31.93 -8.53
C GLY C 17 8.40 31.58 -9.97
N SER C 18 8.74 30.32 -10.22
CA SER C 18 9.04 29.84 -11.57
C SER C 18 7.93 30.21 -12.56
N GLN C 19 6.81 29.52 -12.49
CA GLN C 19 5.73 29.83 -13.43
C GLN C 19 5.30 31.29 -13.35
N GLY C 20 5.36 31.85 -12.16
CA GLY C 20 5.00 33.25 -12.00
C GLY C 20 5.92 34.14 -12.85
N THR C 21 7.23 33.97 -12.73
CA THR C 21 8.17 34.74 -13.51
C THR C 21 7.96 34.57 -15.02
N PHE C 22 8.20 33.34 -15.48
CA PHE C 22 8.05 32.95 -16.89
C PHE C 22 6.80 33.49 -17.57
N HIS C 23 5.65 33.34 -16.94
CA HIS C 23 4.44 33.83 -17.56
C HIS C 23 4.20 35.29 -17.44
N SER C 24 4.88 35.94 -16.53
CA SER C 24 4.67 37.37 -16.43
C SER C 24 5.50 37.97 -17.54
N GLU C 25 6.76 37.53 -17.64
CA GLU C 25 7.74 37.98 -18.63
C GLU C 25 7.14 38.11 -20.02
N GLN C 26 6.19 37.23 -20.30
CA GLN C 26 5.47 37.18 -21.56
C GLN C 26 4.41 38.24 -21.64
N ALA C 27 3.57 38.31 -20.62
CA ALA C 27 2.52 39.33 -20.61
C ALA C 27 3.17 40.70 -20.60
N ILE C 28 4.41 40.78 -20.10
CA ILE C 28 5.18 42.03 -20.09
C ILE C 28 5.49 42.42 -21.55
N ALA C 29 6.00 41.44 -22.30
CA ALA C 29 6.37 41.68 -23.67
C ALA C 29 5.18 41.85 -24.62
N TYR C 30 4.07 41.16 -24.40
CA TYR C 30 2.95 41.35 -25.31
C TYR C 30 2.42 42.74 -25.08
N GLY C 31 2.90 43.34 -23.99
CA GLY C 31 2.52 44.70 -23.61
C GLY C 31 1.32 44.87 -22.68
N THR C 32 1.13 43.92 -21.76
CA THR C 32 0.01 43.98 -20.79
C THR C 32 0.52 44.93 -19.69
N LYS C 33 -0.39 45.68 -19.07
CA LYS C 33 0.06 46.62 -18.06
C LYS C 33 0.25 46.05 -16.67
N MET C 34 1.26 45.23 -16.55
CA MET C 34 1.58 44.63 -15.27
C MET C 34 2.21 45.77 -14.52
N VAL C 35 1.73 46.01 -13.31
CA VAL C 35 2.22 47.11 -12.50
C VAL C 35 3.01 46.71 -11.28
N GLY C 36 3.15 45.39 -11.07
CA GLY C 36 3.88 44.81 -9.93
C GLY C 36 3.26 43.53 -9.33
N GLY C 37 4.01 42.87 -8.45
CA GLY C 37 3.51 41.63 -7.84
C GLY C 37 3.62 41.45 -6.32
N VAL C 38 3.04 40.38 -5.80
CA VAL C 38 3.05 40.12 -4.36
C VAL C 38 3.61 38.76 -3.91
N THR C 39 4.46 38.79 -2.88
CA THR C 39 5.06 37.57 -2.34
C THR C 39 5.46 37.83 -0.90
N PRO C 40 4.66 37.38 0.05
CA PRO C 40 4.92 37.56 1.48
C PRO C 40 6.32 37.26 2.02
N GLY C 41 6.98 38.31 2.45
CA GLY C 41 8.30 38.14 3.00
C GLY C 41 9.35 38.71 2.10
N LYS C 42 8.94 39.17 0.94
CA LYS C 42 9.87 39.74 -0.02
C LYS C 42 9.51 41.17 -0.44
N GLY C 43 8.62 41.81 0.30
CA GLY C 43 8.20 43.16 -0.05
C GLY C 43 9.34 44.13 0.05
N GLY C 44 9.36 45.10 -0.87
CA GLY C 44 10.40 46.10 -0.86
C GLY C 44 11.54 45.83 -1.81
N THR C 45 11.28 44.99 -2.81
CA THR C 45 12.29 44.68 -3.82
C THR C 45 11.63 44.82 -5.19
N THR C 46 12.44 44.57 -6.21
CA THR C 46 11.97 44.67 -7.59
C THR C 46 12.24 43.33 -8.27
N HIS C 47 11.36 42.93 -9.18
CA HIS C 47 11.53 41.66 -9.85
C HIS C 47 11.81 41.74 -11.37
N LEU C 48 10.77 41.95 -12.16
CA LEU C 48 10.99 42.10 -13.60
C LEU C 48 10.93 43.60 -13.85
N GLY C 49 11.70 44.33 -13.03
CA GLY C 49 11.70 45.78 -13.13
C GLY C 49 10.45 46.36 -12.48
N LEU C 50 9.54 45.50 -12.01
CA LEU C 50 8.35 46.00 -11.35
C LEU C 50 8.56 45.90 -9.80
N PRO C 51 7.65 46.52 -8.99
CA PRO C 51 7.78 46.48 -7.53
C PRO C 51 7.05 45.29 -6.90
N VAL C 52 7.67 44.72 -5.88
CA VAL C 52 7.11 43.57 -5.17
C VAL C 52 6.63 43.92 -3.77
N PHE C 53 5.41 43.51 -3.42
CA PHE C 53 4.91 43.83 -2.10
C PHE C 53 4.67 42.66 -1.18
N ASN C 54 4.47 42.97 0.11
CA ASN C 54 4.20 41.96 1.08
C ASN C 54 2.75 41.63 1.06
N THR C 55 1.84 42.59 0.99
CA THR C 55 0.42 42.21 0.94
C THR C 55 -0.36 42.63 -0.27
N VAL C 56 -1.53 42.06 -0.48
CA VAL C 56 -2.30 42.43 -1.65
C VAL C 56 -2.84 43.81 -1.47
N ARG C 57 -3.02 44.22 -0.23
CA ARG C 57 -3.50 45.57 0.02
C ARG C 57 -2.34 46.58 -0.30
N GLU C 58 -1.19 46.45 0.36
CA GLU C 58 -0.07 47.36 0.07
C GLU C 58 0.03 47.64 -1.42
N ALA C 59 -0.25 46.63 -2.23
CA ALA C 59 -0.17 46.78 -3.67
C ALA C 59 -1.31 47.60 -4.24
N VAL C 60 -2.53 47.17 -3.99
CA VAL C 60 -3.67 47.87 -4.50
C VAL C 60 -3.68 49.33 -4.07
N ALA C 61 -2.85 49.70 -3.10
CA ALA C 61 -2.80 51.10 -2.70
C ALA C 61 -1.80 51.72 -3.64
N ALA C 62 -0.53 51.45 -3.39
CA ALA C 62 0.54 51.98 -4.18
C ALA C 62 0.44 51.90 -5.72
N THR C 63 -0.51 51.14 -6.28
CA THR C 63 -0.59 51.05 -7.75
C THR C 63 -1.97 51.27 -8.30
N GLY C 64 -2.98 50.98 -7.52
CA GLY C 64 -4.35 51.18 -8.01
C GLY C 64 -4.78 50.18 -9.06
N ALA C 65 -4.15 48.99 -9.02
CA ALA C 65 -4.42 47.86 -9.92
C ALA C 65 -5.82 47.32 -9.67
N THR C 66 -6.46 46.72 -10.66
CA THR C 66 -7.81 46.23 -10.37
C THR C 66 -8.04 44.75 -10.68
N ALA C 67 -6.99 44.10 -11.16
CA ALA C 67 -7.07 42.69 -11.48
C ALA C 67 -5.80 42.04 -11.03
N SER C 68 -5.98 40.80 -10.59
CA SER C 68 -4.88 39.99 -10.10
C SER C 68 -4.96 38.60 -10.72
N VAL C 69 -3.77 38.14 -11.07
CA VAL C 69 -3.57 36.84 -11.65
C VAL C 69 -2.75 36.04 -10.60
N ILE C 70 -3.25 34.84 -10.28
CA ILE C 70 -2.61 34.00 -9.29
C ILE C 70 -1.88 32.75 -9.79
N TYR C 71 -0.63 32.65 -9.35
CA TYR C 71 0.25 31.53 -9.66
C TYR C 71 0.70 30.99 -8.30
N VAL C 72 -0.23 30.60 -7.46
CA VAL C 72 0.19 30.09 -6.19
C VAL C 72 -0.25 28.66 -6.01
N PRO C 73 0.64 27.83 -5.44
CA PRO C 73 0.47 26.40 -5.14
C PRO C 73 -0.88 26.12 -4.51
N ALA C 74 -1.55 25.05 -4.93
CA ALA C 74 -2.85 24.70 -4.40
C ALA C 74 -3.04 24.82 -2.86
N PRO C 75 -2.16 24.22 -2.10
CA PRO C 75 -2.28 24.27 -0.65
C PRO C 75 -2.55 25.61 -0.02
N PHE C 76 -2.21 26.68 -0.73
CA PHE C 76 -2.36 28.05 -0.20
C PHE C 76 -3.23 28.93 -1.09
N CYS C 77 -3.71 28.36 -2.17
CA CYS C 77 -4.50 29.13 -3.09
C CYS C 77 -5.73 29.74 -2.47
N LYS C 78 -6.52 28.94 -1.77
CA LYS C 78 -7.69 29.49 -1.14
C LYS C 78 -7.38 30.74 -0.28
N ASP C 79 -6.25 30.73 0.40
CA ASP C 79 -5.89 31.84 1.28
C ASP C 79 -5.56 33.11 0.54
N SER C 80 -5.13 33.00 -0.70
CA SER C 80 -4.82 34.22 -1.43
C SER C 80 -5.96 34.60 -2.37
N ILE C 81 -6.79 33.67 -2.81
CA ILE C 81 -7.93 34.10 -3.62
C ILE C 81 -8.75 34.93 -2.65
N LEU C 82 -8.64 34.65 -1.35
CA LEU C 82 -9.41 35.41 -0.35
C LEU C 82 -8.76 36.71 0.08
N GLU C 83 -7.45 36.71 0.26
CA GLU C 83 -6.80 37.95 0.63
C GLU C 83 -7.09 38.92 -0.48
N ALA C 84 -7.11 38.48 -1.77
CA ALA C 84 -7.40 39.37 -2.92
C ALA C 84 -8.74 40.01 -2.67
N ILE C 85 -9.81 39.23 -2.69
CA ILE C 85 -11.15 39.77 -2.44
C ILE C 85 -11.22 40.82 -1.33
N ASP C 86 -10.52 40.60 -0.21
CA ASP C 86 -10.54 41.56 0.89
C ASP C 86 -9.92 42.93 0.57
N ALA C 87 -8.76 42.94 -0.08
CA ALA C 87 -8.14 44.23 -0.44
C ALA C 87 -8.92 44.85 -1.63
N GLY C 88 -10.13 44.33 -1.89
CA GLY C 88 -11.01 44.82 -2.95
C GLY C 88 -10.46 44.84 -4.37
N ILE C 89 -10.12 43.68 -4.91
CA ILE C 89 -9.64 43.57 -6.28
C ILE C 89 -10.90 43.18 -6.93
N LYS C 90 -11.09 43.57 -8.19
CA LYS C 90 -12.35 43.25 -8.86
C LYS C 90 -12.35 42.18 -9.97
N LEU C 91 -11.16 41.77 -10.40
CA LEU C 91 -11.03 40.73 -11.40
C LEU C 91 -9.89 39.81 -10.99
N ILE C 92 -10.23 38.55 -10.71
CA ILE C 92 -9.23 37.57 -10.27
C ILE C 92 -9.03 36.45 -11.27
N ILE C 93 -7.79 36.23 -11.70
CA ILE C 93 -7.53 35.13 -12.62
C ILE C 93 -6.65 34.09 -11.91
N THR C 94 -7.15 32.88 -11.69
CA THR C 94 -6.32 31.89 -10.97
C THR C 94 -5.91 30.73 -11.81
N ILE C 95 -4.59 30.62 -12.05
CA ILE C 95 -4.05 29.55 -12.87
C ILE C 95 -3.99 28.21 -12.18
N THR C 96 -3.40 28.21 -10.99
CA THR C 96 -3.27 27.04 -10.13
C THR C 96 -4.18 25.91 -10.45
N GLU C 97 -3.62 24.70 -10.38
CA GLU C 97 -4.38 23.49 -10.63
C GLU C 97 -4.28 22.66 -9.40
N GLY C 98 -5.38 22.00 -9.08
CA GLY C 98 -5.34 21.13 -7.93
C GLY C 98 -5.94 21.65 -6.66
N ILE C 99 -6.73 22.71 -6.73
CA ILE C 99 -7.36 23.18 -5.52
C ILE C 99 -8.52 22.26 -5.10
N PRO C 100 -8.48 21.77 -3.86
CA PRO C 100 -9.47 20.88 -3.24
C PRO C 100 -10.87 21.33 -3.60
N THR C 101 -11.73 20.40 -4.02
CA THR C 101 -13.08 20.83 -4.40
C THR C 101 -13.82 21.66 -3.31
N LEU C 102 -13.77 21.21 -2.05
CA LEU C 102 -14.46 21.91 -0.96
C LEU C 102 -13.92 23.32 -0.71
N ASP C 103 -12.73 23.60 -1.21
CA ASP C 103 -12.18 24.93 -1.03
C ASP C 103 -12.89 25.83 -2.02
N MET C 104 -13.01 25.36 -3.25
CA MET C 104 -13.66 26.17 -4.25
C MET C 104 -15.07 26.38 -3.87
N LEU C 105 -15.70 25.33 -3.45
CA LEU C 105 -17.09 25.45 -3.07
C LEU C 105 -17.35 26.63 -2.12
N THR C 106 -16.47 26.78 -1.11
CA THR C 106 -16.61 27.89 -0.16
C THR C 106 -16.28 29.22 -0.82
N VAL C 107 -15.16 29.21 -1.54
CA VAL C 107 -14.66 30.39 -2.24
C VAL C 107 -15.67 30.97 -3.19
N LYS C 108 -16.30 30.14 -4.00
CA LYS C 108 -17.30 30.64 -4.91
C LYS C 108 -18.33 31.43 -4.14
N VAL C 109 -18.93 30.86 -3.09
CA VAL C 109 -19.92 31.62 -2.33
C VAL C 109 -19.46 33.02 -1.94
N LYS C 110 -18.19 33.19 -1.61
CA LYS C 110 -17.76 34.50 -1.20
C LYS C 110 -17.73 35.35 -2.44
N LEU C 111 -17.17 34.78 -3.52
CA LEU C 111 -17.02 35.46 -4.83
C LEU C 111 -18.28 36.11 -5.35
N ASP C 112 -19.43 35.48 -5.12
CA ASP C 112 -20.69 36.06 -5.56
C ASP C 112 -21.05 37.14 -4.55
N GLU C 113 -21.33 36.75 -3.31
CA GLU C 113 -21.66 37.70 -2.27
C GLU C 113 -20.87 39.02 -2.26
N ALA C 114 -19.58 39.02 -2.60
CA ALA C 114 -18.87 40.29 -2.57
C ALA C 114 -18.78 41.04 -3.91
N GLY C 115 -19.43 40.46 -4.94
CA GLY C 115 -19.48 41.01 -6.29
C GLY C 115 -18.19 40.99 -7.07
N VAL C 116 -17.28 40.09 -6.73
CA VAL C 116 -16.00 40.02 -7.43
C VAL C 116 -16.02 38.98 -8.52
N ARG C 117 -15.11 39.11 -9.47
CA ARG C 117 -15.06 38.17 -10.59
C ARG C 117 -13.79 37.33 -10.69
N MET C 118 -13.97 36.01 -10.74
CA MET C 118 -12.79 35.19 -10.89
C MET C 118 -13.01 34.33 -12.11
N ILE C 119 -11.93 34.14 -12.87
CA ILE C 119 -11.93 33.29 -14.04
C ILE C 119 -10.92 32.23 -13.67
N GLY C 120 -11.38 30.97 -13.74
CA GLY C 120 -10.57 29.82 -13.38
C GLY C 120 -11.25 28.98 -12.31
N PRO C 121 -10.49 28.22 -11.49
CA PRO C 121 -9.04 28.07 -11.49
C PRO C 121 -8.71 26.89 -12.42
N ASN C 122 -7.45 26.46 -12.48
CA ASN C 122 -7.01 25.35 -13.32
C ASN C 122 -6.91 25.69 -14.79
N CYS C 123 -5.75 26.23 -15.14
CA CYS C 123 -5.38 26.65 -16.49
C CYS C 123 -6.41 27.44 -17.25
N PRO C 124 -6.70 28.68 -16.81
CA PRO C 124 -7.69 29.32 -17.66
C PRO C 124 -6.90 30.23 -18.64
N GLY C 125 -7.34 31.49 -18.76
CA GLY C 125 -6.67 32.42 -19.64
C GLY C 125 -7.64 33.37 -20.31
N VAL C 126 -7.21 34.61 -20.42
CA VAL C 126 -8.02 35.64 -21.04
C VAL C 126 -7.10 36.53 -21.84
N ILE C 127 -7.45 36.69 -23.11
CA ILE C 127 -6.69 37.52 -24.05
C ILE C 127 -7.56 38.32 -25.05
N THR C 128 -7.26 39.62 -25.19
CA THR C 128 -7.97 40.49 -26.14
C THR C 128 -6.82 40.92 -27.04
N PRO C 129 -6.74 40.29 -28.23
CA PRO C 129 -5.72 40.48 -29.27
C PRO C 129 -5.29 41.92 -29.53
N GLY C 130 -3.98 42.11 -29.45
CA GLY C 130 -3.41 43.41 -29.70
C GLY C 130 -3.34 44.24 -28.43
N GLU C 131 -4.44 44.24 -27.69
CA GLU C 131 -4.54 44.99 -26.44
C GLU C 131 -3.98 44.29 -25.18
N CYS C 132 -4.58 43.17 -24.76
CA CYS C 132 -4.15 42.49 -23.52
C CYS C 132 -3.99 40.96 -23.45
N LYS C 133 -3.09 40.52 -22.59
CA LYS C 133 -2.87 39.08 -22.38
C LYS C 133 -2.39 38.69 -20.98
N ILE C 134 -3.18 37.83 -20.34
CA ILE C 134 -2.92 37.30 -19.02
C ILE C 134 -3.26 35.86 -19.18
N GLY C 135 -2.23 35.05 -19.12
CA GLY C 135 -2.46 33.64 -19.32
C GLY C 135 -1.16 33.05 -19.76
N ILE C 136 -1.24 31.78 -20.14
CA ILE C 136 -0.08 31.01 -20.56
C ILE C 136 0.05 30.79 -22.07
N GLN C 137 -0.98 31.20 -22.82
CA GLN C 137 -1.04 30.98 -24.26
C GLN C 137 -0.09 31.77 -25.20
N PRO C 138 0.11 31.27 -26.44
CA PRO C 138 0.97 31.87 -27.48
C PRO C 138 0.22 33.00 -28.19
N GLY C 139 0.77 34.21 -28.19
CA GLY C 139 0.07 35.34 -28.78
C GLY C 139 0.00 35.63 -30.27
N HIS C 140 0.85 34.95 -31.04
CA HIS C 140 0.90 35.17 -32.50
C HIS C 140 -0.09 34.41 -33.39
N ILE C 141 -0.96 33.58 -32.82
CA ILE C 141 -1.92 32.90 -33.68
C ILE C 141 -3.22 33.70 -33.69
N HIS C 142 -3.28 34.72 -32.82
CA HIS C 142 -4.46 35.59 -32.73
C HIS C 142 -4.34 36.81 -33.64
N LYS C 143 -5.49 37.38 -33.99
CA LYS C 143 -5.55 38.55 -34.84
C LYS C 143 -6.81 39.29 -34.38
N PRO C 144 -6.67 40.60 -34.09
CA PRO C 144 -7.78 41.45 -33.64
C PRO C 144 -8.99 41.26 -34.54
N GLY C 145 -10.05 40.65 -34.01
CA GLY C 145 -11.21 40.44 -34.85
C GLY C 145 -12.59 40.71 -34.28
N LYS C 146 -13.52 39.84 -34.68
CA LYS C 146 -14.93 39.94 -34.32
C LYS C 146 -15.58 38.65 -33.79
N VAL C 147 -14.78 37.68 -33.34
CA VAL C 147 -15.39 36.47 -32.81
C VAL C 147 -15.05 36.31 -31.37
N GLY C 148 -16.02 35.82 -30.61
CA GLY C 148 -15.81 35.56 -29.20
C GLY C 148 -15.77 34.07 -28.95
N ILE C 149 -14.88 33.66 -28.04
CA ILE C 149 -14.73 32.26 -27.68
C ILE C 149 -14.66 31.97 -26.18
N VAL C 150 -15.46 31.01 -25.72
CA VAL C 150 -15.44 30.54 -24.34
C VAL C 150 -15.17 29.05 -24.42
N SER C 151 -14.26 28.59 -23.57
CA SER C 151 -13.96 27.16 -23.58
C SER C 151 -13.44 26.62 -22.25
N ARG C 152 -13.78 25.37 -21.97
CA ARG C 152 -13.30 24.73 -20.77
C ARG C 152 -11.86 24.25 -21.09
N SER C 153 -11.67 23.58 -22.23
CA SER C 153 -10.31 23.18 -22.61
C SER C 153 -9.49 24.37 -23.10
N GLY C 154 -8.25 24.43 -22.67
CA GLY C 154 -7.36 25.50 -23.07
C GLY C 154 -6.86 25.30 -24.49
N THR C 155 -6.19 24.17 -24.72
CA THR C 155 -5.63 23.83 -26.04
C THR C 155 -6.64 23.76 -27.18
N LEU C 156 -7.88 23.32 -26.92
CA LEU C 156 -8.86 23.28 -27.99
C LEU C 156 -9.09 24.68 -28.48
N THR C 157 -8.90 25.68 -27.62
CA THR C 157 -9.07 27.08 -28.03
C THR C 157 -8.06 27.43 -29.09
N TYR C 158 -6.79 27.10 -28.87
CA TYR C 158 -5.73 27.37 -29.84
C TYR C 158 -6.14 26.91 -31.26
N GLU C 159 -6.77 25.74 -31.36
CA GLU C 159 -7.22 25.20 -32.66
C GLU C 159 -8.27 26.14 -33.24
N ALA C 160 -9.29 26.47 -32.45
CA ALA C 160 -10.31 27.37 -32.91
C ALA C 160 -9.79 28.79 -33.11
N VAL C 161 -8.73 29.18 -32.43
CA VAL C 161 -8.23 30.52 -32.66
C VAL C 161 -7.66 30.57 -34.05
N LYS C 162 -6.71 29.68 -34.32
CA LYS C 162 -6.05 29.66 -35.63
C LYS C 162 -7.03 29.51 -36.81
N GLN C 163 -8.01 28.64 -36.70
CA GLN C 163 -8.93 28.54 -37.79
C GLN C 163 -9.56 29.92 -38.12
N THR C 164 -9.89 30.70 -37.09
CA THR C 164 -10.50 32.02 -37.32
C THR C 164 -9.49 33.10 -37.73
N THR C 165 -8.22 32.88 -37.49
CA THR C 165 -7.25 33.85 -37.92
C THR C 165 -7.14 33.58 -39.43
N ASP C 166 -6.91 32.31 -39.78
CA ASP C 166 -6.75 31.89 -41.17
C ASP C 166 -7.92 32.21 -42.13
N TYR C 167 -9.14 32.36 -41.60
CA TYR C 167 -10.29 32.69 -42.45
C TYR C 167 -10.60 34.17 -42.38
N GLY C 168 -9.59 34.97 -42.01
CA GLY C 168 -9.75 36.42 -41.92
C GLY C 168 -10.36 37.00 -40.64
N PHE C 169 -11.51 36.46 -40.27
CA PHE C 169 -12.31 36.82 -39.09
C PHE C 169 -11.69 37.55 -37.91
N GLY C 170 -10.81 36.87 -37.18
CA GLY C 170 -10.20 37.49 -35.99
C GLY C 170 -10.96 37.21 -34.68
N GLN C 171 -10.31 37.41 -33.55
CA GLN C 171 -11.01 37.13 -32.32
C GLN C 171 -11.20 38.44 -31.57
N SER C 172 -12.37 38.64 -30.99
CA SER C 172 -12.61 39.87 -30.21
C SER C 172 -11.79 39.71 -28.94
N THR C 173 -12.18 38.69 -28.16
CA THR C 173 -11.50 38.31 -26.92
C THR C 173 -11.77 36.81 -26.59
N CYS C 174 -10.74 36.14 -26.05
CA CYS C 174 -10.81 34.71 -25.69
C CYS C 174 -10.80 34.36 -24.20
N VAL C 175 -11.83 33.61 -23.81
CA VAL C 175 -11.99 33.23 -22.43
C VAL C 175 -12.00 31.73 -22.24
N GLY C 176 -11.07 31.28 -21.40
CA GLY C 176 -10.95 29.87 -21.05
C GLY C 176 -11.35 29.85 -19.60
N ILE C 177 -12.49 29.26 -19.34
CA ILE C 177 -12.97 29.24 -17.97
C ILE C 177 -12.41 28.19 -17.01
N GLY C 178 -11.46 27.36 -17.45
CA GLY C 178 -10.91 26.37 -16.53
C GLY C 178 -11.61 25.02 -16.51
N GLY C 179 -10.83 23.98 -16.15
CA GLY C 179 -11.31 22.61 -16.12
C GLY C 179 -11.91 22.00 -14.89
N ASP C 180 -11.74 22.62 -13.70
CA ASP C 180 -12.28 22.08 -12.44
C ASP C 180 -13.81 21.98 -12.47
N PRO C 181 -14.40 21.18 -11.60
CA PRO C 181 -15.86 21.01 -11.55
C PRO C 181 -16.65 22.19 -11.04
N ILE C 182 -16.04 23.03 -10.21
CA ILE C 182 -16.79 24.17 -9.74
C ILE C 182 -15.98 25.40 -10.00
N PRO C 183 -16.12 25.99 -11.19
CA PRO C 183 -15.40 27.19 -11.64
C PRO C 183 -15.98 28.47 -11.06
N GLY C 184 -15.16 29.51 -11.10
CA GLY C 184 -15.54 30.81 -10.60
C GLY C 184 -16.59 31.59 -11.38
N SER C 185 -16.73 31.29 -12.68
CA SER C 185 -17.71 31.90 -13.58
C SER C 185 -17.84 30.86 -14.66
N ASN C 186 -19.06 30.58 -15.06
CA ASN C 186 -19.28 29.56 -16.08
C ASN C 186 -19.68 30.20 -17.43
N PHE C 187 -20.25 29.37 -18.33
CA PHE C 187 -20.67 29.81 -19.66
C PHE C 187 -21.65 30.96 -19.64
N ILE C 188 -22.82 30.75 -19.05
CA ILE C 188 -23.79 31.83 -18.98
C ILE C 188 -23.19 33.16 -18.52
N ASP C 189 -22.31 33.15 -17.54
CA ASP C 189 -21.69 34.40 -17.07
C ASP C 189 -20.84 35.09 -18.13
N ILE C 190 -20.25 34.30 -19.01
CA ILE C 190 -19.43 34.89 -20.05
C ILE C 190 -20.23 35.11 -21.32
N LEU C 191 -21.23 34.25 -21.58
CA LEU C 191 -22.06 34.41 -22.78
C LEU C 191 -22.77 35.76 -22.76
N GLU C 192 -23.16 36.21 -21.57
CA GLU C 192 -23.83 37.49 -21.46
C GLU C 192 -22.91 38.65 -21.72
N MET C 193 -21.65 38.55 -21.30
CA MET C 193 -20.73 39.65 -21.50
C MET C 193 -20.47 39.93 -22.98
N PHE C 194 -20.69 38.92 -23.80
CA PHE C 194 -20.49 39.03 -25.25
C PHE C 194 -21.69 39.77 -25.85
N GLU C 195 -22.87 39.14 -25.82
CA GLU C 195 -24.11 39.72 -26.36
C GLU C 195 -24.14 41.22 -26.25
N LYS C 196 -23.90 41.72 -25.04
CA LYS C 196 -23.91 43.15 -24.74
C LYS C 196 -22.69 43.90 -25.30
N ASP C 197 -21.85 43.19 -26.06
CA ASP C 197 -20.66 43.80 -26.62
C ASP C 197 -20.74 43.98 -28.13
N PRO C 198 -20.31 45.18 -28.61
CA PRO C 198 -20.30 45.57 -30.02
C PRO C 198 -19.23 44.80 -30.85
N GLN C 199 -17.95 44.98 -30.49
CA GLN C 199 -16.86 44.33 -31.23
C GLN C 199 -17.08 42.83 -31.58
N THR C 200 -17.96 42.13 -30.86
CA THR C 200 -18.21 40.70 -31.09
C THR C 200 -19.46 40.42 -31.92
N GLU C 201 -19.25 39.89 -33.13
CA GLU C 201 -20.35 39.59 -34.05
C GLU C 201 -20.96 38.17 -33.85
N ALA C 202 -20.11 37.16 -33.63
CA ALA C 202 -20.60 35.81 -33.41
C ALA C 202 -19.81 35.08 -32.34
N ILE C 203 -20.35 33.94 -31.90
CA ILE C 203 -19.72 33.15 -30.83
C ILE C 203 -19.37 31.64 -31.00
N VAL C 204 -18.16 31.27 -30.56
CA VAL C 204 -17.72 29.88 -30.59
C VAL C 204 -17.66 29.41 -29.15
N MET C 205 -18.54 28.48 -28.81
CA MET C 205 -18.56 27.92 -27.48
C MET C 205 -18.01 26.48 -27.50
N ILE C 206 -16.93 26.25 -26.75
CA ILE C 206 -16.31 24.93 -26.67
C ILE C 206 -16.48 24.23 -25.31
N GLY C 207 -17.13 23.08 -25.29
CA GLY C 207 -17.34 22.35 -24.06
C GLY C 207 -16.73 20.97 -24.09
N GLU C 208 -17.16 20.08 -23.21
CA GLU C 208 -16.64 18.72 -23.16
C GLU C 208 -17.45 17.96 -22.12
N ILE C 209 -17.18 16.67 -21.96
CA ILE C 209 -17.97 15.86 -21.03
C ILE C 209 -18.00 16.35 -19.59
N GLY C 210 -18.86 15.75 -18.78
CA GLY C 210 -18.96 16.11 -17.39
C GLY C 210 -19.66 17.39 -16.96
N GLY C 211 -20.63 17.21 -16.07
CA GLY C 211 -21.35 18.35 -15.54
C GLY C 211 -22.55 18.69 -16.36
N SER C 212 -22.97 19.95 -16.30
CA SER C 212 -24.13 20.38 -17.08
C SER C 212 -24.20 21.88 -17.36
N ALA C 213 -23.08 22.58 -17.28
CA ALA C 213 -23.11 24.00 -17.58
C ALA C 213 -23.25 24.23 -19.09
N GLU C 214 -23.04 23.17 -19.88
CA GLU C 214 -23.19 23.24 -21.33
C GLU C 214 -24.70 23.30 -21.54
N GLU C 215 -25.42 22.31 -21.01
CA GLU C 215 -26.86 22.28 -21.12
C GLU C 215 -27.53 23.59 -20.72
N GLU C 216 -27.22 24.05 -19.51
CA GLU C 216 -27.78 25.28 -18.96
C GLU C 216 -27.52 26.46 -19.86
N ALA C 217 -26.34 26.51 -20.45
CA ALA C 217 -26.01 27.63 -21.34
C ALA C 217 -26.98 27.55 -22.48
N ALA C 218 -27.24 26.35 -22.95
CA ALA C 218 -28.17 26.17 -24.04
C ALA C 218 -29.45 26.92 -23.71
N ALA C 219 -30.22 26.39 -22.77
CA ALA C 219 -31.45 27.04 -22.38
C ALA C 219 -31.27 28.57 -22.35
N TYR C 220 -30.24 29.08 -21.70
CA TYR C 220 -30.06 30.52 -21.65
C TYR C 220 -29.82 31.10 -23.02
N ILE C 221 -29.42 30.31 -24.00
CA ILE C 221 -29.17 30.93 -25.29
C ILE C 221 -30.42 31.15 -26.11
N LYS C 222 -31.22 30.10 -26.28
CA LYS C 222 -32.47 30.20 -27.03
C LYS C 222 -33.22 31.46 -26.59
N GLU C 223 -33.30 31.61 -25.28
CA GLU C 223 -34.00 32.69 -24.61
C GLU C 223 -33.38 34.10 -24.54
N HIS C 224 -32.06 34.24 -24.47
CA HIS C 224 -31.45 35.57 -24.34
C HIS C 224 -30.24 35.92 -25.24
N VAL C 225 -29.92 35.04 -26.20
CA VAL C 225 -28.79 35.30 -27.10
C VAL C 225 -29.30 35.57 -28.54
N THR C 226 -29.08 36.81 -28.99
CA THR C 226 -29.49 37.26 -30.32
C THR C 226 -28.44 36.88 -31.36
N LYS C 227 -27.15 37.10 -31.05
CA LYS C 227 -26.08 36.78 -31.99
C LYS C 227 -26.00 35.27 -32.36
N PRO C 228 -25.16 34.93 -33.35
CA PRO C 228 -25.09 33.51 -33.73
C PRO C 228 -23.99 32.70 -33.00
N VAL C 229 -24.30 31.43 -32.76
CA VAL C 229 -23.36 30.57 -32.05
C VAL C 229 -23.02 29.21 -32.66
N VAL C 230 -21.73 28.95 -32.66
CA VAL C 230 -21.19 27.71 -33.18
C VAL C 230 -20.62 26.97 -31.97
N GLY C 231 -21.07 25.73 -31.78
CA GLY C 231 -20.59 24.95 -30.65
C GLY C 231 -19.89 23.64 -30.98
N TYR C 232 -18.95 23.27 -30.10
CA TYR C 232 -18.19 22.04 -30.21
C TYR C 232 -18.01 21.33 -28.87
N ILE C 233 -18.34 20.04 -28.81
CA ILE C 233 -18.22 19.27 -27.58
C ILE C 233 -17.19 18.16 -27.76
N ALA C 234 -16.21 18.10 -26.85
CA ALA C 234 -15.18 17.08 -26.93
C ALA C 234 -15.41 15.89 -26.02
N GLY C 235 -15.18 14.70 -26.50
CA GLY C 235 -15.33 13.56 -25.63
C GLY C 235 -16.48 12.60 -25.92
N VAL C 236 -16.49 12.01 -27.11
CA VAL C 236 -17.54 11.07 -27.45
C VAL C 236 -17.03 9.65 -27.26
N THR C 237 -15.79 9.50 -27.60
CA THR C 237 -15.12 8.23 -27.49
C THR C 237 -14.85 7.92 -26.01
N ALA C 238 -14.97 8.95 -25.17
CA ALA C 238 -14.70 8.85 -23.75
C ALA C 238 -15.51 7.80 -23.03
N PRO C 239 -14.86 7.04 -22.12
CA PRO C 239 -15.48 5.98 -21.31
C PRO C 239 -16.25 6.53 -20.11
N LYS C 240 -17.16 5.73 -19.55
CA LYS C 240 -17.95 6.18 -18.36
C LYS C 240 -17.19 6.06 -17.00
N GLY C 241 -17.40 7.03 -16.11
CA GLY C 241 -16.78 6.95 -14.79
C GLY C 241 -15.27 7.07 -14.62
N LYS C 242 -14.60 7.62 -15.61
CA LYS C 242 -13.17 7.81 -15.49
C LYS C 242 -12.92 9.24 -15.75
N ARG C 243 -11.95 9.81 -15.06
CA ARG C 243 -11.61 11.19 -15.26
C ARG C 243 -10.56 11.33 -16.39
N MET C 244 -10.91 12.08 -17.42
CA MET C 244 -10.04 12.31 -18.55
C MET C 244 -9.21 13.53 -18.37
N GLY C 245 -8.10 13.46 -17.63
CA GLY C 245 -7.24 14.62 -17.42
C GLY C 245 -7.80 15.74 -16.53
N HIS C 246 -8.74 16.52 -17.06
CA HIS C 246 -9.37 17.61 -16.31
C HIS C 246 -10.13 17.10 -15.10
N ALA C 247 -9.87 17.73 -13.97
CA ALA C 247 -10.55 17.33 -12.75
C ALA C 247 -12.06 17.18 -12.93
N GLY C 248 -12.64 18.00 -13.80
CA GLY C 248 -14.07 17.94 -13.99
C GLY C 248 -14.55 17.34 -15.28
N ALA C 249 -13.76 16.50 -15.91
CA ALA C 249 -14.22 15.94 -17.14
C ALA C 249 -14.52 14.49 -16.93
N ILE C 250 -15.57 14.21 -16.19
CA ILE C 250 -15.92 12.82 -15.90
C ILE C 250 -17.42 12.56 -16.01
N ILE C 251 -17.79 11.40 -16.52
CA ILE C 251 -19.20 11.08 -16.64
C ILE C 251 -19.67 10.26 -15.46
N ALA C 252 -20.33 10.94 -14.51
CA ALA C 252 -20.81 10.33 -13.28
C ALA C 252 -22.27 9.80 -13.26
N GLY C 253 -22.41 8.47 -13.15
CA GLY C 253 -23.71 7.81 -13.12
C GLY C 253 -24.62 8.16 -14.28
N GLY C 254 -24.07 8.12 -15.49
CA GLY C 254 -24.82 8.41 -16.70
C GLY C 254 -25.20 9.85 -17.10
N LYS C 255 -24.87 10.82 -16.25
CA LYS C 255 -25.21 12.21 -16.54
C LYS C 255 -24.00 12.99 -17.12
N GLY C 256 -24.26 13.84 -18.11
CA GLY C 256 -23.21 14.64 -18.71
C GLY C 256 -22.39 14.09 -19.88
N THR C 257 -22.99 13.21 -20.68
CA THR C 257 -22.28 12.61 -21.82
C THR C 257 -22.05 13.62 -22.93
N ALA C 258 -21.31 13.19 -23.95
CA ALA C 258 -20.99 14.04 -25.08
C ALA C 258 -22.25 14.42 -25.85
N ASP C 259 -22.97 13.38 -26.28
CA ASP C 259 -24.20 13.47 -27.05
C ASP C 259 -25.30 14.37 -26.52
N GLU C 260 -25.71 14.19 -25.28
CA GLU C 260 -26.76 15.04 -24.74
C GLU C 260 -26.38 16.49 -24.90
N LYS C 261 -25.12 16.81 -24.58
CA LYS C 261 -24.67 18.20 -24.68
C LYS C 261 -24.86 18.72 -26.08
N PHE C 262 -24.51 17.91 -27.08
CA PHE C 262 -24.72 18.30 -28.49
C PHE C 262 -26.22 18.50 -28.70
N ALA C 263 -26.97 17.42 -28.53
CA ALA C 263 -28.41 17.43 -28.68
C ALA C 263 -29.05 18.67 -28.07
N ALA C 264 -29.05 18.77 -26.75
CA ALA C 264 -29.66 19.91 -26.11
C ALA C 264 -29.05 21.27 -26.48
N LEU C 265 -27.90 21.26 -27.11
CA LEU C 265 -27.25 22.49 -27.51
C LEU C 265 -27.76 22.85 -28.91
N GLU C 266 -28.36 21.86 -29.55
CA GLU C 266 -28.91 22.01 -30.91
C GLU C 266 -30.30 22.60 -30.84
N ALA C 267 -31.22 21.84 -30.24
CA ALA C 267 -32.59 22.27 -30.08
C ALA C 267 -32.64 23.68 -29.45
N ALA C 268 -31.47 24.27 -29.24
CA ALA C 268 -31.45 25.59 -28.68
C ALA C 268 -31.24 26.59 -29.78
N GLY C 269 -30.96 26.10 -30.97
CA GLY C 269 -30.73 27.00 -32.09
C GLY C 269 -29.27 27.35 -32.29
N VAL C 270 -28.39 26.41 -32.00
CA VAL C 270 -26.97 26.63 -32.19
C VAL C 270 -26.54 25.72 -33.32
N LYS C 271 -25.47 26.11 -34.02
CA LYS C 271 -24.99 25.30 -35.10
C LYS C 271 -23.90 24.38 -34.57
N THR C 272 -24.20 23.10 -34.48
CA THR C 272 -23.24 22.15 -33.99
C THR C 272 -22.32 21.65 -35.09
N VAL C 273 -21.02 21.63 -34.79
CA VAL C 273 -19.99 21.16 -35.71
C VAL C 273 -19.46 19.87 -35.12
N ARG C 274 -19.55 18.76 -35.82
CA ARG C 274 -19.04 17.54 -35.20
C ARG C 274 -17.54 17.22 -35.28
N SER C 275 -16.81 17.98 -36.09
CA SER C 275 -15.35 17.81 -36.20
C SER C 275 -14.71 19.16 -35.96
N LEU C 276 -13.85 19.28 -34.95
CA LEU C 276 -13.27 20.58 -34.71
C LEU C 276 -12.40 21.02 -35.87
N ALA C 277 -12.70 20.52 -37.05
CA ALA C 277 -11.96 20.93 -38.24
C ALA C 277 -12.85 21.96 -38.96
N ASP C 278 -14.13 21.64 -39.03
CA ASP C 278 -15.08 22.50 -39.69
C ASP C 278 -15.56 23.66 -38.81
N ILE C 279 -14.76 24.12 -37.86
CA ILE C 279 -15.22 25.22 -37.02
C ILE C 279 -15.26 26.45 -37.91
N GLY C 280 -14.13 26.76 -38.55
CA GLY C 280 -14.08 27.91 -39.43
C GLY C 280 -15.20 27.83 -40.48
N GLU C 281 -15.27 26.72 -41.19
CA GLU C 281 -16.30 26.49 -42.23
C GLU C 281 -17.72 26.86 -41.74
N ALA C 282 -18.06 26.51 -40.51
CA ALA C 282 -19.38 26.82 -39.99
C ALA C 282 -19.59 28.30 -39.68
N LEU C 283 -18.52 29.00 -39.32
CA LEU C 283 -18.59 30.44 -39.02
C LEU C 283 -18.87 31.23 -40.28
N LYS C 284 -18.38 30.72 -41.41
CA LYS C 284 -18.53 31.32 -42.75
C LYS C 284 -20.00 31.57 -43.02
N THR C 285 -20.85 30.68 -42.49
CA THR C 285 -22.31 30.77 -42.62
C THR C 285 -22.86 31.88 -41.69
N VAL C 286 -22.22 33.07 -41.74
CA VAL C 286 -22.56 34.28 -40.96
C VAL C 286 -21.43 35.36 -40.96
N MET D 1 -9.61 8.99 -5.58
CA MET D 1 -9.23 7.77 -4.81
C MET D 1 -10.35 7.04 -4.07
N ASN D 2 -10.39 5.72 -4.20
CA ASN D 2 -11.41 4.91 -3.53
C ASN D 2 -10.90 4.21 -2.29
N LEU D 3 -11.80 3.83 -1.41
CA LEU D 3 -11.45 3.12 -0.19
C LEU D 3 -12.17 1.75 -0.10
N HIS D 4 -11.62 0.81 0.66
CA HIS D 4 -12.25 -0.50 0.83
C HIS D 4 -13.37 -0.49 1.79
N GLU D 5 -14.17 -1.55 1.77
CA GLU D 5 -15.30 -1.59 2.66
C GLU D 5 -14.84 -1.53 4.09
N TYR D 6 -13.90 -2.41 4.42
CA TYR D 6 -13.40 -2.47 5.79
C TYR D 6 -12.71 -1.20 6.26
N GLN D 7 -12.18 -0.40 5.36
CA GLN D 7 -11.53 0.83 5.79
C GLN D 7 -12.59 1.86 6.14
N ALA D 8 -13.70 1.84 5.44
CA ALA D 8 -14.75 2.81 5.69
C ALA D 8 -15.43 2.47 7.01
N LYS D 9 -15.64 1.18 7.23
CA LYS D 9 -16.30 0.74 8.47
C LYS D 9 -15.38 1.08 9.64
N GLN D 10 -14.09 1.14 9.36
CA GLN D 10 -13.13 1.42 10.38
C GLN D 10 -13.23 2.89 10.71
N LEU D 11 -13.41 3.71 9.71
CA LEU D 11 -13.51 5.12 9.93
C LEU D 11 -14.78 5.41 10.63
N PHE D 12 -15.80 4.65 10.31
CA PHE D 12 -17.11 4.84 10.93
C PHE D 12 -17.07 4.65 12.42
N ALA D 13 -16.31 3.64 12.82
CA ALA D 13 -16.15 3.29 14.23
C ALA D 13 -15.51 4.44 15.00
N ARG D 14 -14.59 5.16 14.37
CA ARG D 14 -13.94 6.29 15.00
C ARG D 14 -14.91 7.45 15.24
N TYR D 15 -15.91 7.63 14.39
CA TYR D 15 -16.83 8.73 14.62
C TYR D 15 -18.10 8.27 15.32
N GLY D 16 -18.07 7.02 15.79
CA GLY D 16 -19.18 6.44 16.54
C GLY D 16 -20.40 5.96 15.82
N LEU D 17 -20.34 5.86 14.50
CA LEU D 17 -21.48 5.38 13.73
C LEU D 17 -21.49 3.88 13.89
N PRO D 18 -22.66 3.30 13.89
CA PRO D 18 -22.69 1.85 14.06
C PRO D 18 -22.43 0.98 12.83
N ALA D 19 -21.59 -0.04 13.01
CA ALA D 19 -21.25 -1.01 11.98
C ALA D 19 -21.23 -2.43 12.61
N PRO D 20 -21.37 -3.47 11.80
CA PRO D 20 -21.33 -4.74 12.49
C PRO D 20 -19.92 -5.02 12.99
N VAL D 21 -19.78 -6.07 13.80
CA VAL D 21 -18.44 -6.43 14.30
C VAL D 21 -17.79 -7.38 13.28
N GLY D 22 -16.56 -7.06 12.91
CA GLY D 22 -15.85 -7.88 11.94
C GLY D 22 -14.36 -7.62 11.90
N TYR D 23 -13.68 -8.49 11.17
CA TYR D 23 -12.25 -8.40 11.08
C TYR D 23 -11.77 -8.63 9.67
N ALA D 24 -10.81 -7.81 9.25
CA ALA D 24 -10.19 -7.90 7.94
C ALA D 24 -9.16 -9.06 7.95
N CYS D 25 -9.23 -9.94 6.95
CA CYS D 25 -8.36 -11.09 6.93
C CYS D 25 -7.52 -11.31 5.70
N THR D 26 -6.24 -11.66 5.85
CA THR D 26 -5.35 -11.86 4.70
C THR D 26 -4.97 -13.28 4.41
N THR D 27 -5.38 -14.19 5.28
CA THR D 27 -5.14 -15.65 5.11
C THR D 27 -6.28 -16.48 5.66
N PRO D 28 -6.56 -17.61 5.02
CA PRO D 28 -7.61 -18.57 5.37
C PRO D 28 -7.69 -18.78 6.86
N ARG D 29 -6.53 -19.00 7.45
CA ARG D 29 -6.46 -19.25 8.87
C ARG D 29 -6.98 -18.08 9.67
N GLU D 30 -6.49 -16.87 9.35
CA GLU D 30 -6.92 -15.67 10.07
C GLU D 30 -8.45 -15.49 10.02
N ALA D 31 -9.02 -15.76 8.85
CA ALA D 31 -10.45 -15.65 8.66
C ALA D 31 -11.11 -16.69 9.55
N GLU D 32 -10.64 -17.93 9.41
CA GLU D 32 -11.15 -19.04 10.19
C GLU D 32 -11.16 -18.71 11.65
N GLU D 33 -10.05 -18.22 12.17
CA GLU D 33 -9.99 -17.90 13.59
C GLU D 33 -10.95 -16.82 14.04
N ALA D 34 -11.23 -15.87 13.15
CA ALA D 34 -12.15 -14.75 13.40
C ALA D 34 -13.57 -15.12 13.85
N ALA D 35 -14.02 -16.29 13.42
CA ALA D 35 -15.35 -16.79 13.75
C ALA D 35 -15.65 -16.72 15.22
N SER D 36 -14.70 -17.17 16.03
CA SER D 36 -14.89 -17.22 17.47
C SER D 36 -14.68 -15.92 18.24
N LYS D 37 -13.86 -15.04 17.68
CA LYS D 37 -13.58 -13.75 18.32
C LYS D 37 -14.84 -12.92 18.15
N ILE D 38 -15.58 -13.26 17.10
CA ILE D 38 -16.82 -12.59 16.75
C ILE D 38 -17.96 -12.98 17.65
N GLY D 39 -18.21 -14.28 17.68
CA GLY D 39 -19.31 -14.83 18.46
C GLY D 39 -19.88 -16.07 17.82
N ALA D 40 -21.16 -16.31 18.08
CA ALA D 40 -21.79 -17.49 17.52
C ALA D 40 -22.28 -17.17 16.11
N GLY D 41 -22.37 -18.22 15.28
CA GLY D 41 -22.83 -18.05 13.92
C GLY D 41 -24.20 -17.42 13.78
N PRO D 42 -24.59 -17.10 12.55
CA PRO D 42 -23.74 -17.33 11.39
C PRO D 42 -22.87 -16.09 11.15
N TRP D 43 -22.07 -16.13 10.09
CA TRP D 43 -21.19 -15.02 9.74
C TRP D 43 -21.29 -14.69 8.28
N VAL D 44 -20.92 -13.47 7.93
CA VAL D 44 -20.93 -13.04 6.55
C VAL D 44 -19.51 -12.87 6.11
N VAL D 45 -19.10 -13.47 5.01
CA VAL D 45 -17.73 -13.27 4.55
C VAL D 45 -17.79 -12.49 3.27
N LYS D 46 -17.01 -11.42 3.17
CA LYS D 46 -17.07 -10.58 1.97
C LYS D 46 -15.75 -10.29 1.29
N CYS D 47 -15.69 -10.40 -0.02
CA CYS D 47 -14.45 -10.09 -0.71
C CYS D 47 -14.17 -8.60 -0.64
N GLN D 48 -12.91 -8.21 -0.57
CA GLN D 48 -12.62 -6.80 -0.47
C GLN D 48 -11.96 -6.30 -1.74
N VAL D 49 -12.82 -5.80 -2.62
CA VAL D 49 -12.44 -5.22 -3.90
C VAL D 49 -13.07 -3.82 -3.90
N HIS D 50 -12.54 -2.90 -4.70
CA HIS D 50 -13.09 -1.53 -4.73
C HIS D 50 -14.46 -1.42 -5.33
N ALA D 51 -14.70 -2.19 -6.39
CA ALA D 51 -16.00 -2.13 -7.05
C ALA D 51 -17.14 -2.72 -6.25
N GLY D 52 -18.35 -2.51 -6.76
CA GLY D 52 -19.56 -3.02 -6.11
C GLY D 52 -20.29 -4.14 -6.87
N GLY D 53 -21.49 -4.52 -6.39
CA GLY D 53 -22.27 -5.56 -7.03
C GLY D 53 -21.60 -6.90 -6.79
N ARG D 54 -20.91 -6.95 -5.66
CA ARG D 54 -20.16 -8.14 -5.24
C ARG D 54 -21.19 -9.17 -4.87
N GLY D 55 -22.33 -8.69 -4.38
CA GLY D 55 -23.41 -9.57 -3.98
C GLY D 55 -23.89 -10.53 -5.08
N LYS D 56 -24.16 -9.95 -6.25
CA LYS D 56 -24.65 -10.74 -7.38
C LYS D 56 -23.59 -11.57 -8.11
N ALA D 57 -22.33 -11.44 -7.72
CA ALA D 57 -21.27 -12.18 -8.38
C ALA D 57 -20.75 -13.31 -7.52
N GLY D 58 -21.41 -13.55 -6.38
CA GLY D 58 -21.00 -14.59 -5.45
C GLY D 58 -19.76 -14.22 -4.62
N GLY D 59 -19.67 -12.92 -4.32
CA GLY D 59 -18.54 -12.40 -3.56
C GLY D 59 -18.90 -12.10 -2.14
N VAL D 60 -20.15 -12.37 -1.79
CA VAL D 60 -20.62 -12.16 -0.43
C VAL D 60 -21.57 -13.28 -0.09
N LYS D 61 -21.19 -14.17 0.80
CA LYS D 61 -22.05 -15.27 1.19
C LYS D 61 -22.23 -15.30 2.68
N VAL D 62 -23.32 -15.89 3.15
CA VAL D 62 -23.58 -16.02 4.59
C VAL D 62 -23.22 -17.46 4.88
N VAL D 63 -22.37 -17.74 5.87
CA VAL D 63 -22.07 -19.14 6.11
C VAL D 63 -22.34 -19.57 7.52
N ASN D 64 -22.27 -20.89 7.73
CA ASN D 64 -22.58 -21.42 9.04
C ASN D 64 -21.56 -22.21 9.83
N SER D 65 -20.42 -22.52 9.24
CA SER D 65 -19.43 -23.29 9.99
C SER D 65 -18.04 -22.76 9.81
N LYS D 66 -17.16 -23.06 10.76
CA LYS D 66 -15.81 -22.57 10.68
C LYS D 66 -15.14 -23.00 9.37
N GLU D 67 -15.38 -24.21 8.89
CA GLU D 67 -14.73 -24.60 7.66
C GLU D 67 -15.31 -24.02 6.40
N ASP D 68 -16.57 -23.59 6.43
CA ASP D 68 -17.16 -22.98 5.24
C ASP D 68 -16.46 -21.65 5.02
N ILE D 69 -16.08 -21.01 6.14
CA ILE D 69 -15.37 -19.75 6.11
C ILE D 69 -14.01 -20.01 5.50
N ARG D 70 -13.33 -21.03 5.98
CA ARG D 70 -12.02 -21.35 5.44
C ARG D 70 -12.12 -21.56 3.96
N ALA D 71 -12.92 -22.54 3.57
CA ALA D 71 -13.13 -22.88 2.17
C ALA D 71 -13.23 -21.66 1.26
N PHE D 72 -14.06 -20.71 1.69
CA PHE D 72 -14.32 -19.47 0.96
C PHE D 72 -13.07 -18.66 0.75
N ALA D 73 -12.32 -18.47 1.83
CA ALA D 73 -11.07 -17.72 1.79
C ALA D 73 -10.04 -18.36 0.87
N GLU D 74 -9.97 -19.68 0.83
CA GLU D 74 -9.03 -20.37 -0.06
C GLU D 74 -9.45 -20.21 -1.52
N ASN D 75 -10.76 -20.13 -1.73
CA ASN D 75 -11.27 -20.01 -3.07
C ASN D 75 -11.10 -18.63 -3.71
N TRP D 76 -10.98 -17.60 -2.89
CA TRP D 76 -10.81 -16.25 -3.43
C TRP D 76 -9.47 -15.56 -3.23
N LEU D 77 -8.78 -15.75 -2.10
CA LEU D 77 -7.53 -15.04 -1.93
C LEU D 77 -6.66 -15.33 -3.10
N GLY D 78 -6.10 -14.27 -3.66
CA GLY D 78 -5.23 -14.45 -4.79
C GLY D 78 -5.93 -14.55 -6.13
N LYS D 79 -7.22 -14.30 -6.20
CA LYS D 79 -7.85 -14.40 -7.50
C LYS D 79 -8.62 -13.14 -7.82
N ARG D 80 -8.87 -12.88 -9.10
CA ARG D 80 -9.62 -11.67 -9.47
C ARG D 80 -11.12 -11.93 -9.47
N LEU D 81 -11.88 -10.95 -9.01
CA LEU D 81 -13.33 -11.08 -8.96
C LEU D 81 -13.92 -10.13 -9.98
N VAL D 82 -14.93 -10.56 -10.71
CA VAL D 82 -15.51 -9.69 -11.72
C VAL D 82 -16.94 -9.40 -11.47
N THR D 83 -17.26 -8.15 -11.19
CA THR D 83 -18.66 -7.82 -11.00
C THR D 83 -19.07 -7.02 -12.21
N TYR D 84 -20.29 -6.53 -12.17
CA TYR D 84 -20.79 -5.76 -13.28
C TYR D 84 -20.25 -4.31 -13.25
N GLN D 85 -19.30 -4.03 -12.36
CA GLN D 85 -18.73 -2.71 -12.27
C GLN D 85 -17.22 -2.70 -12.59
N THR D 86 -16.70 -3.87 -12.97
CA THR D 86 -15.29 -4.03 -13.35
C THR D 86 -15.22 -4.35 -14.82
N ASP D 87 -14.01 -4.57 -15.31
CA ASP D 87 -13.81 -4.92 -16.71
C ASP D 87 -13.50 -6.39 -16.78
N ALA D 88 -13.46 -6.94 -17.99
CA ALA D 88 -13.18 -8.36 -18.21
C ALA D 88 -12.16 -8.92 -17.21
N ASN D 89 -11.19 -8.10 -16.82
CA ASN D 89 -10.15 -8.56 -15.89
C ASN D 89 -10.59 -8.81 -14.47
N GLY D 90 -11.28 -7.83 -13.89
CA GLY D 90 -11.74 -7.94 -12.51
C GLY D 90 -10.72 -7.32 -11.59
N GLN D 91 -11.00 -7.29 -10.30
CA GLN D 91 -10.08 -6.72 -9.34
C GLN D 91 -9.71 -7.81 -8.39
N PRO D 92 -8.44 -7.91 -8.04
CA PRO D 92 -7.81 -8.87 -7.13
C PRO D 92 -8.29 -8.89 -5.71
N VAL D 93 -8.66 -10.07 -5.22
CA VAL D 93 -9.13 -10.18 -3.85
C VAL D 93 -7.98 -10.50 -2.96
N ASN D 94 -7.56 -9.55 -2.14
CA ASN D 94 -6.41 -9.76 -1.26
C ASN D 94 -6.72 -9.83 0.21
N GLN D 95 -8.00 -9.63 0.55
CA GLN D 95 -8.49 -9.64 1.93
C GLN D 95 -9.96 -10.02 2.02
N ILE D 96 -10.31 -10.72 3.05
CA ILE D 96 -11.67 -11.13 3.22
C ILE D 96 -12.16 -10.46 4.44
N LEU D 97 -13.37 -9.93 4.40
CA LEU D 97 -13.88 -9.35 5.62
C LEU D 97 -14.77 -10.43 6.17
N VAL D 98 -14.71 -10.65 7.47
CA VAL D 98 -15.58 -11.64 8.09
C VAL D 98 -16.28 -10.91 9.22
N GLU D 99 -17.57 -10.67 9.12
CA GLU D 99 -18.26 -9.97 10.18
C GLU D 99 -19.53 -10.69 10.52
N ALA D 100 -20.18 -10.27 11.61
CA ALA D 100 -21.40 -10.89 12.12
C ALA D 100 -22.64 -10.65 11.29
N ALA D 101 -23.44 -11.70 11.13
CA ALA D 101 -24.68 -11.63 10.37
C ALA D 101 -25.71 -10.78 11.15
N THR D 102 -26.35 -9.85 10.46
CA THR D 102 -27.32 -9.02 11.14
C THR D 102 -28.76 -9.34 10.76
N ASP D 103 -29.66 -9.35 11.75
CA ASP D 103 -31.06 -9.66 11.49
C ASP D 103 -31.74 -8.57 10.69
N ILE D 104 -31.91 -8.75 9.36
CA ILE D 104 -32.50 -7.67 8.56
C ILE D 104 -34.02 -7.48 8.51
N ALA D 105 -34.48 -6.29 8.92
CA ALA D 105 -35.91 -5.97 8.91
C ALA D 105 -36.30 -5.17 7.67
N LYS D 106 -35.51 -4.16 7.30
CA LYS D 106 -35.80 -3.34 6.12
C LYS D 106 -34.55 -2.60 5.69
N GLU D 107 -34.30 -2.56 4.37
CA GLU D 107 -33.10 -1.89 3.79
C GLU D 107 -33.31 -0.47 3.20
N LEU D 108 -32.61 0.54 3.73
CA LEU D 108 -32.72 1.93 3.26
C LEU D 108 -31.50 2.34 2.53
N TYR D 109 -31.55 3.51 1.90
CA TYR D 109 -30.38 4.02 1.20
C TYR D 109 -30.02 5.41 1.67
N LEU D 110 -28.75 5.62 2.02
CA LEU D 110 -28.30 6.90 2.48
C LEU D 110 -27.01 7.24 1.75
N GLY D 111 -26.91 8.43 1.17
CA GLY D 111 -25.70 8.74 0.45
C GLY D 111 -25.49 10.22 0.23
N ALA D 112 -24.33 10.60 -0.31
CA ALA D 112 -24.02 12.02 -0.53
C ALA D 112 -22.91 12.30 -1.58
N VAL D 113 -22.97 13.47 -2.21
CA VAL D 113 -21.99 13.84 -3.23
C VAL D 113 -21.98 15.32 -3.44
N VAL D 114 -21.08 15.79 -4.31
CA VAL D 114 -21.00 17.21 -4.59
C VAL D 114 -21.69 17.48 -5.90
N ASP D 115 -22.78 18.25 -5.80
CA ASP D 115 -23.63 18.59 -6.92
C ASP D 115 -23.04 19.79 -7.62
N ARG D 116 -22.40 19.55 -8.76
CA ARG D 116 -21.78 20.61 -9.54
C ARG D 116 -22.75 21.70 -9.91
N SER D 117 -24.00 21.25 -10.11
CA SER D 117 -25.13 22.05 -10.55
C SER D 117 -25.61 23.10 -9.60
N SER D 118 -25.85 22.71 -8.36
CA SER D 118 -26.32 23.64 -7.33
C SER D 118 -25.19 24.09 -6.42
N ARG D 119 -24.01 23.53 -6.63
CA ARG D 119 -22.79 23.87 -5.89
C ARG D 119 -22.88 23.69 -4.38
N ARG D 120 -23.24 22.48 -3.97
CA ARG D 120 -23.37 22.18 -2.56
C ARG D 120 -23.11 20.72 -2.33
N VAL D 121 -22.89 20.35 -1.07
CA VAL D 121 -22.73 18.95 -0.78
C VAL D 121 -24.21 18.54 -0.59
N VAL D 122 -24.61 17.41 -1.15
CA VAL D 122 -25.98 16.96 -1.00
C VAL D 122 -26.10 15.52 -0.46
N PHE D 123 -27.09 15.29 0.41
CA PHE D 123 -27.35 13.96 1.00
C PHE D 123 -28.68 13.49 0.44
N MET D 124 -28.74 12.21 0.14
CA MET D 124 -29.96 11.64 -0.42
C MET D 124 -30.36 10.43 0.40
N ALA D 125 -31.66 10.29 0.65
CA ALA D 125 -32.12 9.12 1.37
C ALA D 125 -33.28 8.53 0.57
N SER D 126 -33.52 7.24 0.78
CA SER D 126 -34.61 6.58 0.08
C SER D 126 -35.06 5.34 0.79
N THR D 127 -36.28 4.94 0.50
CA THR D 127 -36.87 3.76 1.10
C THR D 127 -36.46 2.57 0.29
N GLU D 128 -35.96 2.83 -0.91
CA GLU D 128 -35.55 1.77 -1.81
C GLU D 128 -34.13 1.27 -1.59
N GLY D 129 -33.92 0.57 -0.48
CA GLY D 129 -32.60 0.09 -0.16
C GLY D 129 -32.28 -1.24 -0.78
N GLY D 130 -31.00 -1.48 -1.04
CA GLY D 130 -30.54 -2.72 -1.62
C GLY D 130 -30.53 -2.68 -3.14
N VAL D 131 -30.40 -1.51 -3.73
CA VAL D 131 -30.45 -1.43 -5.19
C VAL D 131 -29.79 -0.20 -5.81
N GLU D 132 -29.40 -0.29 -7.08
CA GLU D 132 -28.73 0.82 -7.74
C GLU D 132 -29.50 2.04 -7.65
N ILE D 133 -28.94 3.04 -7.01
CA ILE D 133 -29.70 4.25 -6.89
C ILE D 133 -30.03 4.82 -8.27
N GLU D 134 -29.08 4.75 -9.21
CA GLU D 134 -29.30 5.27 -10.54
C GLU D 134 -30.61 4.77 -11.12
N LYS D 135 -30.95 3.51 -10.92
CA LYS D 135 -32.23 2.99 -11.42
C LYS D 135 -33.36 3.75 -10.74
N VAL D 136 -33.46 3.64 -9.44
CA VAL D 136 -34.52 4.33 -8.74
C VAL D 136 -34.64 5.78 -9.17
N ALA D 137 -33.51 6.42 -9.49
CA ALA D 137 -33.53 7.83 -9.90
C ALA D 137 -34.28 8.12 -11.20
N GLU D 138 -33.96 7.39 -12.27
CA GLU D 138 -34.63 7.60 -13.56
C GLU D 138 -36.05 7.00 -13.60
N GLU D 139 -36.22 5.86 -12.92
CA GLU D 139 -37.49 5.11 -12.85
C GLU D 139 -38.57 5.63 -11.87
N THR D 140 -38.17 6.14 -10.71
CA THR D 140 -39.09 6.67 -9.73
C THR D 140 -38.47 7.79 -8.94
N PRO D 141 -38.03 8.86 -9.60
CA PRO D 141 -37.40 10.00 -8.94
C PRO D 141 -38.10 10.61 -7.74
N HIS D 142 -39.42 10.53 -7.63
CA HIS D 142 -40.03 11.12 -6.43
C HIS D 142 -39.78 10.31 -5.14
N LEU D 143 -38.93 9.29 -5.22
CA LEU D 143 -38.62 8.43 -4.07
C LEU D 143 -37.28 8.66 -3.39
N ILE D 144 -36.56 9.64 -3.90
CA ILE D 144 -35.25 10.02 -3.42
C ILE D 144 -35.30 11.44 -2.86
N HIS D 145 -35.25 11.53 -1.54
CA HIS D 145 -35.30 12.83 -0.89
C HIS D 145 -33.91 13.41 -0.67
N LYS D 146 -33.80 14.73 -0.70
CA LYS D 146 -32.51 15.33 -0.53
C LYS D 146 -32.56 16.54 0.34
N VAL D 147 -31.39 16.95 0.84
CA VAL D 147 -31.21 18.15 1.65
C VAL D 147 -29.84 18.65 1.23
N ALA D 148 -29.57 19.96 1.35
CA ALA D 148 -28.26 20.47 0.96
C ALA D 148 -27.51 21.15 2.09
N LEU D 149 -26.26 20.79 2.33
CA LEU D 149 -25.53 21.40 3.43
C LEU D 149 -25.20 22.89 3.18
N ASP D 150 -25.66 23.78 4.08
CA ASP D 150 -25.37 25.23 3.98
C ASP D 150 -23.86 25.49 4.29
N PRO D 151 -23.10 26.14 3.41
CA PRO D 151 -21.70 26.33 3.82
C PRO D 151 -21.41 27.36 4.91
N LEU D 152 -22.46 27.97 5.44
CA LEU D 152 -22.28 28.96 6.48
C LEU D 152 -22.49 28.35 7.84
N THR D 153 -23.27 27.28 7.88
CA THR D 153 -23.59 26.65 9.15
C THR D 153 -23.24 25.20 9.33
N GLY D 154 -22.78 24.53 8.29
CA GLY D 154 -22.47 23.13 8.47
C GLY D 154 -23.74 22.36 8.65
N PRO D 155 -23.64 21.05 8.83
CA PRO D 155 -24.86 20.27 9.01
C PRO D 155 -25.58 20.68 10.29
N MET D 156 -26.92 20.56 10.24
CA MET D 156 -27.80 20.91 11.35
C MET D 156 -28.79 19.82 11.58
N PRO D 157 -29.00 19.49 12.84
CA PRO D 157 -29.91 18.45 13.25
C PRO D 157 -31.29 18.41 12.56
N TYR D 158 -31.91 19.56 12.24
CA TYR D 158 -33.24 19.44 11.64
C TYR D 158 -33.22 18.71 10.29
N GLN D 159 -32.17 19.00 9.52
CA GLN D 159 -32.01 18.41 8.23
C GLN D 159 -32.04 16.93 8.39
N GLY D 160 -31.38 16.46 9.42
CA GLY D 160 -31.36 15.03 9.63
C GLY D 160 -32.75 14.53 9.94
N ARG D 161 -33.51 15.28 10.73
CA ARG D 161 -34.85 14.82 11.10
C ARG D 161 -35.80 14.86 9.90
N GLU D 162 -35.74 15.93 9.11
CA GLU D 162 -36.59 16.04 7.93
C GLU D 162 -36.50 14.79 7.06
N LEU D 163 -35.29 14.28 6.77
CA LEU D 163 -35.15 13.07 5.96
C LEU D 163 -35.72 11.91 6.74
N ALA D 164 -35.31 11.84 7.98
CA ALA D 164 -35.74 10.82 8.88
C ALA D 164 -37.25 10.67 8.76
N PHE D 165 -37.94 11.80 8.69
CA PHE D 165 -39.39 11.80 8.61
C PHE D 165 -39.99 11.46 7.27
N LYS D 166 -39.39 11.98 6.21
CA LYS D 166 -39.88 11.66 4.89
C LYS D 166 -39.67 10.16 4.70
N LEU D 167 -38.80 9.55 5.48
CA LEU D 167 -38.58 8.13 5.35
C LEU D 167 -39.59 7.32 6.17
N GLY D 168 -40.40 8.03 6.93
CA GLY D 168 -41.42 7.37 7.72
C GLY D 168 -40.95 6.59 8.93
N LEU D 169 -39.90 7.10 9.56
CA LEU D 169 -39.38 6.49 10.77
C LEU D 169 -40.08 7.23 11.89
N GLU D 170 -40.08 6.65 13.07
CA GLU D 170 -40.71 7.30 14.19
C GLU D 170 -40.14 6.75 15.49
N GLY D 171 -40.21 7.55 16.56
CA GLY D 171 -39.70 7.07 17.84
C GLY D 171 -38.22 7.28 17.96
N LYS D 172 -37.52 6.29 18.55
CA LYS D 172 -36.07 6.43 18.72
C LYS D 172 -35.31 6.29 17.41
N LEU D 173 -35.91 5.65 16.41
CA LEU D 173 -35.29 5.49 15.10
C LEU D 173 -35.00 6.84 14.46
N VAL D 174 -35.51 7.91 15.05
CA VAL D 174 -35.27 9.19 14.48
C VAL D 174 -34.02 9.77 15.04
N GLN D 175 -33.86 9.67 16.35
CA GLN D 175 -32.67 10.21 17.03
C GLN D 175 -31.48 9.53 16.37
N GLN D 176 -31.53 8.22 16.29
CA GLN D 176 -30.47 7.46 15.68
C GLN D 176 -30.13 7.92 14.25
N PHE D 177 -31.14 8.04 13.43
CA PHE D 177 -30.92 8.46 12.07
C PHE D 177 -30.30 9.84 12.04
N THR D 178 -30.65 10.72 12.99
CA THR D 178 -30.07 12.07 12.99
C THR D 178 -28.59 12.01 13.35
N LYS D 179 -28.26 11.10 14.27
CA LYS D 179 -26.88 10.88 14.74
C LYS D 179 -26.04 10.50 13.55
N ILE D 180 -26.52 9.53 12.79
CA ILE D 180 -25.80 9.13 11.62
C ILE D 180 -25.65 10.24 10.61
N PHE D 181 -26.73 10.99 10.40
CA PHE D 181 -26.66 12.09 9.46
C PHE D 181 -25.59 13.08 9.87
N MET D 182 -25.64 13.56 11.09
CA MET D 182 -24.64 14.51 11.50
C MET D 182 -23.22 13.94 11.44
N GLY D 183 -23.12 12.64 11.63
CA GLY D 183 -21.81 12.01 11.59
C GLY D 183 -21.18 11.98 10.20
N LEU D 184 -21.81 11.23 9.29
CA LEU D 184 -21.33 11.12 7.91
C LEU D 184 -21.08 12.51 7.38
N ALA D 185 -21.95 13.44 7.71
CA ALA D 185 -21.81 14.79 7.24
C ALA D 185 -20.55 15.38 7.79
N THR D 186 -20.26 15.08 9.05
CA THR D 186 -19.03 15.63 9.55
C THR D 186 -17.88 14.98 8.82
N ILE D 187 -17.81 13.64 8.81
CA ILE D 187 -16.72 12.95 8.12
C ILE D 187 -16.53 13.51 6.71
N PHE D 188 -17.63 13.86 6.06
CA PHE D 188 -17.51 14.37 4.71
C PHE D 188 -16.67 15.59 4.63
N LEU D 189 -16.97 16.57 5.46
CA LEU D 189 -16.20 17.79 5.42
C LEU D 189 -14.81 17.69 6.04
N GLU D 190 -14.67 16.88 7.07
CA GLU D 190 -13.39 16.77 7.73
C GLU D 190 -12.39 15.96 6.92
N ARG D 191 -12.77 14.83 6.34
CA ARG D 191 -11.77 14.06 5.60
C ARG D 191 -11.70 14.41 4.13
N ASP D 192 -12.29 15.54 3.76
CA ASP D 192 -12.24 15.95 2.37
C ASP D 192 -12.67 14.83 1.46
N LEU D 193 -13.92 14.41 1.57
CA LEU D 193 -14.44 13.31 0.75
C LEU D 193 -15.09 13.83 -0.53
N ALA D 194 -15.24 12.94 -1.51
CA ALA D 194 -15.89 13.33 -2.75
C ALA D 194 -17.25 12.63 -2.86
N LEU D 195 -17.40 11.53 -2.12
CA LEU D 195 -18.64 10.78 -2.15
C LEU D 195 -18.83 9.76 -1.03
N ILE D 196 -20.08 9.48 -0.65
CA ILE D 196 -20.40 8.49 0.40
C ILE D 196 -21.64 7.71 -0.02
N GLU D 197 -21.71 6.44 0.35
CA GLU D 197 -22.86 5.64 -0.03
C GLU D 197 -23.03 4.43 0.87
N ILE D 198 -23.90 4.58 1.86
CA ILE D 198 -24.17 3.49 2.78
C ILE D 198 -25.35 2.77 2.19
N ASN D 199 -25.10 1.69 1.49
CA ASN D 199 -26.18 0.93 0.89
C ASN D 199 -25.94 -0.57 1.05
N PRO D 200 -26.79 -1.26 1.82
CA PRO D 200 -27.96 -0.82 2.58
C PRO D 200 -27.74 -0.33 4.01
N LEU D 201 -28.54 0.68 4.40
CA LEU D 201 -28.56 1.22 5.78
C LEU D 201 -29.73 0.41 6.28
N VAL D 202 -29.47 -0.53 7.18
CA VAL D 202 -30.52 -1.41 7.66
C VAL D 202 -31.26 -1.08 8.95
N ILE D 203 -32.44 -1.68 9.12
CA ILE D 203 -33.20 -1.54 10.35
C ILE D 203 -33.29 -2.97 10.87
N THR D 204 -32.61 -3.25 11.96
CA THR D 204 -32.57 -4.58 12.54
C THR D 204 -33.94 -5.01 13.03
N LYS D 205 -34.11 -6.32 13.24
CA LYS D 205 -35.36 -6.83 13.77
C LYS D 205 -35.51 -6.15 15.13
N GLN D 206 -34.42 -6.08 15.89
CA GLN D 206 -34.45 -5.44 17.22
C GLN D 206 -34.74 -3.92 17.20
N GLY D 207 -35.00 -3.39 16.00
CA GLY D 207 -35.31 -1.97 15.86
C GLY D 207 -34.22 -0.91 15.96
N ASP D 208 -33.03 -1.18 15.41
CA ASP D 208 -31.92 -0.21 15.44
C ASP D 208 -31.37 -0.01 14.05
N LEU D 209 -30.75 1.15 13.82
CA LEU D 209 -30.13 1.45 12.55
C LEU D 209 -28.69 0.96 12.57
N ILE D 210 -28.23 0.43 11.44
CA ILE D 210 -26.87 -0.06 11.32
C ILE D 210 -26.32 -0.05 9.87
N CYS D 211 -25.08 0.45 9.70
CA CYS D 211 -24.43 0.52 8.38
C CYS D 211 -23.88 -0.81 7.93
N LEU D 212 -24.45 -1.42 6.89
CA LEU D 212 -23.98 -2.71 6.44
C LEU D 212 -22.96 -2.74 5.32
N ASP D 213 -22.74 -1.60 4.69
CA ASP D 213 -21.83 -1.57 3.55
C ASP D 213 -21.48 -0.10 3.26
N GLY D 214 -20.25 0.15 2.88
CA GLY D 214 -19.90 1.52 2.63
C GLY D 214 -18.92 1.72 1.51
N LYS D 215 -19.20 2.75 0.73
CA LYS D 215 -18.33 3.09 -0.37
C LYS D 215 -17.88 4.50 -0.06
N LEU D 216 -16.57 4.71 -0.01
CA LEU D 216 -16.08 6.04 0.24
C LEU D 216 -15.20 6.53 -0.86
N GLY D 217 -15.36 7.77 -1.26
CA GLY D 217 -14.52 8.31 -2.29
C GLY D 217 -13.86 9.55 -1.75
N ALA D 218 -12.54 9.63 -1.86
CA ALA D 218 -11.82 10.78 -1.34
C ALA D 218 -11.32 11.67 -2.48
N ASP D 219 -11.24 12.97 -2.20
CA ASP D 219 -10.78 13.93 -3.20
C ASP D 219 -9.24 13.94 -3.35
N GLY D 220 -8.80 13.35 -4.46
CA GLY D 220 -7.38 13.27 -4.74
C GLY D 220 -6.65 14.56 -4.58
N ASN D 221 -7.28 15.66 -4.94
CA ASN D 221 -6.65 16.96 -4.83
C ASN D 221 -6.26 17.34 -3.40
N ALA D 222 -7.00 16.80 -2.45
CA ALA D 222 -6.75 17.10 -1.06
C ALA D 222 -5.82 16.17 -0.27
N LEU D 223 -5.28 15.12 -0.89
CA LEU D 223 -4.45 14.18 -0.14
C LEU D 223 -3.34 14.82 0.69
N PHE D 224 -2.82 15.96 0.23
CA PHE D 224 -1.78 16.62 0.99
C PHE D 224 -2.26 17.03 2.38
N ARG D 225 -3.56 17.04 2.67
CA ARG D 225 -3.93 17.43 3.99
C ARG D 225 -4.75 16.36 4.68
N GLN D 226 -4.71 15.16 4.13
CA GLN D 226 -5.38 14.02 4.74
C GLN D 226 -4.37 12.89 4.71
N PRO D 227 -3.25 13.03 5.46
CA PRO D 227 -2.19 12.04 5.55
C PRO D 227 -2.62 10.62 5.87
N ASP D 228 -3.60 10.47 6.77
CA ASP D 228 -4.09 9.16 7.13
C ASP D 228 -4.65 8.47 5.92
N LEU D 229 -5.45 9.19 5.14
CA LEU D 229 -6.02 8.62 3.94
C LEU D 229 -4.95 8.36 2.91
N ARG D 230 -3.99 9.25 2.79
CA ARG D 230 -2.98 9.03 1.78
C ARG D 230 -2.45 7.62 1.94
N GLU D 231 -2.40 7.12 3.15
CA GLU D 231 -1.83 5.80 3.35
C GLU D 231 -2.69 4.63 2.97
N MET D 232 -4.00 4.83 2.96
CA MET D 232 -4.87 3.73 2.65
C MET D 232 -5.05 3.32 1.18
N ARG D 233 -4.45 4.05 0.25
CA ARG D 233 -4.66 3.69 -1.15
C ARG D 233 -4.08 2.35 -1.44
N ASP D 234 -4.81 1.61 -2.25
CA ASP D 234 -4.42 0.26 -2.65
C ASP D 234 -4.18 0.23 -4.17
N GLN D 235 -2.92 0.41 -4.56
CA GLN D 235 -2.54 0.44 -5.98
C GLN D 235 -3.02 -0.77 -6.75
N SER D 236 -3.17 -1.89 -6.05
CA SER D 236 -3.56 -3.15 -6.65
C SER D 236 -4.95 -3.17 -7.26
N GLN D 237 -5.72 -2.11 -7.07
CA GLN D 237 -7.07 -2.15 -7.64
C GLN D 237 -7.18 -1.38 -8.95
N GLU D 238 -6.21 -0.48 -9.17
CA GLU D 238 -6.17 0.36 -10.36
C GLU D 238 -5.15 -0.16 -11.40
N ASP D 239 -5.30 0.30 -12.63
CA ASP D 239 -4.39 -0.07 -13.72
C ASP D 239 -2.96 0.38 -13.41
N PRO D 240 -2.04 -0.56 -13.23
CA PRO D 240 -0.65 -0.19 -12.92
C PRO D 240 0.00 0.93 -13.74
N ARG D 241 -0.39 1.06 -15.01
CA ARG D 241 0.16 2.09 -15.89
C ARG D 241 -0.34 3.47 -15.52
N GLU D 242 -1.60 3.56 -15.16
CA GLU D 242 -2.15 4.84 -14.75
C GLU D 242 -1.16 5.47 -13.78
N ALA D 243 -0.74 4.70 -12.78
CA ALA D 243 0.17 5.22 -11.78
C ALA D 243 1.58 5.40 -12.32
N GLN D 244 1.98 4.47 -13.14
CA GLN D 244 3.31 4.51 -13.72
C GLN D 244 3.44 5.75 -14.58
N ALA D 245 2.32 6.24 -15.12
CA ALA D 245 2.33 7.42 -15.99
C ALA D 245 2.32 8.72 -15.19
N ALA D 246 1.72 8.67 -14.02
CA ALA D 246 1.66 9.85 -13.20
C ALA D 246 3.05 10.29 -12.77
N GLN D 247 3.91 9.33 -12.46
CA GLN D 247 5.24 9.67 -12.03
C GLN D 247 5.93 10.56 -13.06
N TRP D 248 5.49 10.52 -14.31
CA TRP D 248 6.12 11.34 -15.33
C TRP D 248 5.20 12.42 -15.82
N GLU D 249 4.28 12.85 -14.96
CA GLU D 249 3.35 13.91 -15.30
C GLU D 249 2.58 13.63 -16.58
N LEU D 250 2.13 12.39 -16.74
CA LEU D 250 1.37 12.03 -17.91
C LEU D 250 0.02 11.49 -17.45
N ASN D 251 -1.07 11.91 -18.07
CA ASN D 251 -2.39 11.39 -17.71
C ASN D 251 -2.79 10.36 -18.74
N TYR D 252 -2.84 9.09 -18.32
CA TYR D 252 -3.13 7.97 -19.22
C TYR D 252 -4.41 7.23 -18.92
N VAL D 253 -5.00 6.64 -19.95
CA VAL D 253 -6.21 5.86 -19.77
C VAL D 253 -6.30 4.88 -20.91
N ALA D 254 -6.61 3.64 -20.59
CA ALA D 254 -6.64 2.66 -21.64
C ALA D 254 -8.02 2.41 -22.17
N LEU D 255 -8.15 2.42 -23.49
CA LEU D 255 -9.41 2.11 -24.15
C LEU D 255 -9.14 0.82 -24.87
N ASP D 256 -9.95 0.48 -25.85
CA ASP D 256 -9.67 -0.74 -26.60
C ASP D 256 -9.91 -0.57 -28.10
N GLY D 257 -8.86 -0.09 -28.75
CA GLY D 257 -8.90 0.14 -30.18
C GLY D 257 -7.50 -0.15 -30.64
N ASN D 258 -7.17 0.29 -31.86
CA ASN D 258 -5.85 0.05 -32.39
C ASN D 258 -5.00 1.27 -32.69
N ILE D 259 -5.53 2.49 -32.58
CA ILE D 259 -4.69 3.66 -32.81
C ILE D 259 -4.34 4.47 -31.57
N GLY D 260 -3.05 4.53 -31.23
CA GLY D 260 -2.62 5.25 -30.05
C GLY D 260 -2.53 6.73 -30.32
N CYS D 261 -2.76 7.53 -29.26
CA CYS D 261 -2.69 8.98 -29.37
C CYS D 261 -1.81 9.53 -28.30
N MET D 262 -1.04 10.54 -28.66
CA MET D 262 -0.17 11.19 -27.74
C MET D 262 -0.46 12.62 -28.10
N VAL D 263 -1.16 13.32 -27.22
CA VAL D 263 -1.52 14.70 -27.48
C VAL D 263 -1.18 15.55 -26.28
N ASN D 264 -1.01 16.85 -26.44
CA ASN D 264 -0.71 17.70 -25.28
C ASN D 264 -1.90 18.57 -24.90
N GLY D 265 -2.50 18.27 -23.76
CA GLY D 265 -3.66 19.01 -23.30
C GLY D 265 -4.83 18.05 -23.29
N ALA D 266 -5.63 18.05 -22.22
CA ALA D 266 -6.76 17.13 -22.15
C ALA D 266 -7.84 17.40 -23.19
N GLY D 267 -8.11 18.68 -23.48
CA GLY D 267 -9.13 18.99 -24.47
C GLY D 267 -8.78 18.48 -25.84
N LEU D 268 -7.60 18.83 -26.31
CA LEU D 268 -7.14 18.40 -27.61
C LEU D 268 -7.02 16.90 -27.64
N ALA D 269 -6.72 16.32 -26.50
CA ALA D 269 -6.57 14.90 -26.39
C ALA D 269 -7.92 14.21 -26.64
N MET D 270 -8.98 14.69 -26.00
CA MET D 270 -10.28 14.06 -26.22
C MET D 270 -10.70 14.42 -27.62
N GLY D 271 -10.42 15.66 -28.01
CA GLY D 271 -10.78 16.14 -29.35
C GLY D 271 -10.23 15.26 -30.46
N THR D 272 -8.96 14.95 -30.34
CA THR D 272 -8.28 14.09 -31.29
C THR D 272 -8.91 12.70 -31.35
N MET D 273 -8.99 12.02 -30.22
CA MET D 273 -9.58 10.70 -30.24
C MET D 273 -10.91 10.71 -30.99
N ASP D 274 -11.71 11.77 -30.84
CA ASP D 274 -13.01 11.86 -31.50
C ASP D 274 -12.95 11.97 -33.02
N ILE D 275 -11.93 12.69 -33.49
CA ILE D 275 -11.72 12.88 -34.92
C ILE D 275 -11.09 11.64 -35.60
N VAL D 276 -10.69 10.67 -34.80
CA VAL D 276 -10.11 9.47 -35.34
C VAL D 276 -11.25 8.48 -35.43
N LYS D 277 -12.25 8.63 -34.58
CA LYS D 277 -13.39 7.71 -34.57
C LYS D 277 -14.26 8.17 -35.71
N LEU D 278 -14.17 9.47 -35.96
CA LEU D 278 -14.95 10.10 -37.01
C LEU D 278 -14.60 9.56 -38.38
N HIS D 279 -13.33 9.23 -38.59
CA HIS D 279 -12.90 8.66 -39.85
C HIS D 279 -12.66 7.14 -39.81
N GLY D 280 -13.53 6.42 -39.09
CA GLY D 280 -13.47 4.98 -39.01
C GLY D 280 -12.40 4.25 -38.21
N GLY D 281 -11.63 4.98 -37.41
CA GLY D 281 -10.60 4.36 -36.59
C GLY D 281 -11.06 4.18 -35.16
N GLU D 282 -10.33 3.37 -34.40
CA GLU D 282 -10.67 3.14 -33.00
C GLU D 282 -9.54 3.64 -32.11
N PRO D 283 -9.76 4.73 -31.37
CA PRO D 283 -8.66 5.19 -30.54
C PRO D 283 -8.42 4.12 -29.48
N ALA D 284 -7.14 3.82 -29.21
CA ALA D 284 -6.79 2.80 -28.23
C ALA D 284 -6.47 3.34 -26.83
N ASN D 285 -6.49 4.67 -26.68
CA ASN D 285 -6.17 5.26 -25.40
C ASN D 285 -6.25 6.77 -25.46
N PHE D 286 -6.15 7.38 -24.28
CA PHE D 286 -6.15 8.83 -24.11
C PHE D 286 -4.85 9.09 -23.35
N LEU D 287 -4.02 9.99 -23.84
CA LEU D 287 -2.78 10.28 -23.13
C LEU D 287 -2.49 11.74 -23.29
N ASP D 288 -2.46 12.44 -22.18
CA ASP D 288 -2.18 13.86 -22.19
C ASP D 288 -0.74 14.09 -21.74
N VAL D 289 0.06 14.70 -22.60
CA VAL D 289 1.43 15.01 -22.27
C VAL D 289 1.51 16.34 -21.48
N GLY D 290 1.73 16.23 -20.18
CA GLY D 290 1.77 17.39 -19.30
C GLY D 290 2.74 18.53 -19.58
N GLY D 291 3.93 18.43 -18.99
CA GLY D 291 4.95 19.47 -19.13
C GLY D 291 5.93 19.41 -20.29
N GLY D 292 5.50 19.85 -21.46
CA GLY D 292 6.39 19.85 -22.60
C GLY D 292 7.16 18.58 -22.92
N ALA D 293 7.00 18.20 -24.18
CA ALA D 293 7.60 17.02 -24.74
C ALA D 293 9.13 16.93 -24.71
N THR D 294 9.72 16.81 -23.53
CA THR D 294 11.16 16.66 -23.51
C THR D 294 11.47 15.28 -24.10
N LYS D 295 12.71 15.07 -24.51
CA LYS D 295 13.11 13.79 -25.08
C LYS D 295 12.64 12.59 -24.23
N GLU D 296 12.96 12.62 -22.95
CA GLU D 296 12.60 11.53 -22.06
C GLU D 296 11.12 11.35 -21.95
N ARG D 297 10.40 12.42 -21.61
CA ARG D 297 8.96 12.32 -21.43
C ARG D 297 8.25 11.69 -22.63
N VAL D 298 8.66 12.02 -23.85
CA VAL D 298 8.00 11.46 -25.02
C VAL D 298 8.22 9.98 -25.08
N THR D 299 9.45 9.59 -24.77
CA THR D 299 9.87 8.20 -24.77
C THR D 299 8.92 7.43 -23.89
N GLU D 300 8.94 7.67 -22.58
CA GLU D 300 8.04 6.97 -21.67
C GLU D 300 6.60 6.99 -22.18
N ALA D 301 6.21 8.07 -22.82
CA ALA D 301 4.87 8.14 -23.36
C ALA D 301 4.66 6.98 -24.34
N PHE D 302 5.64 6.74 -25.22
CA PHE D 302 5.55 5.63 -26.18
C PHE D 302 5.61 4.33 -25.40
N LYS D 303 6.64 4.20 -24.57
CA LYS D 303 6.82 3.00 -23.77
C LYS D 303 5.51 2.53 -23.22
N ILE D 304 4.64 3.47 -22.88
CA ILE D 304 3.34 3.12 -22.31
C ILE D 304 2.25 2.81 -23.36
N ILE D 305 2.06 3.71 -24.30
CA ILE D 305 1.05 3.46 -25.30
C ILE D 305 1.29 2.12 -25.96
N LEU D 306 2.55 1.74 -26.17
CA LEU D 306 2.88 0.48 -26.85
C LEU D 306 2.95 -0.82 -26.04
N SER D 307 2.60 -0.74 -24.75
CA SER D 307 2.63 -1.93 -23.89
C SER D 307 1.36 -2.74 -24.20
N ASP D 308 0.54 -2.18 -25.07
CA ASP D 308 -0.71 -2.78 -25.48
C ASP D 308 -0.43 -3.45 -26.81
N ASP D 309 -0.63 -4.75 -26.91
CA ASP D 309 -0.35 -5.43 -28.19
C ASP D 309 -1.27 -5.08 -29.32
N LYS D 310 -2.51 -4.72 -28.98
CA LYS D 310 -3.53 -4.36 -29.97
C LYS D 310 -3.19 -3.15 -30.84
N VAL D 311 -2.26 -2.29 -30.40
CA VAL D 311 -1.92 -1.08 -31.16
C VAL D 311 -1.25 -1.40 -32.47
N LYS D 312 -1.63 -0.65 -33.51
CA LYS D 312 -1.06 -0.86 -34.83
C LYS D 312 -0.69 0.45 -35.54
N ALA D 313 -0.59 1.53 -34.77
CA ALA D 313 -0.24 2.83 -35.33
C ALA D 313 -0.28 3.86 -34.20
N VAL D 314 0.55 4.90 -34.28
CA VAL D 314 0.51 5.91 -33.23
C VAL D 314 0.41 7.29 -33.82
N LEU D 315 -0.54 8.06 -33.29
CA LEU D 315 -0.80 9.41 -33.74
C LEU D 315 -0.34 10.44 -32.77
N VAL D 316 0.75 11.14 -33.09
CA VAL D 316 1.19 12.21 -32.23
C VAL D 316 0.52 13.49 -32.73
N ASN D 317 0.26 14.44 -31.85
CA ASN D 317 -0.39 15.69 -32.20
C ASN D 317 -0.04 16.73 -31.16
N ILE D 318 0.92 17.58 -31.48
CA ILE D 318 1.37 18.61 -30.54
C ILE D 318 1.06 20.01 -31.07
N PHE D 319 0.39 20.84 -30.28
CA PHE D 319 0.07 22.21 -30.70
C PHE D 319 0.58 23.18 -29.63
N GLY D 320 1.36 24.18 -30.04
CA GLY D 320 1.89 25.11 -29.06
C GLY D 320 2.93 24.47 -28.13
N GLY D 321 2.67 24.56 -26.82
CA GLY D 321 3.57 24.01 -25.84
C GLY D 321 4.73 24.93 -25.50
N ILE D 322 5.66 24.43 -24.69
CA ILE D 322 6.81 25.23 -24.29
C ILE D 322 8.12 24.73 -24.96
N VAL D 323 7.99 23.99 -26.05
CA VAL D 323 9.14 23.47 -26.82
C VAL D 323 9.06 23.78 -28.34
N ARG D 324 10.18 24.26 -28.91
CA ARG D 324 10.29 24.63 -30.35
C ARG D 324 10.02 23.38 -31.13
N CYS D 325 8.85 23.34 -31.79
CA CYS D 325 8.40 22.18 -32.56
C CYS D 325 9.52 21.39 -33.29
N ASP D 326 10.75 21.89 -33.26
CA ASP D 326 11.85 21.16 -33.90
C ASP D 326 12.56 20.15 -32.94
N LEU D 327 12.71 20.50 -31.66
CA LEU D 327 13.30 19.61 -30.65
C LEU D 327 12.34 18.47 -30.30
N ILE D 328 11.07 18.69 -30.64
CA ILE D 328 10.03 17.71 -30.43
C ILE D 328 10.28 16.62 -31.47
N ALA D 329 10.42 17.04 -32.72
CA ALA D 329 10.68 16.07 -33.78
C ALA D 329 11.99 15.34 -33.46
N ASP D 330 12.96 16.10 -32.98
CA ASP D 330 14.25 15.54 -32.62
C ASP D 330 13.97 14.42 -31.61
N GLY D 331 13.24 14.74 -30.55
CA GLY D 331 12.94 13.75 -29.54
C GLY D 331 12.10 12.55 -30.04
N ILE D 332 11.10 12.82 -30.89
CA ILE D 332 10.26 11.76 -31.42
C ILE D 332 11.11 10.72 -32.12
N ILE D 333 12.02 11.18 -32.98
CA ILE D 333 12.89 10.27 -33.71
C ILE D 333 13.71 9.46 -32.73
N GLY D 334 14.39 10.17 -31.84
CA GLY D 334 15.23 9.51 -30.87
C GLY D 334 14.45 8.57 -30.00
N ALA D 335 13.15 8.80 -29.86
CA ALA D 335 12.30 7.96 -29.05
C ALA D 335 12.00 6.68 -29.84
N VAL D 336 11.62 6.85 -31.10
CA VAL D 336 11.30 5.70 -31.94
C VAL D 336 12.50 4.78 -31.92
N ALA D 337 13.70 5.35 -31.93
CA ALA D 337 14.90 4.52 -31.88
C ALA D 337 14.97 3.82 -30.53
N GLU D 338 15.47 4.47 -29.48
CA GLU D 338 15.59 3.81 -28.17
C GLU D 338 14.53 2.77 -27.84
N VAL D 339 13.28 3.02 -28.21
CA VAL D 339 12.26 2.05 -27.86
C VAL D 339 12.17 0.85 -28.74
N GLY D 340 12.30 1.09 -30.04
CA GLY D 340 12.22 0.02 -31.00
C GLY D 340 10.76 -0.08 -31.39
N VAL D 341 10.27 0.96 -32.06
CA VAL D 341 8.87 1.02 -32.49
C VAL D 341 8.68 0.42 -33.88
N ASN D 342 7.78 -0.54 -33.99
CA ASN D 342 7.57 -1.18 -35.28
C ASN D 342 6.41 -0.62 -36.09
N VAL D 343 5.39 -0.07 -35.43
CA VAL D 343 4.26 0.49 -36.17
C VAL D 343 4.51 1.89 -36.74
N PRO D 344 3.60 2.33 -37.61
CA PRO D 344 3.63 3.64 -38.29
C PRO D 344 3.30 4.78 -37.31
N VAL D 345 4.07 5.85 -37.38
CA VAL D 345 3.85 7.00 -36.50
C VAL D 345 3.48 8.23 -37.32
N VAL D 346 2.41 8.91 -36.93
CA VAL D 346 2.01 10.10 -37.65
C VAL D 346 2.07 11.34 -36.81
N VAL D 347 3.10 12.12 -36.99
CA VAL D 347 3.24 13.36 -36.26
C VAL D 347 2.45 14.50 -36.92
N ARG D 348 2.06 15.49 -36.13
CA ARG D 348 1.31 16.64 -36.63
C ARG D 348 1.75 17.76 -35.75
N LEU D 349 2.51 18.68 -36.31
CA LEU D 349 2.97 19.80 -35.50
C LEU D 349 2.35 21.11 -35.92
N GLU D 350 2.43 22.08 -35.01
CA GLU D 350 1.91 23.42 -35.23
C GLU D 350 2.58 24.32 -34.22
N GLY D 351 3.05 25.48 -34.70
CA GLY D 351 3.72 26.46 -33.84
C GLY D 351 5.01 27.03 -34.45
N ASN D 352 6.09 27.02 -33.67
CA ASN D 352 7.39 27.54 -34.11
C ASN D 352 8.31 26.50 -34.79
N ASN D 353 8.95 26.93 -35.88
CA ASN D 353 9.85 26.06 -36.63
C ASN D 353 9.11 24.84 -37.13
N ALA D 354 7.80 24.83 -36.89
CA ALA D 354 6.91 23.73 -37.27
C ALA D 354 7.18 23.26 -38.71
N GLU D 355 7.65 24.22 -39.49
CA GLU D 355 7.97 24.04 -40.89
C GLU D 355 9.09 23.02 -41.17
N LEU D 356 10.19 23.25 -40.49
CA LEU D 356 11.41 22.47 -40.62
C LEU D 356 11.41 21.21 -39.79
N GLY D 357 10.65 21.23 -38.70
CA GLY D 357 10.56 20.08 -37.83
C GLY D 357 9.95 18.95 -38.62
N ALA D 358 8.95 19.28 -39.44
CA ALA D 358 8.28 18.31 -40.29
C ALA D 358 9.29 17.68 -41.26
N LYS D 359 10.11 18.52 -41.88
CA LYS D 359 11.13 18.05 -42.81
C LYS D 359 12.02 17.05 -42.06
N LYS D 360 12.61 17.48 -40.95
CA LYS D 360 13.50 16.64 -40.15
C LYS D 360 12.93 15.24 -39.91
N LEU D 361 11.62 15.09 -40.06
CA LEU D 361 10.96 13.81 -39.87
C LEU D 361 10.84 13.07 -41.20
N ALA D 362 10.64 13.80 -42.29
CA ALA D 362 10.53 13.15 -43.60
C ALA D 362 11.91 12.66 -44.08
N ASP D 363 12.96 13.35 -43.62
CA ASP D 363 14.35 13.02 -43.96
C ASP D 363 14.84 11.83 -43.16
N SER D 364 14.49 11.82 -41.86
CA SER D 364 14.85 10.76 -40.89
C SER D 364 14.88 9.31 -41.42
N GLY D 365 14.02 8.98 -42.37
CA GLY D 365 14.07 7.64 -42.91
C GLY D 365 13.57 6.54 -42.00
N LEU D 366 12.60 6.88 -41.15
CA LEU D 366 11.98 5.86 -40.30
C LEU D 366 10.54 5.83 -40.78
N ASN D 367 9.69 5.10 -40.07
CA ASN D 367 8.32 5.12 -40.50
C ASN D 367 7.61 6.28 -39.78
N ILE D 368 7.73 7.48 -40.33
CA ILE D 368 7.13 8.65 -39.74
C ILE D 368 6.52 9.52 -40.81
N ILE D 369 5.27 9.90 -40.61
CA ILE D 369 4.58 10.72 -41.59
C ILE D 369 4.22 12.11 -41.06
N ALA D 370 4.76 13.16 -41.71
CA ALA D 370 4.45 14.53 -41.32
C ALA D 370 3.14 14.85 -42.01
N ALA D 371 2.07 15.02 -41.24
CA ALA D 371 0.78 15.30 -41.83
C ALA D 371 0.62 16.79 -42.04
N LYS D 372 -0.24 17.14 -43.00
CA LYS D 372 -0.52 18.54 -43.30
C LYS D 372 -1.82 18.85 -42.57
N GLY D 373 -1.72 19.41 -41.35
CA GLY D 373 -2.90 19.77 -40.57
C GLY D 373 -3.74 18.64 -39.95
N LEU D 374 -4.82 19.04 -39.30
CA LEU D 374 -5.65 18.09 -38.62
C LEU D 374 -6.35 17.00 -39.43
N THR D 375 -7.28 17.38 -40.31
CA THR D 375 -8.07 16.40 -41.08
C THR D 375 -7.24 15.45 -41.92
N ASP D 376 -5.98 15.80 -42.14
CA ASP D 376 -5.09 14.94 -42.90
C ASP D 376 -4.57 13.86 -41.96
N ALA D 377 -3.80 14.28 -40.95
CA ALA D 377 -3.22 13.39 -39.96
C ALA D 377 -4.22 12.32 -39.58
N ALA D 378 -5.48 12.72 -39.52
CA ALA D 378 -6.53 11.79 -39.18
C ALA D 378 -6.54 10.62 -40.16
N GLN D 379 -6.91 10.92 -41.41
CA GLN D 379 -7.00 9.92 -42.49
C GLN D 379 -5.75 9.12 -42.71
N GLN D 380 -4.59 9.75 -42.52
CA GLN D 380 -3.31 9.08 -42.71
C GLN D 380 -3.08 7.89 -41.76
N VAL D 381 -3.43 8.04 -40.48
CA VAL D 381 -3.27 6.94 -39.53
C VAL D 381 -4.39 5.96 -39.76
N VAL D 382 -5.60 6.48 -39.98
CA VAL D 382 -6.75 5.62 -40.21
C VAL D 382 -6.42 4.73 -41.39
N ALA D 383 -5.69 5.31 -42.35
CA ALA D 383 -5.29 4.60 -43.55
C ALA D 383 -4.29 3.45 -43.29
N ALA D 384 -3.22 3.76 -42.57
CA ALA D 384 -2.18 2.78 -42.27
C ALA D 384 -2.64 1.59 -41.43
N VAL D 385 -3.92 1.23 -41.53
CA VAL D 385 -4.49 0.10 -40.78
C VAL D 385 -5.61 -0.65 -41.56
#